data_2ZGD
# 
_entry.id   2ZGD 
# 
_audit_conform.dict_name       mmcif_pdbx.dic 
_audit_conform.dict_version    5.380 
_audit_conform.dict_location   http://mmcif.pdb.org/dictionaries/ascii/mmcif_pdbx.dic 
# 
loop_
_database_2.database_id 
_database_2.database_code 
_database_2.pdbx_database_accession 
_database_2.pdbx_DOI 
PDB   2ZGD         pdb_00002zgd 10.2210/pdb2zgd/pdb 
RCSB  RCSB027937   ?            ?                   
WWPDB D_1000027937 ?            ?                   
# 
_pdbx_database_related.db_name        PDB 
_pdbx_database_related.db_id          2ZGG 
_pdbx_database_related.details        'the same protein, unhydroxylated ASN 84' 
_pdbx_database_related.content_type   unspecified 
# 
_pdbx_database_status.entry_id                        2ZGD 
_pdbx_database_status.deposit_site                    PDBJ 
_pdbx_database_status.process_site                    PDBJ 
_pdbx_database_status.recvd_initial_deposition_date   2008-01-21 
_pdbx_database_status.status_code                     REL 
_pdbx_database_status.status_code_sf                  REL 
_pdbx_database_status.status_code_mr                  ? 
_pdbx_database_status.SG_entry                        ? 
_pdbx_database_status.pdb_format_compatible           Y 
_pdbx_database_status.status_code_cs                  ? 
_pdbx_database_status.methods_development_category    ? 
_pdbx_database_status.status_code_nmr_data            ? 
# 
loop_
_audit_author.name 
_audit_author.pdbx_ordinal 
'McDonough, M.A.' 1 
'Schofield, C.J.' 2 
# 
loop_
_citation.id 
_citation.title 
_citation.journal_abbrev 
_citation.journal_volume 
_citation.page_first 
_citation.page_last 
_citation.year 
_citation.journal_id_ASTM 
_citation.country 
_citation.journal_id_ISSN 
_citation.journal_id_CSD 
_citation.book_publisher 
_citation.pdbx_database_id_PubMed 
_citation.pdbx_database_id_DOI 
primary 'Asparagine beta-hydroxylation stabilizes the ankyrin repeat domain fold' 'Mol Biosyst'          5   52    58    2009 ? UK 
1742-206X ?    ? 19081931 10.1039/b815271c        
1       'Asparaginyl hydroxylation of the Notch ankyrin repeat domain by factor inhibiting hypoxia-inducible factor' J.Biol.Chem. 
282 24027 24038 2007 JBCHA3 US 0021-9258 0071 ? 17573339 10.1074/jbc.M704102200  
2       
;Posttranslational hydroxylation of ankyrin repeats in IkappaB proteins by the hypoxia-inducible factor (HIF) asparaginyl hydroxylase, factor inhibiting HIF (FIH)
;
Proc.Natl.Acad.Sci.Usa 103 14767 14772 2006 PNASA6 US 0027-8424 0040 ? 17003112 10.1073/pnas.0606877103 
# 
loop_
_citation_author.citation_id 
_citation_author.name 
_citation_author.ordinal 
_citation_author.identifier_ORCID 
primary 'Kelly, L.'       1  ? 
primary 'McDonough, M.A.' 2  ? 
primary 'Coleman, M.L.'   3  ? 
primary 'Ratcliffe, P.J.' 4  ? 
primary 'Schofield, C.J.' 5  ? 
1       'Coleman, M.L.'   6  ? 
1       'McDonough, M.A.' 7  ? 
1       'Hewitson, K.S.'  8  ? 
1       'Coles, C.'       9  ? 
1       'Mecinovic, J.'   10 ? 
1       'Edelmann, M.'    11 ? 
1       'Cook, K.M.'      12 ? 
1       'Cockman, M.E.'   13 ? 
1       'Lancaster, D.E.' 14 ? 
1       'Kessler, B.M.'   15 ? 
1       'Oldham, N.J.'    16 ? 
1       'Ratcliffe, P.J.' 17 ? 
1       'Schofield, C.J.' 18 ? 
2       'Cockman, M.E.'   19 ? 
2       'Lancaster, D.E.' 20 ? 
2       'Stolze, I.P.'    21 ? 
2       'Hewitson, K.S.'  22 ? 
2       'McDonough, M.A.' 23 ? 
2       'Coleman, M.L.'   24 ? 
2       'Coles, C.H.'     25 ? 
2       'Yu, X.'          26 ? 
2       'Hay, R.T.'       27 ? 
2       'Ley, S.C.'       28 ? 
2       'Pugh, C.W.'      29 ? 
2       'Oldham, N.J.'    30 ? 
2       'Masson, N.'      31 ? 
2       'Schofield, C.J.' 32 ? 
2       'Ratcliffe, P.J.' 33 ? 
# 
_cell.entry_id           2ZGD 
_cell.length_a           48.887 
_cell.length_b           48.887 
_cell.length_c           67.088 
_cell.angle_alpha        90.00 
_cell.angle_beta         90.00 
_cell.angle_gamma        120.00 
_cell.Z_PDB              6 
_cell.pdbx_unique_axis   ? 
_cell.length_a_esd       ? 
_cell.length_b_esd       ? 
_cell.length_c_esd       ? 
_cell.angle_alpha_esd    ? 
_cell.angle_beta_esd     ? 
_cell.angle_gamma_esd    ? 
# 
_symmetry.entry_id                         2ZGD 
_symmetry.space_group_name_H-M             'P 31 2 1' 
_symmetry.pdbx_full_space_group_name_H-M   ? 
_symmetry.cell_setting                     ? 
_symmetry.Int_Tables_number                152 
_symmetry.space_group_name_Hall            ? 
# 
loop_
_entity.id 
_entity.type 
_entity.src_method 
_entity.pdbx_description 
_entity.formula_weight 
_entity.pdbx_number_of_molecules 
_entity.pdbx_ec 
_entity.pdbx_mutation 
_entity.pdbx_fragment 
_entity.details 
1 polymer     syn '3 repeat synthetic ankyrin' 11652.906 1  ? ? ? ? 
2 non-polymer syn 'CADMIUM ION'                112.411   5  ? ? ? ? 
3 non-polymer syn 'CHLORIDE ION'               35.453    2  ? ? ? ? 
4 water       nat water                        18.015    77 ? ? ? ? 
# 
_entity_poly.entity_id                      1 
_entity_poly.type                           'polypeptide(L)' 
_entity_poly.nstd_linkage                   no 
_entity_poly.nstd_monomer                   yes 
_entity_poly.pdbx_seq_one_letter_code       
;GSSHHHHHHSSGLVPRGSHMGSDLGKKLLEAARAGQDDEVRILMANGADVAAKDKNGSTPLHLAARNGHLEVVKLLLEAG
ADV(AHB)AQDKFGKTAFDISIDNGNEDLAEILQ
;
_entity_poly.pdbx_seq_one_letter_code_can   
;GSSHHHHHHSSGLVPRGSHMGSDLGKKLLEAARAGQDDEVRILMANGADVAAKDKNGSTPLHLAARNGHLEVVKLLLEAG
ADVNAQDKFGKTAFDISIDNGNEDLAEILQ
;
_entity_poly.pdbx_strand_id                 A 
_entity_poly.pdbx_target_identifier         ? 
# 
loop_
_entity_poly_seq.entity_id 
_entity_poly_seq.num 
_entity_poly_seq.mon_id 
_entity_poly_seq.hetero 
1 1   GLY n 
1 2   SER n 
1 3   SER n 
1 4   HIS n 
1 5   HIS n 
1 6   HIS n 
1 7   HIS n 
1 8   HIS n 
1 9   HIS n 
1 10  SER n 
1 11  SER n 
1 12  GLY n 
1 13  LEU n 
1 14  VAL n 
1 15  PRO n 
1 16  ARG n 
1 17  GLY n 
1 18  SER n 
1 19  HIS n 
1 20  MET n 
1 21  GLY n 
1 22  SER n 
1 23  ASP n 
1 24  LEU n 
1 25  GLY n 
1 26  LYS n 
1 27  LYS n 
1 28  LEU n 
1 29  LEU n 
1 30  GLU n 
1 31  ALA n 
1 32  ALA n 
1 33  ARG n 
1 34  ALA n 
1 35  GLY n 
1 36  GLN n 
1 37  ASP n 
1 38  ASP n 
1 39  GLU n 
1 40  VAL n 
1 41  ARG n 
1 42  ILE n 
1 43  LEU n 
1 44  MET n 
1 45  ALA n 
1 46  ASN n 
1 47  GLY n 
1 48  ALA n 
1 49  ASP n 
1 50  VAL n 
1 51  ALA n 
1 52  ALA n 
1 53  LYS n 
1 54  ASP n 
1 55  LYS n 
1 56  ASN n 
1 57  GLY n 
1 58  SER n 
1 59  THR n 
1 60  PRO n 
1 61  LEU n 
1 62  HIS n 
1 63  LEU n 
1 64  ALA n 
1 65  ALA n 
1 66  ARG n 
1 67  ASN n 
1 68  GLY n 
1 69  HIS n 
1 70  LEU n 
1 71  GLU n 
1 72  VAL n 
1 73  VAL n 
1 74  LYS n 
1 75  LEU n 
1 76  LEU n 
1 77  LEU n 
1 78  GLU n 
1 79  ALA n 
1 80  GLY n 
1 81  ALA n 
1 82  ASP n 
1 83  VAL n 
1 84  AHB n 
1 85  ALA n 
1 86  GLN n 
1 87  ASP n 
1 88  LYS n 
1 89  PHE n 
1 90  GLY n 
1 91  LYS n 
1 92  THR n 
1 93  ALA n 
1 94  PHE n 
1 95  ASP n 
1 96  ILE n 
1 97  SER n 
1 98  ILE n 
1 99  ASP n 
1 100 ASN n 
1 101 GLY n 
1 102 ASN n 
1 103 GLU n 
1 104 ASP n 
1 105 LEU n 
1 106 ALA n 
1 107 GLU n 
1 108 ILE n 
1 109 LEU n 
1 110 GLN n 
# 
_pdbx_entity_src_syn.entity_id              1 
_pdbx_entity_src_syn.pdbx_src_id            1 
_pdbx_entity_src_syn.pdbx_alt_source_flag   sample 
_pdbx_entity_src_syn.pdbx_beg_seq_num       ? 
_pdbx_entity_src_syn.pdbx_end_seq_num       ? 
_pdbx_entity_src_syn.organism_scientific    ? 
_pdbx_entity_src_syn.organism_common_name   ? 
_pdbx_entity_src_syn.ncbi_taxonomy_id       ? 
_pdbx_entity_src_syn.details                'synthetically designed construct' 
# 
_struct_ref.id                         1 
_struct_ref.db_name                    PDB 
_struct_ref.db_code                    2ZGD 
_struct_ref.pdbx_db_accession          2ZGD 
_struct_ref.entity_id                  1 
_struct_ref.pdbx_seq_one_letter_code   
;GSSHHHHHHSSGLVPRGSHMGSDLGKKLLEAARAGQDDEVRILMANGADVAAKDKNGSTPLHLAARNGHLEVVKLLLEAG
ADVNAQDKFGKTAFDISIDNGNEDLAEILQ
;
_struct_ref.pdbx_align_begin           1 
_struct_ref.pdbx_db_isoform            ? 
# 
_struct_ref_seq.align_id                      1 
_struct_ref_seq.ref_id                        1 
_struct_ref_seq.pdbx_PDB_id_code              2ZGD 
_struct_ref_seq.pdbx_strand_id                A 
_struct_ref_seq.seq_align_beg                 1 
_struct_ref_seq.pdbx_seq_align_beg_ins_code   ? 
_struct_ref_seq.seq_align_end                 110 
_struct_ref_seq.pdbx_seq_align_end_ins_code   ? 
_struct_ref_seq.pdbx_db_accession             2ZGD 
_struct_ref_seq.db_align_beg                  1 
_struct_ref_seq.pdbx_db_align_beg_ins_code    ? 
_struct_ref_seq.db_align_end                  110 
_struct_ref_seq.pdbx_db_align_end_ins_code    ? 
_struct_ref_seq.pdbx_auth_seq_align_beg       1 
_struct_ref_seq.pdbx_auth_seq_align_end       110 
# 
loop_
_chem_comp.id 
_chem_comp.type 
_chem_comp.mon_nstd_flag 
_chem_comp.name 
_chem_comp.pdbx_synonyms 
_chem_comp.formula 
_chem_comp.formula_weight 
AHB 'L-peptide linking' n BETA-HYDROXYASPARAGINE ? 'C4 H8 N2 O4'    148.117 
ALA 'L-peptide linking' y ALANINE                ? 'C3 H7 N O2'     89.093  
ARG 'L-peptide linking' y ARGININE               ? 'C6 H15 N4 O2 1' 175.209 
ASN 'L-peptide linking' y ASPARAGINE             ? 'C4 H8 N2 O3'    132.118 
ASP 'L-peptide linking' y 'ASPARTIC ACID'        ? 'C4 H7 N O4'     133.103 
CD  non-polymer         . 'CADMIUM ION'          ? 'Cd 2'           112.411 
CL  non-polymer         . 'CHLORIDE ION'         ? 'Cl -1'          35.453  
GLN 'L-peptide linking' y GLUTAMINE              ? 'C5 H10 N2 O3'   146.144 
GLU 'L-peptide linking' y 'GLUTAMIC ACID'        ? 'C5 H9 N O4'     147.129 
GLY 'peptide linking'   y GLYCINE                ? 'C2 H5 N O2'     75.067  
HIS 'L-peptide linking' y HISTIDINE              ? 'C6 H10 N3 O2 1' 156.162 
HOH non-polymer         . WATER                  ? 'H2 O'           18.015  
ILE 'L-peptide linking' y ISOLEUCINE             ? 'C6 H13 N O2'    131.173 
LEU 'L-peptide linking' y LEUCINE                ? 'C6 H13 N O2'    131.173 
LYS 'L-peptide linking' y LYSINE                 ? 'C6 H15 N2 O2 1' 147.195 
MET 'L-peptide linking' y METHIONINE             ? 'C5 H11 N O2 S'  149.211 
PHE 'L-peptide linking' y PHENYLALANINE          ? 'C9 H11 N O2'    165.189 
PRO 'L-peptide linking' y PROLINE                ? 'C5 H9 N O2'     115.130 
SER 'L-peptide linking' y SERINE                 ? 'C3 H7 N O3'     105.093 
THR 'L-peptide linking' y THREONINE              ? 'C4 H9 N O3'     119.119 
VAL 'L-peptide linking' y VALINE                 ? 'C5 H11 N O2'    117.146 
# 
_exptl.crystals_number   1 
_exptl.entry_id          2ZGD 
_exptl.method            'X-RAY DIFFRACTION' 
# 
_exptl_crystal.id                    1 
_exptl_crystal.density_Matthews      1.99 
_exptl_crystal.density_meas          ? 
_exptl_crystal.density_percent_sol   38.07 
_exptl_crystal.description           ? 
_exptl_crystal.F_000                 ? 
_exptl_crystal.preparation           ? 
# 
_exptl_crystal_grow.crystal_id      1 
_exptl_crystal_grow.method          'VAPOR DIFFUSION, SITTING DROP' 
_exptl_crystal_grow.pH              4.6 
_exptl_crystal_grow.temp            293 
_exptl_crystal_grow.pdbx_details    
'30% PEG 400, 100mM Na Acetate pH 4.6, 100mM CdCl2, vapor diffusion, sitting drop, temperature 293K' 
_exptl_crystal_grow.temp_details    ? 
_exptl_crystal_grow.pdbx_pH_range   . 
# 
_diffrn.id                     1 
_diffrn.ambient_temp           100 
_diffrn.ambient_temp_details   ? 
_diffrn.crystal_id             1 
# 
_diffrn_detector.diffrn_id              1 
_diffrn_detector.detector               CCD 
_diffrn_detector.type                   'ADSC QUANTUM 4' 
_diffrn_detector.pdbx_collection_date   2005-10-29 
_diffrn_detector.details                ? 
# 
_diffrn_radiation.diffrn_id                        1 
_diffrn_radiation.pdbx_diffrn_protocol             'SINGLE WAVELENGTH' 
_diffrn_radiation.monochromator                    Si111 
_diffrn_radiation.wavelength_id                    1 
_diffrn_radiation.pdbx_monochromatic_or_laue_m_l   M 
_diffrn_radiation.pdbx_scattering_type             x-ray 
# 
_diffrn_radiation_wavelength.id           1 
_diffrn_radiation_wavelength.wavelength   0.979 
_diffrn_radiation_wavelength.wt           1.0 
# 
_diffrn_source.diffrn_id                   1 
_diffrn_source.source                      SYNCHROTRON 
_diffrn_source.type                        'SRS BEAMLINE PX14.2' 
_diffrn_source.pdbx_wavelength_list        0.979 
_diffrn_source.pdbx_wavelength             ? 
_diffrn_source.pdbx_synchrotron_site       SRS 
_diffrn_source.pdbx_synchrotron_beamline   PX14.2 
# 
_reflns.entry_id                     2ZGD 
_reflns.d_resolution_high            1.900 
_reflns.d_resolution_low             50.000 
_reflns.number_obs                   7197 
_reflns.pdbx_Rmerge_I_obs            0.134 
_reflns.pdbx_netI_over_sigmaI        7.400 
_reflns.pdbx_chi_squared             1.007 
_reflns.pdbx_redundancy              4.900 
_reflns.percent_possible_obs         93.300 
_reflns.number_all                   7197 
_reflns.observed_criterion_sigma_F   ? 
_reflns.observed_criterion_sigma_I   ? 
_reflns.pdbx_Rsym_value              ? 
_reflns.B_iso_Wilson_estimate        ? 
_reflns.R_free_details               ? 
_reflns.limit_h_max                  ? 
_reflns.limit_h_min                  ? 
_reflns.limit_k_max                  ? 
_reflns.limit_k_min                  ? 
_reflns.limit_l_max                  ? 
_reflns.limit_l_min                  ? 
_reflns.observed_criterion_F_max     ? 
_reflns.observed_criterion_F_min     ? 
_reflns.pdbx_scaling_rejects         ? 
_reflns.pdbx_diffrn_id               1 
_reflns.pdbx_ordinal                 1 
# 
loop_
_reflns_shell.d_res_high 
_reflns_shell.d_res_low 
_reflns_shell.number_measured_obs 
_reflns_shell.number_measured_all 
_reflns_shell.number_unique_obs 
_reflns_shell.Rmerge_I_obs 
_reflns_shell.meanI_over_sigI_obs 
_reflns_shell.pdbx_Rsym_value 
_reflns_shell.pdbx_chi_squared 
_reflns_shell.pdbx_redundancy 
_reflns_shell.percent_possible_obs 
_reflns_shell.number_unique_all 
_reflns_shell.percent_possible_all 
_reflns_shell.pdbx_diffrn_id 
_reflns_shell.pdbx_ordinal 
1.90 1.97  ? ? ? 0.392 3.75 ? 1.084 4.80 ? 727 95.80 ? 1  
1.97 2.05  ? ? ? 0.308 ?    ? 1.098 4.90 ? 712 95.70 ? 2  
2.05 2.14  ? ? ? 0.238 ?    ? 0.969 4.90 ? 722 95.40 ? 3  
2.14 2.25  ? ? ? 0.203 ?    ? 1.020 4.90 ? 715 94.80 ? 4  
2.25 2.39  ? ? ? 0.170 ?    ? 0.957 5.00 ? 714 94.80 ? 5  
2.39 2.58  ? ? ? 0.148 ?    ? 0.989 5.00 ? 731 93.80 ? 6  
2.58 2.84  ? ? ? 0.122 ?    ? 0.983 4.90 ? 714 93.60 ? 7  
2.84 3.25  ? ? ? 0.108 ?    ? 0.960 5.00 ? 717 92.60 ? 8  
3.25 4.09  ? ? ? 0.091 ?    ? 0.965 5.00 ? 710 90.90 ? 9  
4.09 50.00 ? ? ? 0.112 ?    ? 1.046 4.80 ? 735 86.20 ? 10 
# 
_refine.entry_id                                 2ZGD 
_refine.ls_d_res_high                            1.900 
_refine.ls_d_res_low                             26.290 
_refine.pdbx_ls_sigma_F                          0.00 
_refine.pdbx_data_cutoff_high_absF               115538.633 
_refine.pdbx_data_cutoff_low_absF                0.000 
_refine.ls_percent_reflns_obs                    89.400 
_refine.ls_number_reflns_obs                     6875 
_refine.pdbx_ls_cross_valid_method               THROUGHOUT 
_refine.pdbx_R_Free_selection_details            RANDOM 
_refine.details                                  'BULK SOLVENT MODEL USED' 
_refine.ls_R_factor_R_work                       0.173 
_refine.ls_R_factor_R_free                       0.224 
_refine.ls_percent_reflns_R_free                 10.000 
_refine.ls_number_reflns_R_free                  689 
_refine.ls_R_factor_R_free_error                 0.009 
_refine.B_iso_mean                               19.600 
_refine.solvent_model_param_bsol                 70.502 
_refine.solvent_model_param_ksol                 0.386 
_refine.pdbx_isotropic_thermal_model             RESTRAINED 
_refine.aniso_B[1][1]                            -1.890 
_refine.aniso_B[2][2]                            -1.890 
_refine.aniso_B[3][3]                            3.790 
_refine.aniso_B[1][2]                            -1.760 
_refine.aniso_B[1][3]                            0.000 
_refine.aniso_B[2][3]                            0.000 
_refine.solvent_model_details                    'FLAT MODEL' 
_refine.pdbx_method_to_determine_struct          'MOLECULAR REPLACEMENT' 
_refine.overall_FOM_work_R_set                   0.876 
_refine.pdbx_starting_model                      'PDB ENTRY 1N0Q' 
_refine.pdbx_stereochemistry_target_values       'Engh & Huber' 
_refine.ls_R_factor_all                          ? 
_refine.ls_R_factor_obs                          ? 
_refine.ls_number_reflns_all                     ? 
_refine.pdbx_ls_sigma_I                          ? 
_refine.ls_redundancy_reflns_obs                 ? 
_refine.ls_number_parameters                     ? 
_refine.ls_number_restraints                     ? 
_refine.ls_R_factor_R_free_error_details         ? 
_refine.pdbx_stereochem_target_val_spec_case     ? 
_refine.occupancy_max                            ? 
_refine.occupancy_min                            ? 
_refine.overall_SU_B                             ? 
_refine.overall_SU_ML                            ? 
_refine.pdbx_overall_ESU_R                       ? 
_refine.pdbx_overall_ESU_R_Free                  ? 
_refine.pdbx_data_cutoff_high_rms_absF           ? 
_refine.pdbx_overall_phase_error                 ? 
_refine.B_iso_min                                ? 
_refine.B_iso_max                                ? 
_refine.correlation_coeff_Fo_to_Fc               ? 
_refine.correlation_coeff_Fo_to_Fc_free          ? 
_refine.pdbx_solvent_vdw_probe_radii             ? 
_refine.pdbx_solvent_ion_probe_radii             ? 
_refine.pdbx_solvent_shrinkage_radii             ? 
_refine.overall_SU_R_Cruickshank_DPI             ? 
_refine.overall_SU_R_free                        ? 
_refine.ls_wR_factor_R_free                      ? 
_refine.ls_wR_factor_R_work                      ? 
_refine.overall_FOM_free_R_set                   ? 
_refine.pdbx_refine_id                           'X-RAY DIFFRACTION' 
_refine.pdbx_diffrn_id                           1 
_refine.pdbx_TLS_residual_ADP_flag               ? 
_refine.pdbx_overall_SU_R_free_Cruickshank_DPI   ? 
_refine.pdbx_overall_SU_R_Blow_DPI               ? 
_refine.pdbx_overall_SU_R_free_Blow_DPI          ? 
# 
_refine_analyze.entry_id                        2ZGD 
_refine_analyze.Luzzati_coordinate_error_obs    0.170 
_refine_analyze.Luzzati_sigma_a_obs             0.130 
_refine_analyze.Luzzati_d_res_low_obs           5.000 
_refine_analyze.Luzzati_coordinate_error_free   0.230 
_refine_analyze.Luzzati_sigma_a_free            0.150 
_refine_analyze.Luzzati_d_res_low_free          ? 
_refine_analyze.number_disordered_residues      ? 
_refine_analyze.occupancy_sum_non_hydrogen      ? 
_refine_analyze.occupancy_sum_hydrogen          ? 
_refine_analyze.pdbx_Luzzati_d_res_high_obs     ? 
_refine_analyze.pdbx_refine_id                  'X-RAY DIFFRACTION' 
# 
_refine_hist.pdbx_refine_id                   'X-RAY DIFFRACTION' 
_refine_hist.cycle_id                         LAST 
_refine_hist.pdbx_number_atoms_protein        698 
_refine_hist.pdbx_number_atoms_nucleic_acid   0 
_refine_hist.pdbx_number_atoms_ligand         7 
_refine_hist.number_atoms_solvent             77 
_refine_hist.number_atoms_total               782 
_refine_hist.d_res_high                       1.900 
_refine_hist.d_res_low                        26.290 
# 
loop_
_refine_ls_restr.type 
_refine_ls_restr.number 
_refine_ls_restr.dev_ideal 
_refine_ls_restr.dev_ideal_target 
_refine_ls_restr.weight 
_refine_ls_restr.pdbx_refine_id 
_refine_ls_restr.pdbx_restraint_function 
c_bond_d           ? 0.010  ? ? 'X-RAY DIFFRACTION' ? 
c_angle_deg        ? 1.300  ? ? 'X-RAY DIFFRACTION' ? 
c_dihedral_angle_d ? 20.100 ? ? 'X-RAY DIFFRACTION' ? 
c_improper_angle_d ? 1.000  ? ? 'X-RAY DIFFRACTION' ? 
c_mcbond_it        ? ?      ? ? 'X-RAY DIFFRACTION' ? 
c_mcangle_it       ? ?      ? ? 'X-RAY DIFFRACTION' ? 
c_scbond_it        ? ?      ? ? 'X-RAY DIFFRACTION' ? 
c_scangle_it       ? ?      ? ? 'X-RAY DIFFRACTION' ? 
# 
_refine_ls_shell.d_res_high                       1.900 
_refine_ls_shell.d_res_low                        2.020 
_refine_ls_shell.pdbx_total_number_of_bins_used   6 
_refine_ls_shell.percent_reflns_obs               88.000 
_refine_ls_shell.number_reflns_R_work             1013 
_refine_ls_shell.R_factor_all                     ? 
_refine_ls_shell.R_factor_R_work                  0.207 
_refine_ls_shell.R_factor_R_free                  0.247 
_refine_ls_shell.percent_reflns_R_free            8.200 
_refine_ls_shell.number_reflns_R_free             90 
_refine_ls_shell.R_factor_R_free_error            0.026 
_refine_ls_shell.number_reflns_all                1103 
_refine_ls_shell.number_reflns_obs                ? 
_refine_ls_shell.redundancy_reflns_obs            ? 
_refine_ls_shell.pdbx_refine_id                   'X-RAY DIFFRACTION' 
# 
loop_
_pdbx_xplor_file.serial_no 
_pdbx_xplor_file.param_file 
_pdbx_xplor_file.topol_file 
_pdbx_xplor_file.pdbx_refine_id 
1 protein_rep.param protein.top 'X-RAY DIFFRACTION' 
2 water_rep.param   water.top   'X-RAY DIFFRACTION' 
3 ion.param         ion.top     'X-RAY DIFFRACTION' 
# 
_struct.entry_id                  2ZGD 
_struct.title                     'Asn-hydroxylation stabilises the ankyrin repeat domain fold' 
_struct.pdbx_model_details        ? 
_struct.pdbx_CASP_flag            ? 
_struct.pdbx_model_type_details   ? 
# 
_struct_keywords.entry_id        2ZGD 
_struct_keywords.text            'ankyrin repeat, hydroxylated, DE NOVO PROTEIN' 
_struct_keywords.pdbx_keywords   'DE NOVO PROTEIN' 
# 
loop_
_struct_asym.id 
_struct_asym.pdbx_blank_PDB_chainid_flag 
_struct_asym.pdbx_modified 
_struct_asym.entity_id 
_struct_asym.details 
A N N 1 ? 
B N N 2 ? 
C N N 2 ? 
D N N 2 ? 
E N N 2 ? 
F N N 2 ? 
G N N 3 ? 
H N N 3 ? 
I N N 4 ? 
# 
_struct_biol.id        1 
_struct_biol.details   ? 
# 
loop_
_struct_conf.conf_type_id 
_struct_conf.id 
_struct_conf.pdbx_PDB_helix_id 
_struct_conf.beg_label_comp_id 
_struct_conf.beg_label_asym_id 
_struct_conf.beg_label_seq_id 
_struct_conf.pdbx_beg_PDB_ins_code 
_struct_conf.end_label_comp_id 
_struct_conf.end_label_asym_id 
_struct_conf.end_label_seq_id 
_struct_conf.pdbx_end_PDB_ins_code 
_struct_conf.beg_auth_comp_id 
_struct_conf.beg_auth_asym_id 
_struct_conf.beg_auth_seq_id 
_struct_conf.end_auth_comp_id 
_struct_conf.end_auth_asym_id 
_struct_conf.end_auth_seq_id 
_struct_conf.pdbx_PDB_helix_class 
_struct_conf.details 
_struct_conf.pdbx_PDB_helix_length 
HELX_P HELX_P1 1 ASP A 23  ? GLY A 35  ? ASP A 23  GLY A 35  1 ? 13 
HELX_P HELX_P2 2 GLN A 36  ? ASN A 46  ? GLN A 36  ASN A 46  1 ? 11 
HELX_P HELX_P3 3 THR A 59  ? ASN A 67  ? THR A 59  ASN A 67  1 ? 9  
HELX_P HELX_P4 4 HIS A 69  ? ALA A 79  ? HIS A 69  ALA A 79  1 ? 11 
HELX_P HELX_P5 5 THR A 92  ? GLY A 101 ? THR A 92  GLY A 101 1 ? 10 
HELX_P HELX_P6 6 ASN A 102 ? GLN A 110 ? ASN A 102 GLN A 110 1 ? 9  
# 
_struct_conf_type.id          HELX_P 
_struct_conf_type.criteria    ? 
_struct_conf_type.reference   ? 
# 
loop_
_struct_conn.id 
_struct_conn.conn_type_id 
_struct_conn.pdbx_leaving_atom_flag 
_struct_conn.pdbx_PDB_id 
_struct_conn.ptnr1_label_asym_id 
_struct_conn.ptnr1_label_comp_id 
_struct_conn.ptnr1_label_seq_id 
_struct_conn.ptnr1_label_atom_id 
_struct_conn.pdbx_ptnr1_label_alt_id 
_struct_conn.pdbx_ptnr1_PDB_ins_code 
_struct_conn.pdbx_ptnr1_standard_comp_id 
_struct_conn.ptnr1_symmetry 
_struct_conn.ptnr2_label_asym_id 
_struct_conn.ptnr2_label_comp_id 
_struct_conn.ptnr2_label_seq_id 
_struct_conn.ptnr2_label_atom_id 
_struct_conn.pdbx_ptnr2_label_alt_id 
_struct_conn.pdbx_ptnr2_PDB_ins_code 
_struct_conn.ptnr1_auth_asym_id 
_struct_conn.ptnr1_auth_comp_id 
_struct_conn.ptnr1_auth_seq_id 
_struct_conn.ptnr2_auth_asym_id 
_struct_conn.ptnr2_auth_comp_id 
_struct_conn.ptnr2_auth_seq_id 
_struct_conn.ptnr2_symmetry 
_struct_conn.pdbx_ptnr3_label_atom_id 
_struct_conn.pdbx_ptnr3_label_seq_id 
_struct_conn.pdbx_ptnr3_label_comp_id 
_struct_conn.pdbx_ptnr3_label_asym_id 
_struct_conn.pdbx_ptnr3_label_alt_id 
_struct_conn.pdbx_ptnr3_PDB_ins_code 
_struct_conn.details 
_struct_conn.pdbx_dist_value 
_struct_conn.pdbx_value_order 
_struct_conn.pdbx_role 
covale1  covale both ? A VAL 83  C   ? ? ? 1_555 A AHB 84 N  ? ? A VAL 83  A AHB 84   1_555 ? ? ? ? ? ? ? 1.330 ? ? 
covale2  covale both ? A AHB 84  C   ? ? ? 1_555 A ALA 85 N  ? ? A AHB 84  A ALA 85   1_555 ? ? ? ? ? ? ? 1.332 ? ? 
metalc1  metalc ?    ? A ASP 23  OD1 ? ? ? 1_555 F CD  .  CD ? ? A ASP 23  A CD  414  1_555 ? ? ? ? ? ? ? 2.502 ? ? 
metalc2  metalc ?    ? A ASP 23  OD2 ? ? ? 1_555 F CD  .  CD ? ? A ASP 23  A CD  414  1_555 ? ? ? ? ? ? ? 2.386 ? ? 
metalc3  metalc ?    ? A GLU 30  OE2 ? ? ? 1_555 B CD  .  CD ? ? A GLU 30  A CD  410  1_555 ? ? ? ? ? ? ? 2.261 ? ? 
metalc4  metalc ?    ? A GLN 36  OE1 ? ? ? 1_555 B CD  .  CD ? ? A GLN 36  A CD  410  1_555 ? ? ? ? ? ? ? 2.128 ? ? 
metalc5  metalc ?    ? A ASP 38  OD2 ? ? ? 1_555 E CD  .  CD ? ? A ASP 38  A CD  413  1_555 ? ? ? ? ? ? ? 2.287 ? ? 
metalc6  metalc ?    ? A GLU 39  OE1 ? ? ? 1_555 B CD  .  CD ? ? A GLU 39  A CD  410  1_555 ? ? ? ? ? ? ? 2.214 ? ? 
metalc7  metalc ?    ? A GLU 39  OE2 ? ? ? 1_555 B CD  .  CD ? ? A GLU 39  A CD  410  1_555 ? ? ? ? ? ? ? 2.518 ? ? 
metalc8  metalc ?    ? A GLU 107 OE1 ? ? ? 1_555 C CD  .  CD ? ? A GLU 107 A CD  411  1_555 ? ? ? ? ? ? ? 2.359 ? ? 
metalc9  metalc ?    ? A GLU 107 OE2 ? ? ? 1_555 C CD  .  CD ? ? A GLU 107 A CD  411  1_555 ? ? ? ? ? ? ? 2.490 ? ? 
metalc10 metalc ?    ? C CD  .   CD  ? ? ? 1_555 I HOH .  O  ? ? A CD  411 A HOH 1018 1_555 ? ? ? ? ? ? ? 2.492 ? ? 
metalc11 metalc ?    ? C CD  .   CD  ? ? ? 1_555 I HOH .  O  ? ? A CD  411 A HOH 1019 1_555 ? ? ? ? ? ? ? 2.286 ? ? 
metalc12 metalc ?    ? D CD  .   CD  ? ? ? 1_555 I HOH .  O  ? ? A CD  412 A HOH 1020 1_555 ? ? ? ? ? ? ? 2.504 ? ? 
metalc13 metalc ?    ? E CD  .   CD  ? ? ? 1_555 I HOH .  O  ? ? A CD  413 A HOH 1046 1_555 ? ? ? ? ? ? ? 2.126 ? ? 
# 
loop_
_struct_conn_type.id 
_struct_conn_type.criteria 
_struct_conn_type.reference 
covale ? ? 
metalc ? ? 
# 
loop_
_struct_site.id 
_struct_site.pdbx_evidence_code 
_struct_site.pdbx_auth_asym_id 
_struct_site.pdbx_auth_comp_id 
_struct_site.pdbx_auth_seq_id 
_struct_site.pdbx_auth_ins_code 
_struct_site.pdbx_num_residues 
_struct_site.details 
AC1 Software A CD 410 ? 4  'BINDING SITE FOR RESIDUE CD A 410' 
AC2 Software A CD 411 ? 5  'BINDING SITE FOR RESIDUE CD A 411' 
AC3 Software A CD 412 ? 10 'BINDING SITE FOR RESIDUE CD A 412' 
AC4 Software A CD 413 ? 5  'BINDING SITE FOR RESIDUE CD A 413' 
AC5 Software A CD 414 ? 3  'BINDING SITE FOR RESIDUE CD A 414' 
AC6 Software A CL 415 ? 7  'BINDING SITE FOR RESIDUE CL A 415' 
AC7 Software A CL 416 ? 5  'BINDING SITE FOR RESIDUE CL A 416' 
# 
loop_
_struct_site_gen.id 
_struct_site_gen.site_id 
_struct_site_gen.pdbx_num_res 
_struct_site_gen.label_comp_id 
_struct_site_gen.label_asym_id 
_struct_site_gen.label_seq_id 
_struct_site_gen.pdbx_auth_ins_code 
_struct_site_gen.auth_comp_id 
_struct_site_gen.auth_asym_id 
_struct_site_gen.auth_seq_id 
_struct_site_gen.label_atom_id 
_struct_site_gen.label_alt_id 
_struct_site_gen.symmetry 
_struct_site_gen.details 
1  AC1 4  GLU A 30  ? GLU A 30   . ? 1_555 ? 
2  AC1 4  GLN A 36  ? GLN A 36   . ? 1_555 ? 
3  AC1 4  GLU A 39  ? GLU A 39   . ? 1_555 ? 
4  AC1 4  ASP A 95  ? ASP A 95   . ? 4_565 ? 
5  AC2 5  HIS A 7   ? HIS A 7    . ? 6_555 ? 
6  AC2 5  HIS A 9   ? HIS A 9    . ? 6_555 ? 
7  AC2 5  GLU A 107 ? GLU A 107  . ? 1_555 ? 
8  AC2 5  HOH I .   ? HOH A 1018 . ? 1_555 ? 
9  AC2 5  HOH I .   ? HOH A 1019 . ? 1_555 ? 
10 AC3 10 CL  G .   ? CL  A 415  . ? 1_555 ? 
11 AC3 10 CL  G .   ? CL  A 415  . ? 6_555 ? 
12 AC3 10 HOH I .   ? HOH A 1020 . ? 1_555 ? 
13 AC3 10 HOH I .   ? HOH A 1020 . ? 6_555 ? 
14 AC3 10 HOH I .   ? HOH A 1050 . ? 1_555 ? 
15 AC3 10 HOH I .   ? HOH A 1050 . ? 6_555 ? 
16 AC3 10 HOH I .   ? HOH A 1065 . ? 1_555 ? 
17 AC3 10 HOH I .   ? HOH A 1065 . ? 6_555 ? 
18 AC3 10 HOH I .   ? HOH A 1066 . ? 6_555 ? 
19 AC3 10 HOH I .   ? HOH A 1066 . ? 1_555 ? 
20 AC4 5  ASP A 37  ? ASP A 37   . ? 1_555 ? 
21 AC4 5  ASP A 38  ? ASP A 38   . ? 1_555 ? 
22 AC4 5  ASP A 38  ? ASP A 38   . ? 6_555 ? 
23 AC4 5  CL  H .   ? CL  A 416  . ? 1_555 ? 
24 AC4 5  HOH I .   ? HOH A 1046 . ? 1_555 ? 
25 AC5 3  ASP A 23  ? ASP A 23   . ? 1_555 ? 
26 AC5 3  HOH I .   ? HOH A 1039 . ? 1_555 ? 
27 AC5 3  HOH I .   ? HOH A 1045 . ? 1_555 ? 
28 AC6 7  HIS A 69  ? HIS A 69   . ? 1_555 ? 
29 AC6 7  GLU A 71  ? GLU A 71   . ? 1_555 ? 
30 AC6 7  VAL A 72  ? VAL A 72   . ? 1_555 ? 
31 AC6 7  CD  D .   ? CD  A 412  . ? 6_555 ? 
32 AC6 7  CD  D .   ? CD  A 412  . ? 1_555 ? 
33 AC6 7  HOH I .   ? HOH A 1065 . ? 6_555 ? 
34 AC6 7  HOH I .   ? HOH A 1066 . ? 1_555 ? 
35 AC7 5  GLN A 36  ? GLN A 36   . ? 6_555 ? 
36 AC7 5  ASP A 38  ? ASP A 38   . ? 6_555 ? 
37 AC7 5  GLU A 39  ? GLU A 39   . ? 6_555 ? 
38 AC7 5  CD  E .   ? CD  A 413  . ? 1_555 ? 
39 AC7 5  HOH I .   ? HOH A 1046 . ? 1_555 ? 
# 
_atom_sites.entry_id                    2ZGD 
_atom_sites.fract_transf_matrix[1][1]   -0.01029778 
_atom_sites.fract_transf_matrix[1][2]   0.01971423 
_atom_sites.fract_transf_matrix[1][3]   -0.00794909 
_atom_sites.fract_transf_matrix[2][1]   0.01097819 
_atom_sites.fract_transf_matrix[2][2]   0.01341490 
_atom_sites.fract_transf_matrix[2][3]   -0.01604445 
_atom_sites.fract_transf_matrix[3][1]   -0.00646865 
_atom_sites.fract_transf_matrix[3][2]   -0.00778975 
_atom_sites.fract_transf_matrix[3][3]   -0.01093916 
_atom_sites.fract_transf_vector[1]      -0.097135 
_atom_sites.fract_transf_vector[2]      0.445600 
_atom_sites.fract_transf_vector[3]      0.001790 
# 
loop_
_atom_type.symbol 
C  
CD 
CL 
N  
O  
S  
# 
loop_
_atom_site.group_PDB 
_atom_site.id 
_atom_site.type_symbol 
_atom_site.label_atom_id 
_atom_site.label_alt_id 
_atom_site.label_comp_id 
_atom_site.label_asym_id 
_atom_site.label_entity_id 
_atom_site.label_seq_id 
_atom_site.pdbx_PDB_ins_code 
_atom_site.Cartn_x 
_atom_site.Cartn_y 
_atom_site.Cartn_z 
_atom_site.occupancy 
_atom_site.B_iso_or_equiv 
_atom_site.pdbx_formal_charge 
_atom_site.auth_seq_id 
_atom_site.auth_comp_id 
_atom_site.auth_asym_id 
_atom_site.auth_atom_id 
_atom_site.pdbx_PDB_model_num 
ATOM   1   N  N   . HIS A 1 5   ? -16.371 1.027   9.053   1.00 40.53 ? 5    HIS A N   1 
ATOM   2   C  CA  . HIS A 1 5   ? -16.507 2.507   9.180   1.00 41.01 ? 5    HIS A CA  1 
ATOM   3   C  C   . HIS A 1 5   ? -16.370 3.201   7.829   1.00 40.99 ? 5    HIS A C   1 
ATOM   4   O  O   . HIS A 1 5   ? -16.427 2.558   6.777   1.00 42.76 ? 5    HIS A O   1 
ATOM   5   N  N   . HIS A 1 6   ? -16.195 4.520   7.866   1.00 39.91 ? 6    HIS A N   1 
ATOM   6   C  CA  . HIS A 1 6   ? -16.048 5.319   6.655   1.00 38.17 ? 6    HIS A CA  1 
ATOM   7   C  C   . HIS A 1 6   ? -14.899 4.779   5.817   1.00 36.80 ? 6    HIS A C   1 
ATOM   8   O  O   . HIS A 1 6   ? -13.981 4.145   6.347   1.00 38.22 ? 6    HIS A O   1 
ATOM   9   C  CB  . HIS A 1 6   ? -15.770 6.779   7.013   1.00 38.53 ? 6    HIS A CB  1 
ATOM   10  N  N   . HIS A 1 7   ? -14.956 5.040   4.512   1.00 34.95 ? 7    HIS A N   1 
ATOM   11  C  CA  . HIS A 1 7   ? -13.932 4.587   3.569   1.00 30.44 ? 7    HIS A CA  1 
ATOM   12  C  C   . HIS A 1 7   ? -12.622 5.337   3.747   1.00 30.64 ? 7    HIS A C   1 
ATOM   13  O  O   . HIS A 1 7   ? -12.601 6.484   4.191   1.00 30.96 ? 7    HIS A O   1 
ATOM   14  C  CB  . HIS A 1 7   ? -14.434 4.756   2.125   1.00 29.23 ? 7    HIS A CB  1 
ATOM   15  C  CG  . HIS A 1 7   ? -15.597 3.875   1.791   1.00 26.97 ? 7    HIS A CG  1 
ATOM   16  N  ND1 . HIS A 1 7   ? -16.068 3.716   0.507   1.00 25.99 ? 7    HIS A ND1 1 
ATOM   17  C  CD2 . HIS A 1 7   ? -16.365 3.085   2.575   1.00 27.46 ? 7    HIS A CD2 1 
ATOM   18  C  CE1 . HIS A 1 7   ? -17.072 2.859   0.512   1.00 25.14 ? 7    HIS A CE1 1 
ATOM   19  N  NE2 . HIS A 1 7   ? -17.271 2.458   1.755   1.00 26.93 ? 7    HIS A NE2 1 
ATOM   20  N  N   . HIS A 1 8   ? -11.528 4.683   3.382   1.00 28.42 ? 8    HIS A N   1 
ATOM   21  C  CA  . HIS A 1 8   ? -10.207 5.279   3.493   1.00 29.55 ? 8    HIS A CA  1 
ATOM   22  C  C   . HIS A 1 8   ? -9.555  5.272   2.118   1.00 26.22 ? 8    HIS A C   1 
ATOM   23  O  O   . HIS A 1 8   ? -9.078  4.230   1.672   1.00 24.34 ? 8    HIS A O   1 
ATOM   24  C  CB  . HIS A 1 8   ? -9.328  4.465   4.453   1.00 31.62 ? 8    HIS A CB  1 
ATOM   25  C  CG  . HIS A 1 8   ? -10.046 3.984   5.675   1.00 34.94 ? 8    HIS A CG  1 
ATOM   26  N  ND1 . HIS A 1 8   ? -10.620 4.846   6.587   1.00 37.45 ? 8    HIS A ND1 1 
ATOM   27  C  CD2 . HIS A 1 8   ? -10.272 2.734   6.144   1.00 33.72 ? 8    HIS A CD2 1 
ATOM   28  C  CE1 . HIS A 1 8   ? -11.166 4.146   7.566   1.00 36.84 ? 8    HIS A CE1 1 
ATOM   29  N  NE2 . HIS A 1 8   ? -10.970 2.861   7.321   1.00 35.00 ? 8    HIS A NE2 1 
ATOM   30  N  N   . HIS A 1 9   ? -9.544  6.414   1.436   1.00 26.00 ? 9    HIS A N   1 
ATOM   31  C  CA  . HIS A 1 9   ? -8.905  6.487   0.115   1.00 25.11 ? 9    HIS A CA  1 
ATOM   32  C  C   . HIS A 1 9   ? -7.758  7.498   0.156   1.00 25.77 ? 9    HIS A C   1 
ATOM   33  O  O   . HIS A 1 9   ? -7.584  8.193   1.159   1.00 24.12 ? 9    HIS A O   1 
ATOM   34  C  CB  . HIS A 1 9   ? -9.932  6.854   -0.957  1.00 25.09 ? 9    HIS A CB  1 
ATOM   35  C  CG  . HIS A 1 9   ? -11.049 5.861   -1.072  1.00 25.96 ? 9    HIS A CG  1 
ATOM   36  N  ND1 . HIS A 1 9   ? -10.829 4.515   -1.288  1.00 28.68 ? 9    HIS A ND1 1 
ATOM   37  C  CD2 . HIS A 1 9   ? -12.390 6.008   -0.954  1.00 26.80 ? 9    HIS A CD2 1 
ATOM   38  C  CE1 . HIS A 1 9   ? -11.986 3.874   -1.293  1.00 26.27 ? 9    HIS A CE1 1 
ATOM   39  N  NE2 . HIS A 1 9   ? -12.948 4.757   -1.091  1.00 29.59 ? 9    HIS A NE2 1 
ATOM   40  N  N   . SER A 1 10  ? -6.961  7.553   -0.908  1.00 23.29 ? 10   SER A N   1 
ATOM   41  C  CA  . SER A 1 10  ? -5.832  8.480   -0.971  1.00 24.28 ? 10   SER A CA  1 
ATOM   42  C  C   . SER A 1 10  ? -5.706  9.116   -2.345  1.00 23.51 ? 10   SER A C   1 
ATOM   43  O  O   . SER A 1 10  ? -4.689  9.000   -3.002  1.00 17.61 ? 10   SER A O   1 
ATOM   44  C  CB  . SER A 1 10  ? -4.519  7.769   -0.650  1.00 24.02 ? 10   SER A CB  1 
ATOM   45  O  OG  . SER A 1 10  ? -4.578  7.164   0.612   1.00 28.90 ? 10   SER A OG  1 
ATOM   46  N  N   . SER A 1 11  ? -6.757  9.778   -2.794  1.00 27.57 ? 11   SER A N   1 
ATOM   47  C  CA  . SER A 1 11  ? -6.671  10.433  -4.073  1.00 28.28 ? 11   SER A CA  1 
ATOM   48  C  C   . SER A 1 11  ? -7.025  11.894  -3.829  1.00 32.45 ? 11   SER A C   1 
ATOM   49  O  O   . SER A 1 11  ? -6.954  12.738  -4.725  1.00 28.03 ? 11   SER A O   1 
ATOM   50  C  CB  . SER A 1 11  ? -7.594  9.739   -5.082  1.00 32.49 ? 11   SER A CB  1 
ATOM   51  O  OG  . SER A 1 11  ? -7.012  8.500   -5.554  1.00 24.77 ? 11   SER A OG  1 
ATOM   52  N  N   . GLY A 1 12  ? -7.354  12.189  -2.572  1.00 35.24 ? 12   GLY A N   1 
ATOM   53  C  CA  . GLY A 1 12  ? -7.719  13.543  -2.181  1.00 38.69 ? 12   GLY A CA  1 
ATOM   54  C  C   . GLY A 1 12  ? -6.532  14.493  -2.123  1.00 40.25 ? 12   GLY A C   1 
ATOM   55  O  O   . GLY A 1 12  ? -5.472  14.207  -2.687  1.00 41.34 ? 12   GLY A O   1 
ATOM   56  N  N   . SER A 1 22  ? 10.888  12.906  -0.919  1.00 44.47 ? 22   SER A N   1 
ATOM   57  C  CA  . SER A 1 22  ? 12.272  13.189  -1.275  1.00 42.49 ? 22   SER A CA  1 
ATOM   58  C  C   . SER A 1 22  ? 12.982  11.944  -1.802  1.00 39.88 ? 22   SER A C   1 
ATOM   59  O  O   . SER A 1 22  ? 13.117  11.748  -3.005  1.00 38.37 ? 22   SER A O   1 
ATOM   60  C  CB  . SER A 1 22  ? 13.027  13.736  -0.058  1.00 45.50 ? 22   SER A CB  1 
ATOM   61  N  N   . ASP A 1 23  ? 13.427  11.105  -0.880  1.00 37.33 ? 23   ASP A N   1 
ATOM   62  C  CA  . ASP A 1 23  ? 14.144  9.896   -1.220  1.00 33.54 ? 23   ASP A CA  1 
ATOM   63  C  C   . ASP A 1 23  ? 13.287  8.856   -1.939  1.00 31.25 ? 23   ASP A C   1 
ATOM   64  O  O   . ASP A 1 23  ? 12.149  9.122   -2.354  1.00 30.58 ? 23   ASP A O   1 
ATOM   65  C  CB  . ASP A 1 23  ? 14.716  9.289   0.055   1.00 36.40 ? 23   ASP A CB  1 
ATOM   66  C  CG  . ASP A 1 23  ? 13.699  9.243   1.180   1.00 37.24 ? 23   ASP A CG  1 
ATOM   67  O  OD1 . ASP A 1 23  ? 12.509  8.956   0.897   1.00 35.65 ? 23   ASP A OD1 1 
ATOM   68  O  OD2 . ASP A 1 23  ? 14.099  9.489   2.343   1.00 37.53 ? 23   ASP A OD2 1 
ATOM   69  N  N   . LEU A 1 24  ? 13.843  7.660   -2.074  1.00 27.59 ? 24   LEU A N   1 
ATOM   70  C  CA  . LEU A 1 24  ? 13.148  6.585   -2.737  1.00 25.22 ? 24   LEU A CA  1 
ATOM   71  C  C   . LEU A 1 24  ? 11.884  6.181   -1.975  1.00 22.63 ? 24   LEU A C   1 
ATOM   72  O  O   . LEU A 1 24  ? 10.917  5.753   -2.581  1.00 21.10 ? 24   LEU A O   1 
ATOM   73  C  CB  . LEU A 1 24  ? 14.085  5.389   -2.904  1.00 26.76 ? 24   LEU A CB  1 
ATOM   74  C  CG  . LEU A 1 24  ? 15.325  5.580   -3.791  1.00 29.01 ? 24   LEU A CG  1 
ATOM   75  C  CD1 . LEU A 1 24  ? 16.157  4.308   -3.766  1.00 29.98 ? 24   LEU A CD1 1 
ATOM   76  C  CD2 . LEU A 1 24  ? 14.920  5.895   -5.216  1.00 28.38 ? 24   LEU A CD2 1 
ATOM   77  N  N   . GLY A 1 25  ? 11.891  6.320   -0.653  1.00 21.67 ? 25   GLY A N   1 
ATOM   78  C  CA  . GLY A 1 25  ? 10.713  5.963   0.130   1.00 21.39 ? 25   GLY A CA  1 
ATOM   79  C  C   . GLY A 1 25  ? 9.478   6.755   -0.280  1.00 19.52 ? 25   GLY A C   1 
ATOM   80  O  O   . GLY A 1 25  ? 8.417   6.193   -0.548  1.00 16.42 ? 25   GLY A O   1 
ATOM   81  N  N   . LYS A 1 26  ? 9.620   8.077   -0.308  1.00 19.88 ? 26   LYS A N   1 
ATOM   82  C  CA  . LYS A 1 26  ? 8.536   8.956   -0.706  1.00 19.49 ? 26   LYS A CA  1 
ATOM   83  C  C   . LYS A 1 26  ? 8.052   8.619   -2.123  1.00 16.55 ? 26   LYS A C   1 
ATOM   84  O  O   . LYS A 1 26  ? 6.864   8.688   -2.393  1.00 14.75 ? 26   LYS A O   1 
ATOM   85  C  CB  . LYS A 1 26  ? 8.996   10.411  -0.654  1.00 23.48 ? 26   LYS A CB  1 
ATOM   86  C  CG  . LYS A 1 26  ? 9.505   10.863  0.716   1.00 27.81 ? 26   LYS A CG  1 
ATOM   87  C  CD  . LYS A 1 26  ? 8.359   11.120  1.689   1.00 34.45 ? 26   LYS A CD  1 
ATOM   88  C  CE  . LYS A 1 26  ? 8.895   11.407  3.087   1.00 36.38 ? 26   LYS A CE  1 
ATOM   89  N  NZ  . LYS A 1 26  ? 9.951   12.471  3.048   1.00 41.85 ? 26   LYS A NZ  1 
ATOM   90  N  N   . LYS A 1 27  ? 8.968   8.258   -3.016  1.00 13.18 ? 27   LYS A N   1 
ATOM   91  C  CA  . LYS A 1 27  ? 8.611   7.929   -4.392  1.00 15.80 ? 27   LYS A CA  1 
ATOM   92  C  C   . LYS A 1 27  ? 7.836   6.612   -4.461  1.00 13.78 ? 27   LYS A C   1 
ATOM   93  O  O   . LYS A 1 27  ? 6.922   6.467   -5.269  1.00 11.68 ? 27   LYS A O   1 
ATOM   94  C  CB  . LYS A 1 27  ? 9.881   7.853   -5.265  1.00 17.01 ? 27   LYS A CB  1 
ATOM   95  C  CG  . LYS A 1 27  ? 10.489  9.240   -5.549  1.00 20.31 ? 27   LYS A CG  1 
ATOM   96  C  CD  . LYS A 1 27  ? 11.816  9.190   -6.316  1.00 21.00 ? 27   LYS A CD  1 
ATOM   97  C  CE  . LYS A 1 27  ? 12.330  10.608  -6.603  1.00 21.05 ? 27   LYS A CE  1 
ATOM   98  N  NZ  . LYS A 1 27  ? 13.531  10.564  -7.479  1.00 25.69 ? 27   LYS A NZ  1 
ATOM   99  N  N   . LEU A 1 28  ? 8.224   5.655   -3.623  1.00 12.59 ? 28   LEU A N   1 
ATOM   100 C  CA  . LEU A 1 28  ? 7.541   4.362   -3.585  1.00 12.16 ? 28   LEU A CA  1 
ATOM   101 C  C   . LEU A 1 28  ? 6.130   4.550   -2.992  1.00 9.90  ? 28   LEU A C   1 
ATOM   102 O  O   . LEU A 1 28  ? 5.163   3.936   -3.456  1.00 9.33  ? 28   LEU A O   1 
ATOM   103 C  CB  . LEU A 1 28  ? 8.339   3.356   -2.747  1.00 10.84 ? 28   LEU A CB  1 
ATOM   104 C  CG  . LEU A 1 28  ? 7.608   2.019   -2.613  1.00 9.33  ? 28   LEU A CG  1 
ATOM   105 C  CD1 . LEU A 1 28  ? 7.402   1.448   -3.991  1.00 10.82 ? 28   LEU A CD1 1 
ATOM   106 C  CD2 . LEU A 1 28  ? 8.399   1.052   -1.741  1.00 12.22 ? 28   LEU A CD2 1 
ATOM   107 N  N   . LEU A 1 29  ? 6.021   5.411   -1.980  1.00 8.69  ? 29   LEU A N   1 
ATOM   108 C  CA  . LEU A 1 29  ? 4.729   5.686   -1.375  1.00 10.33 ? 29   LEU A CA  1 
ATOM   109 C  C   . LEU A 1 29  ? 3.833   6.255   -2.484  1.00 9.51  ? 29   LEU A C   1 
ATOM   110 O  O   . LEU A 1 29  ? 2.664   5.842   -2.623  1.00 9.02  ? 29   LEU A O   1 
ATOM   111 C  CB  . LEU A 1 29  ? 4.898   6.682   -0.228  1.00 12.60 ? 29   LEU A CB  1 
ATOM   112 C  CG  . LEU A 1 29  ? 5.496   6.034   1.034   1.00 14.09 ? 29   LEU A CG  1 
ATOM   113 C  CD1 . LEU A 1 29  ? 5.993   7.129   2.002   1.00 15.29 ? 29   LEU A CD1 1 
ATOM   114 C  CD2 . LEU A 1 29  ? 4.430   5.137   1.715   1.00 14.96 ? 29   LEU A CD2 1 
ATOM   115 N  N   . GLU A 1 30  ? 4.380   7.167   -3.300  1.00 8.69  ? 30   GLU A N   1 
ATOM   116 C  CA  . GLU A 1 30  ? 3.577   7.738   -4.378  1.00 10.07 ? 30   GLU A CA  1 
ATOM   117 C  C   . GLU A 1 30  ? 3.225   6.731   -5.485  1.00 10.02 ? 30   GLU A C   1 
ATOM   118 O  O   . GLU A 1 30  ? 2.094   6.720   -5.973  1.00 9.52  ? 30   GLU A O   1 
ATOM   119 C  CB  . GLU A 1 30  ? 4.264   8.965   -5.016  1.00 8.66  ? 30   GLU A CB  1 
ATOM   120 C  CG  . GLU A 1 30  ? 3.371   9.653   -6.052  1.00 11.08 ? 30   GLU A CG  1 
ATOM   121 C  CD  . GLU A 1 30  ? 3.512   9.099   -7.472  1.00 12.94 ? 30   GLU A CD  1 
ATOM   122 O  OE1 . GLU A 1 30  ? 2.619   9.393   -8.304  1.00 10.52 ? 30   GLU A OE1 1 
ATOM   123 O  OE2 . GLU A 1 30  ? 4.519   8.413   -7.777  1.00 13.06 ? 30   GLU A OE2 1 
ATOM   124 N  N   . ALA A 1 31  ? 4.187   5.904   -5.892  1.00 11.85 ? 31   ALA A N   1 
ATOM   125 C  CA  . ALA A 1 31  ? 3.933   4.935   -6.964  1.00 11.27 ? 31   ALA A CA  1 
ATOM   126 C  C   . ALA A 1 31  ? 2.843   3.965   -6.537  1.00 11.03 ? 31   ALA A C   1 
ATOM   127 O  O   . ALA A 1 31  ? 1.953   3.621   -7.317  1.00 9.18  ? 31   ALA A O   1 
ATOM   128 C  CB  . ALA A 1 31  ? 5.221   4.167   -7.308  1.00 12.23 ? 31   ALA A CB  1 
ATOM   129 N  N   . ALA A 1 32  ? 2.914   3.537   -5.284  1.00 9.47  ? 32   ALA A N   1 
ATOM   130 C  CA  . ALA A 1 32  ? 1.930   2.600   -4.753  1.00 9.27  ? 32   ALA A CA  1 
ATOM   131 C  C   . ALA A 1 32  ? 0.552   3.257   -4.657  1.00 11.15 ? 32   ALA A C   1 
ATOM   132 O  O   . ALA A 1 32  ? -0.462  2.654   -5.051  1.00 9.69  ? 32   ALA A O   1 
ATOM   133 C  CB  . ALA A 1 32  ? 2.384   2.101   -3.380  1.00 11.55 ? 32   ALA A CB  1 
ATOM   134 N  N   . ARG A 1 33  ? 0.514   4.486   -4.139  1.00 8.86  ? 33   ARG A N   1 
ATOM   135 C  CA  . ARG A 1 33  ? -0.745  5.243   -4.022  1.00 9.86  ? 33   ARG A CA  1 
ATOM   136 C  C   . ARG A 1 33  ? -1.376  5.408   -5.425  1.00 9.56  ? 33   ARG A C   1 
ATOM   137 O  O   . ARG A 1 33  ? -2.605  5.337   -5.598  1.00 8.68  ? 33   ARG A O   1 
ATOM   138 C  CB  . ARG A 1 33  ? -0.481  6.652   -3.433  1.00 8.51  ? 33   ARG A CB  1 
ATOM   139 C  CG  . ARG A 1 33  ? -1.717  7.562   -3.391  1.00 13.89 ? 33   ARG A CG  1 
ATOM   140 C  CD  . ARG A 1 33  ? -1.372  8.950   -2.831  1.00 13.08 ? 33   ARG A CD  1 
ATOM   141 N  NE  . ARG A 1 33  ? -0.740  9.821   -3.835  1.00 12.83 ? 33   ARG A NE  1 
ATOM   142 C  CZ  . ARG A 1 33  ? -0.199  11.004  -3.544  1.00 11.92 ? 33   ARG A CZ  1 
ATOM   143 N  NH1 . ARG A 1 33  ? -0.215  11.438  -2.289  1.00 11.66 ? 33   ARG A NH1 1 
ATOM   144 N  NH2 . ARG A 1 33  ? 0.366   11.748  -4.492  1.00 11.56 ? 33   ARG A NH2 1 
ATOM   145 N  N   . ALA A 1 34  ? -0.534  5.610   -6.434  1.00 9.60  ? 34   ALA A N   1 
ATOM   146 C  CA  . ALA A 1 34  ? -1.039  5.806   -7.795  1.00 9.34  ? 34   ALA A CA  1 
ATOM   147 C  C   . ALA A 1 34  ? -1.282  4.543   -8.652  1.00 9.19  ? 34   ALA A C   1 
ATOM   148 O  O   . ALA A 1 34  ? -1.780  4.633   -9.782  1.00 8.53  ? 34   ALA A O   1 
ATOM   149 C  CB  . ALA A 1 34  ? -0.118  6.823   -8.545  1.00 8.78  ? 34   ALA A CB  1 
ATOM   150 N  N   . GLY A 1 35  ? -0.953  3.371   -8.117  1.00 9.43  ? 35   GLY A N   1 
ATOM   151 C  CA  . GLY A 1 35  ? -1.174  2.126   -8.846  1.00 8.46  ? 35   GLY A CA  1 
ATOM   152 C  C   . GLY A 1 35  ? -0.271  1.956   -10.051 1.00 11.95 ? 35   GLY A C   1 
ATOM   153 O  O   . GLY A 1 35  ? -0.637  1.309   -11.028 1.00 7.62  ? 35   GLY A O   1 
ATOM   154 N  N   . GLN A 1 36  ? 0.932   2.518   -9.971  1.00 10.20 ? 36   GLN A N   1 
ATOM   155 C  CA  . GLN A 1 36  ? 1.883   2.464   -11.074 1.00 11.66 ? 36   GLN A CA  1 
ATOM   156 C  C   . GLN A 1 36  ? 2.854   1.342   -10.844 1.00 13.59 ? 36   GLN A C   1 
ATOM   157 O  O   . GLN A 1 36  ? 3.932   1.548   -10.271 1.00 10.83 ? 36   GLN A O   1 
ATOM   158 C  CB  . GLN A 1 36  ? 2.607   3.801   -11.154 1.00 11.77 ? 36   GLN A CB  1 
ATOM   159 C  CG  . GLN A 1 36  ? 1.689   4.950   -11.574 1.00 17.01 ? 36   GLN A CG  1 
ATOM   160 C  CD  . GLN A 1 36  ? 2.380   6.309   -11.480 1.00 14.53 ? 36   GLN A CD  1 
ATOM   161 O  OE1 . GLN A 1 36  ? 2.710   6.765   -10.390 1.00 11.71 ? 36   GLN A OE1 1 
ATOM   162 N  NE2 . GLN A 1 36  ? 2.578   6.957   -12.620 1.00 11.82 ? 36   GLN A NE2 1 
ATOM   163 N  N   . ASP A 1 37  ? 2.483   0.149   -11.304 1.00 14.56 ? 37   ASP A N   1 
ATOM   164 C  CA  . ASP A 1 37  ? 3.291   -1.044  -11.069 1.00 19.00 ? 37   ASP A CA  1 
ATOM   165 C  C   . ASP A 1 37  ? 4.732   -1.013  -11.553 1.00 16.58 ? 37   ASP A C   1 
ATOM   166 O  O   . ASP A 1 37  ? 5.619   -1.454  -10.841 1.00 13.84 ? 37   ASP A O   1 
ATOM   167 C  CB  . ASP A 1 37  ? 2.603   -2.282  -11.652 1.00 24.43 ? 37   ASP A CB  1 
ATOM   168 C  CG  . ASP A 1 37  ? 2.127   -2.062  -13.057 1.00 29.85 ? 37   ASP A CG  1 
ATOM   169 O  OD1 . ASP A 1 37  ? 1.174   -1.265  -13.214 1.00 36.77 ? 37   ASP A OD1 1 
ATOM   170 O  OD2 . ASP A 1 37  ? 2.694   -2.661  -14.000 1.00 31.42 ? 37   ASP A OD2 1 
ATOM   171 N  N   . ASP A 1 38  ? 4.969   -0.503  -12.756 1.00 18.80 ? 38   ASP A N   1 
ATOM   172 C  CA  . ASP A 1 38  ? 6.332   -0.470  -13.255 1.00 18.37 ? 38   ASP A CA  1 
ATOM   173 C  C   . ASP A 1 38  ? 7.208   0.422   -12.385 1.00 16.73 ? 38   ASP A C   1 
ATOM   174 O  O   . ASP A 1 38  ? 8.364   0.081   -12.119 1.00 15.03 ? 38   ASP A O   1 
ATOM   175 C  CB  . ASP A 1 38  ? 6.327   -0.032  -14.714 1.00 23.84 ? 38   ASP A CB  1 
ATOM   176 C  CG  . ASP A 1 38  ? 5.554   -1.010  -15.594 1.00 30.00 ? 38   ASP A CG  1 
ATOM   177 O  OD1 . ASP A 1 38  ? 5.865   -2.226  -15.561 1.00 33.04 ? 38   ASP A OD1 1 
ATOM   178 O  OD2 . ASP A 1 38  ? 4.621   -0.586  -16.305 1.00 32.43 ? 38   ASP A OD2 1 
ATOM   179 N  N   . GLU A 1 39  ? 6.663   1.553   -11.931 1.00 14.35 ? 39   GLU A N   1 
ATOM   180 C  CA  . GLU A 1 39  ? 7.393   2.455   -11.054 1.00 15.58 ? 39   GLU A CA  1 
ATOM   181 C  C   . GLU A 1 39  ? 7.754   1.738   -9.773  1.00 15.63 ? 39   GLU A C   1 
ATOM   182 O  O   . GLU A 1 39  ? 8.850   1.889   -9.244  1.00 15.07 ? 39   GLU A O   1 
ATOM   183 C  CB  . GLU A 1 39  ? 6.549   3.685   -10.681 1.00 18.12 ? 39   GLU A CB  1 
ATOM   184 C  CG  . GLU A 1 39  ? 6.646   4.865   -11.628 1.00 19.46 ? 39   GLU A CG  1 
ATOM   185 C  CD  . GLU A 1 39  ? 5.859   6.096   -11.145 1.00 16.65 ? 39   GLU A CD  1 
ATOM   186 O  OE1 . GLU A 1 39  ? 5.885   6.428   -9.934  1.00 15.63 ? 39   GLU A OE1 1 
ATOM   187 O  OE2 . GLU A 1 39  ? 5.230   6.757   -11.989 1.00 15.53 ? 39   GLU A OE2 1 
ATOM   188 N  N   . VAL A 1 40  ? 6.797   0.985   -9.251  1.00 13.86 ? 40   VAL A N   1 
ATOM   189 C  CA  . VAL A 1 40  ? 7.006   0.252   -8.018  1.00 14.46 ? 40   VAL A CA  1 
ATOM   190 C  C   . VAL A 1 40  ? 8.111   -0.789  -8.200  1.00 15.36 ? 40   VAL A C   1 
ATOM   191 O  O   . VAL A 1 40  ? 8.989   -0.923  -7.333  1.00 13.15 ? 40   VAL A O   1 
ATOM   192 C  CB  . VAL A 1 40  ? 5.700   -0.435  -7.567  1.00 13.38 ? 40   VAL A CB  1 
ATOM   193 C  CG1 . VAL A 1 40  ? 5.987   -1.479  -6.535  1.00 11.70 ? 40   VAL A CG1 1 
ATOM   194 C  CG2 . VAL A 1 40  ? 4.747   0.620   -7.012  1.00 10.10 ? 40   VAL A CG2 1 
ATOM   195 N  N   . ARG A 1 41  ? 8.080   -1.523  -9.310  1.00 16.90 ? 41   ARG A N   1 
ATOM   196 C  CA  . ARG A 1 41  ? 9.112   -2.548  -9.557  1.00 18.15 ? 41   ARG A CA  1 
ATOM   197 C  C   . ARG A 1 41  ? 10.500  -1.908  -9.540  1.00 19.75 ? 41   ARG A C   1 
ATOM   198 O  O   . ARG A 1 41  ? 11.387  -2.342  -8.799  1.00 19.38 ? 41   ARG A O   1 
ATOM   199 C  CB  . ARG A 1 41  ? 8.932   -3.203  -10.923 1.00 19.06 ? 41   ARG A CB  1 
ATOM   200 C  CG  . ARG A 1 41  ? 7.756   -4.137  -11.049 1.00 20.08 ? 41   ARG A CG  1 
ATOM   201 C  CD  . ARG A 1 41  ? 7.822   -4.849  -12.407 1.00 22.64 ? 41   ARG A CD  1 
ATOM   202 N  NE  . ARG A 1 41  ? 6.758   -5.837  -12.505 1.00 25.19 ? 41   ARG A NE  1 
ATOM   203 C  CZ  . ARG A 1 41  ? 5.556   -5.600  -13.009 1.00 26.55 ? 41   ARG A CZ  1 
ATOM   204 N  NH1 . ARG A 1 41  ? 5.252   -4.401  -13.493 1.00 33.06 ? 41   ARG A NH1 1 
ATOM   205 N  NH2 . ARG A 1 41  ? 4.633   -6.549  -12.979 1.00 29.66 ? 41   ARG A NH2 1 
ATOM   206 N  N   . ILE A 1 42  ? 10.666  -0.877  -10.364 1.00 18.66 ? 42   ILE A N   1 
ATOM   207 C  CA  . ILE A 1 42  ? 11.936  -0.166  -10.497 1.00 18.88 ? 42   ILE A CA  1 
ATOM   208 C  C   . ILE A 1 42  ? 12.433  0.386   -9.169  1.00 19.00 ? 42   ILE A C   1 
ATOM   209 O  O   . ILE A 1 42  ? 13.595  0.195   -8.804  1.00 17.91 ? 42   ILE A O   1 
ATOM   210 C  CB  . ILE A 1 42  ? 11.797  1.006   -11.502 1.00 21.53 ? 42   ILE A CB  1 
ATOM   211 C  CG1 . ILE A 1 42  ? 11.584  0.459   -12.923 1.00 22.81 ? 42   ILE A CG1 1 
ATOM   212 C  CG2 . ILE A 1 42  ? 13.022  1.912   -11.429 1.00 22.85 ? 42   ILE A CG2 1 
ATOM   213 C  CD1 . ILE A 1 42  ? 11.242  1.532   -13.977 1.00 21.69 ? 42   ILE A CD1 1 
ATOM   214 N  N   . LEU A 1 43  ? 11.559  1.088   -8.452  1.00 18.73 ? 43   LEU A N   1 
ATOM   215 C  CA  . LEU A 1 43  ? 11.935  1.694   -7.176  1.00 18.21 ? 43   LEU A CA  1 
ATOM   216 C  C   . LEU A 1 43  ? 12.379  0.668   -6.126  1.00 18.53 ? 43   LEU A C   1 
ATOM   217 O  O   . LEU A 1 43  ? 13.361  0.888   -5.412  1.00 17.49 ? 43   LEU A O   1 
ATOM   218 C  CB  . LEU A 1 43  ? 10.773  2.543   -6.632  1.00 17.88 ? 43   LEU A CB  1 
ATOM   219 C  CG  . LEU A 1 43  ? 10.398  3.817   -7.406  1.00 15.19 ? 43   LEU A CG  1 
ATOM   220 C  CD1 . LEU A 1 43  ? 9.044   4.334   -6.924  1.00 14.33 ? 43   LEU A CD1 1 
ATOM   221 C  CD2 . LEU A 1 43  ? 11.457  4.886   -7.212  1.00 14.23 ? 43   LEU A CD2 1 
ATOM   222 N  N   . MET A 1 44  ? 11.668  -0.451  -6.021  1.00 16.01 ? 44   MET A N   1 
ATOM   223 C  CA  . MET A 1 44  ? 12.066  -1.446  -5.038  1.00 20.16 ? 44   MET A CA  1 
ATOM   224 C  C   . MET A 1 44  ? 13.401  -2.061  -5.457  1.00 21.36 ? 44   MET A C   1 
ATOM   225 O  O   . MET A 1 44  ? 14.264  -2.329  -4.618  1.00 22.01 ? 44   MET A O   1 
ATOM   226 C  CB  . MET A 1 44  ? 11.016  -2.550  -4.903  1.00 19.65 ? 44   MET A CB  1 
ATOM   227 C  CG  . MET A 1 44  ? 9.672   -2.046  -4.412  1.00 19.47 ? 44   MET A CG  1 
ATOM   228 S  SD  . MET A 1 44  ? 8.609   -3.396  -3.944  1.00 18.66 ? 44   MET A SD  1 
ATOM   229 C  CE  . MET A 1 44  ? 8.452   -4.272  -5.599  1.00 16.71 ? 44   MET A CE  1 
ATOM   230 N  N   . ALA A 1 45  ? 13.565  -2.291  -6.753  1.00 21.26 ? 45   ALA A N   1 
ATOM   231 C  CA  . ALA A 1 45  ? 14.816  -2.846  -7.240  1.00 23.73 ? 45   ALA A CA  1 
ATOM   232 C  C   . ALA A 1 45  ? 15.954  -1.923  -6.812  1.00 25.07 ? 45   ALA A C   1 
ATOM   233 O  O   . ALA A 1 45  ? 17.042  -2.383  -6.445  1.00 25.65 ? 45   ALA A O   1 
ATOM   234 C  CB  . ALA A 1 45  ? 14.778  -2.971  -8.768  1.00 24.61 ? 45   ALA A CB  1 
ATOM   235 N  N   . ASN A 1 46  ? 15.703  -0.619  -6.850  1.00 24.92 ? 46   ASN A N   1 
ATOM   236 C  CA  . ASN A 1 46  ? 16.731  0.340   -6.489  1.00 24.80 ? 46   ASN A CA  1 
ATOM   237 C  C   . ASN A 1 46  ? 16.854  0.631   -4.999  1.00 24.82 ? 46   ASN A C   1 
ATOM   238 O  O   . ASN A 1 46  ? 17.408  1.653   -4.605  1.00 27.15 ? 46   ASN A O   1 
ATOM   239 C  CB  . ASN A 1 46  ? 16.545  1.636   -7.285  1.00 25.56 ? 46   ASN A CB  1 
ATOM   240 C  CG  . ASN A 1 46  ? 16.937  1.480   -8.757  1.00 28.13 ? 46   ASN A CG  1 
ATOM   241 O  OD1 . ASN A 1 46  ? 16.163  0.982   -9.578  1.00 27.03 ? 46   ASN A OD1 1 
ATOM   242 N  ND2 . ASN A 1 46  ? 18.163  1.880   -9.086  1.00 28.14 ? 46   ASN A ND2 1 
ATOM   243 N  N   . GLY A 1 47  ? 16.340  -0.269  -4.172  1.00 24.53 ? 47   GLY A N   1 
ATOM   244 C  CA  . GLY A 1 47  ? 16.455  -0.088  -2.729  1.00 24.40 ? 47   GLY A CA  1 
ATOM   245 C  C   . GLY A 1 47  ? 15.385  0.676   -1.969  1.00 25.08 ? 47   GLY A C   1 
ATOM   246 O  O   . GLY A 1 47  ? 15.572  0.944   -0.779  1.00 25.01 ? 47   GLY A O   1 
ATOM   247 N  N   . ALA A 1 48  ? 14.277  1.042   -2.619  1.00 22.05 ? 48   ALA A N   1 
ATOM   248 C  CA  . ALA A 1 48  ? 13.215  1.764   -1.918  1.00 21.25 ? 48   ALA A CA  1 
ATOM   249 C  C   . ALA A 1 48  ? 12.732  0.836   -0.808  1.00 19.96 ? 48   ALA A C   1 
ATOM   250 O  O   . ALA A 1 48  ? 12.567  -0.357  -1.030  1.00 21.83 ? 48   ALA A O   1 
ATOM   251 C  CB  . ALA A 1 48  ? 12.060  2.108   -2.889  1.00 19.13 ? 48   ALA A CB  1 
ATOM   252 N  N   . ASP A 1 49  ? 12.512  1.374   0.383   1.00 20.01 ? 49   ASP A N   1 
ATOM   253 C  CA  . ASP A 1 49  ? 12.096  0.560   1.528   1.00 19.90 ? 49   ASP A CA  1 
ATOM   254 C  C   . ASP A 1 49  ? 10.586  0.260   1.561   1.00 18.73 ? 49   ASP A C   1 
ATOM   255 O  O   . ASP A 1 49  ? 9.793   1.171   1.738   1.00 16.88 ? 49   ASP A O   1 
ATOM   256 C  CB  . ASP A 1 49  ? 12.521  1.298   2.802   1.00 23.88 ? 49   ASP A CB  1 
ATOM   257 C  CG  . ASP A 1 49  ? 12.256  0.503   4.072   1.00 29.48 ? 49   ASP A CG  1 
ATOM   258 O  OD1 . ASP A 1 49  ? 11.896  -0.695  3.973   1.00 26.37 ? 49   ASP A OD1 1 
ATOM   259 O  OD2 . ASP A 1 49  ? 12.423  1.094   5.171   1.00 30.58 ? 49   ASP A OD2 1 
ATOM   260 N  N   . VAL A 1 50  ? 10.189  -1.004  1.412   1.00 17.64 ? 50   VAL A N   1 
ATOM   261 C  CA  . VAL A 1 50  ? 8.756   -1.327  1.444   1.00 20.77 ? 50   VAL A CA  1 
ATOM   262 C  C   . VAL A 1 50  ? 8.128   -1.017  2.794   1.00 19.67 ? 50   VAL A C   1 
ATOM   263 O  O   . VAL A 1 50  ? 6.904   -0.990  2.930   1.00 19.72 ? 50   VAL A O   1 
ATOM   264 C  CB  . VAL A 1 50  ? 8.463   -2.804  1.033   1.00 21.18 ? 50   VAL A CB  1 
ATOM   265 C  CG1 . VAL A 1 50  ? 8.974   -3.033  -0.393  1.00 22.43 ? 50   VAL A CG1 1 
ATOM   266 C  CG2 . VAL A 1 50  ? 9.112   -3.793  1.999   1.00 20.21 ? 50   VAL A CG2 1 
ATOM   267 N  N   . ALA A 1 51  ? 8.969   -0.745  3.783   1.00 19.33 ? 51   ALA A N   1 
ATOM   268 C  CA  . ALA A 1 51  ? 8.491   -0.391  5.112   1.00 20.28 ? 51   ALA A CA  1 
ATOM   269 C  C   . ALA A 1 51  ? 8.381   1.128   5.285   1.00 20.05 ? 51   ALA A C   1 
ATOM   270 O  O   . ALA A 1 51  ? 8.083   1.613   6.381   1.00 21.64 ? 51   ALA A O   1 
ATOM   271 C  CB  . ALA A 1 51  ? 9.428   -0.968  6.168   1.00 19.90 ? 51   ALA A CB  1 
ATOM   272 N  N   . ALA A 1 52  ? 8.631   1.891   4.223   1.00 20.25 ? 52   ALA A N   1 
ATOM   273 C  CA  . ALA A 1 52  ? 8.532   3.347   4.326   1.00 20.58 ? 52   ALA A CA  1 
ATOM   274 C  C   . ALA A 1 52  ? 7.150   3.730   4.842   1.00 22.48 ? 52   ALA A C   1 
ATOM   275 O  O   . ALA A 1 52  ? 6.172   3.029   4.583   1.00 19.95 ? 52   ALA A O   1 
ATOM   276 C  CB  . ALA A 1 52  ? 8.773   4.004   2.974   1.00 21.08 ? 52   ALA A CB  1 
ATOM   277 N  N   . LYS A 1 53  ? 7.070   4.838   5.575   1.00 22.54 ? 53   LYS A N   1 
ATOM   278 C  CA  . LYS A 1 53  ? 5.785   5.292   6.102   1.00 26.43 ? 53   LYS A CA  1 
ATOM   279 C  C   . LYS A 1 53  ? 5.573   6.786   5.886   1.00 26.54 ? 53   LYS A C   1 
ATOM   280 O  O   . LYS A 1 53  ? 6.524   7.568   5.934   1.00 25.70 ? 53   LYS A O   1 
ATOM   281 C  CB  . LYS A 1 53  ? 5.687   4.978   7.600   1.00 27.56 ? 53   LYS A CB  1 
ATOM   282 C  CG  . LYS A 1 53  ? 5.593   3.490   7.897   1.00 32.84 ? 53   LYS A CG  1 
ATOM   283 C  CD  . LYS A 1 53  ? 5.497   3.197   9.380   1.00 34.27 ? 53   LYS A CD  1 
ATOM   284 N  N   . ASP A 1 54  ? 4.331   7.180   5.628   1.00 26.94 ? 54   ASP A N   1 
ATOM   285 C  CA  . ASP A 1 54  ? 4.027   8.596   5.462   1.00 27.34 ? 54   ASP A CA  1 
ATOM   286 C  C   . ASP A 1 54  ? 3.610   9.150   6.829   1.00 29.27 ? 54   ASP A C   1 
ATOM   287 O  O   . ASP A 1 54  ? 3.765   8.470   7.845   1.00 26.70 ? 54   ASP A O   1 
ATOM   288 C  CB  . ASP A 1 54  ? 2.918   8.824   4.415   1.00 25.22 ? 54   ASP A CB  1 
ATOM   289 C  CG  . ASP A 1 54  ? 1.537   8.374   4.880   1.00 26.27 ? 54   ASP A CG  1 
ATOM   290 O  OD1 . ASP A 1 54  ? 1.334   8.097   6.089   1.00 24.40 ? 54   ASP A OD1 1 
ATOM   291 O  OD2 . ASP A 1 54  ? 0.636   8.304   4.013   1.00 22.58 ? 54   ASP A OD2 1 
ATOM   292 N  N   . LYS A 1 55  ? 3.078   10.368  6.843   1.00 30.05 ? 55   LYS A N   1 
ATOM   293 C  CA  . LYS A 1 55  ? 2.642   11.025  8.078   1.00 33.74 ? 55   LYS A CA  1 
ATOM   294 C  C   . LYS A 1 55  ? 1.721   10.147  8.912   1.00 34.08 ? 55   LYS A C   1 
ATOM   295 O  O   . LYS A 1 55  ? 1.922   9.991   10.116  1.00 34.63 ? 55   LYS A O   1 
ATOM   296 C  CB  . LYS A 1 55  ? 1.901   12.335  7.767   1.00 32.37 ? 55   LYS A CB  1 
ATOM   297 C  CG  . LYS A 1 55  ? 2.633   13.274  6.811   1.00 39.66 ? 55   LYS A CG  1 
ATOM   298 N  N   . ASN A 1 56  ? 0.703   9.585   8.267   1.00 34.96 ? 56   ASN A N   1 
ATOM   299 C  CA  . ASN A 1 56  ? -0.273  8.738   8.946   1.00 33.10 ? 56   ASN A CA  1 
ATOM   300 C  C   . ASN A 1 56  ? 0.200   7.319   9.220   1.00 31.55 ? 56   ASN A C   1 
ATOM   301 O  O   . ASN A 1 56  ? -0.608  6.442   9.532   1.00 30.33 ? 56   ASN A O   1 
ATOM   302 C  CB  . ASN A 1 56  ? -1.567  8.700   8.140   1.00 35.21 ? 56   ASN A CB  1 
ATOM   303 C  CG  . ASN A 1 56  ? -2.425  9.926   8.370   1.00 38.47 ? 56   ASN A CG  1 
ATOM   304 O  OD1 . ASN A 1 56  ? -1.902  11.029  8.468   1.00 39.19 ? 56   ASN A OD1 1 
ATOM   305 N  N   . GLY A 1 57  ? 1.506   7.098   9.131   1.00 26.58 ? 57   GLY A N   1 
ATOM   306 C  CA  . GLY A 1 57  ? 2.032   5.768   9.370   1.00 25.89 ? 57   GLY A CA  1 
ATOM   307 C  C   . GLY A 1 57  ? 1.639   4.769   8.292   1.00 21.72 ? 57   GLY A C   1 
ATOM   308 O  O   . GLY A 1 57  ? 1.742   3.560   8.503   1.00 20.83 ? 57   GLY A O   1 
ATOM   309 N  N   . SER A 1 58  ? 1.171   5.261   7.145   1.00 19.09 ? 58   SER A N   1 
ATOM   310 C  CA  . SER A 1 58  ? 0.792   4.376   6.044   1.00 18.06 ? 58   SER A CA  1 
ATOM   311 C  C   . SER A 1 58  ? 2.019   3.900   5.264   1.00 17.99 ? 58   SER A C   1 
ATOM   312 O  O   . SER A 1 58  ? 2.898   4.697   4.914   1.00 16.66 ? 58   SER A O   1 
ATOM   313 C  CB  . SER A 1 58  ? -0.150  5.091   5.071   1.00 17.51 ? 58   SER A CB  1 
ATOM   314 O  OG  . SER A 1 58  ? -1.386  5.412   5.699   1.00 18.68 ? 58   SER A OG  1 
ATOM   315 N  N   . THR A 1 59  ? 2.068   2.598   4.988   1.00 16.46 ? 59   THR A N   1 
ATOM   316 C  CA  . THR A 1 59  ? 3.158   2.020   4.205   1.00 15.65 ? 59   THR A CA  1 
ATOM   317 C  C   . THR A 1 59  ? 2.703   1.983   2.762   1.00 13.91 ? 59   THR A C   1 
ATOM   318 O  O   . THR A 1 59  ? 1.549   2.291   2.456   1.00 13.54 ? 59   THR A O   1 
ATOM   319 C  CB  . THR A 1 59  ? 3.475   0.565   4.631   1.00 14.67 ? 59   THR A CB  1 
ATOM   320 O  OG1 . THR A 1 59  ? 2.317   -0.249  4.425   1.00 14.65 ? 59   THR A OG1 1 
ATOM   321 C  CG2 . THR A 1 59  ? 3.888   0.518   6.088   1.00 15.12 ? 59   THR A CG2 1 
ATOM   322 N  N   . PRO A 1 60  ? 3.611   1.641   1.846   1.00 11.10 ? 60   PRO A N   1 
ATOM   323 C  CA  . PRO A 1 60  ? 3.168   1.601   0.453   1.00 12.44 ? 60   PRO A CA  1 
ATOM   324 C  C   . PRO A 1 60  ? 2.023   0.610   0.288   1.00 10.49 ? 60   PRO A C   1 
ATOM   325 O  O   . PRO A 1 60  ? 1.143   0.819   -0.529  1.00 8.32  ? 60   PRO A O   1 
ATOM   326 C  CB  . PRO A 1 60  ? 4.426   1.183   -0.294  1.00 12.01 ? 60   PRO A CB  1 
ATOM   327 C  CG  . PRO A 1 60  ? 5.500   1.990   0.499   1.00 13.07 ? 60   PRO A CG  1 
ATOM   328 C  CD  . PRO A 1 60  ? 5.085   1.673   1.931   1.00 12.32 ? 60   PRO A CD  1 
ATOM   329 N  N   . LEU A 1 61  ? 2.035   -0.455  1.084   1.00 7.59  ? 61   LEU A N   1 
ATOM   330 C  CA  . LEU A 1 61  ? 0.955   -1.448  1.005   1.00 11.11 ? 61   LEU A CA  1 
ATOM   331 C  C   . LEU A 1 61  ? -0.373  -0.783  1.399   1.00 11.35 ? 61   LEU A C   1 
ATOM   332 O  O   . LEU A 1 61  ? -1.398  -1.041  0.776   1.00 8.95  ? 61   LEU A O   1 
ATOM   333 C  CB  . LEU A 1 61  ? 1.236   -2.645  1.921   1.00 10.36 ? 61   LEU A CB  1 
ATOM   334 C  CG  . LEU A 1 61  ? 0.194   -3.755  1.851   1.00 11.59 ? 61   LEU A CG  1 
ATOM   335 C  CD1 . LEU A 1 61  ? 0.272   -4.408  0.479   1.00 13.07 ? 61   LEU A CD1 1 
ATOM   336 C  CD2 . LEU A 1 61  ? 0.456   -4.786  2.967   1.00 14.58 ? 61   LEU A CD2 1 
ATOM   337 N  N   . HIS A 1 62  ? -0.366  0.082   2.419   1.00 11.51 ? 62   HIS A N   1 
ATOM   338 C  CA  . HIS A 1 62  ? -1.602  0.758   2.799   1.00 10.17 ? 62   HIS A CA  1 
ATOM   339 C  C   . HIS A 1 62  ? -2.146  1.694   1.706   1.00 9.70  ? 62   HIS A C   1 
ATOM   340 O  O   . HIS A 1 62  ? -3.361  1.724   1.437   1.00 8.22  ? 62   HIS A O   1 
ATOM   341 C  CB  . HIS A 1 62  ? -1.406  1.598   4.076   1.00 10.22 ? 62   HIS A CB  1 
ATOM   342 C  CG  . HIS A 1 62  ? -1.199  0.782   5.307   1.00 11.57 ? 62   HIS A CG  1 
ATOM   343 N  ND1 . HIS A 1 62  ? 0.046   0.543   5.840   1.00 13.65 ? 62   HIS A ND1 1 
ATOM   344 C  CD2 . HIS A 1 62  ? -2.079  0.131   6.098   1.00 12.42 ? 62   HIS A CD2 1 
ATOM   345 C  CE1 . HIS A 1 62  ? -0.076  -0.219  6.912   1.00 11.16 ? 62   HIS A CE1 1 
ATOM   346 N  NE2 . HIS A 1 62  ? -1.356  -0.482  7.089   1.00 10.08 ? 62   HIS A NE2 1 
ATOM   347 N  N   . LEU A 1 63  ? -1.274  2.503   1.116   1.00 9.19  ? 63   LEU A N   1 
ATOM   348 C  CA  . LEU A 1 63  ? -1.720  3.438   0.087   1.00 8.14  ? 63   LEU A CA  1 
ATOM   349 C  C   . LEU A 1 63  ? -2.266  2.698   -1.168  1.00 9.05  ? 63   LEU A C   1 
ATOM   350 O  O   . LEU A 1 63  ? -3.266  3.120   -1.765  1.00 8.97  ? 63   LEU A O   1 
ATOM   351 C  CB  . LEU A 1 63  ? -0.566  4.403   -0.251  1.00 10.38 ? 63   LEU A CB  1 
ATOM   352 C  CG  . LEU A 1 63  ? -0.051  5.263   0.932   1.00 12.76 ? 63   LEU A CG  1 
ATOM   353 C  CD1 . LEU A 1 63  ? 1.031   6.267   0.471   1.00 10.92 ? 63   LEU A CD1 1 
ATOM   354 C  CD2 . LEU A 1 63  ? -1.212  6.017   1.571   1.00 12.24 ? 63   LEU A CD2 1 
ATOM   355 N  N   . ALA A 1 64  ? -1.623  1.599   -1.565  1.00 7.46  ? 64   ALA A N   1 
ATOM   356 C  CA  . ALA A 1 64  ? -2.100  0.808   -2.695  1.00 8.52  ? 64   ALA A CA  1 
ATOM   357 C  C   . ALA A 1 64  ? -3.485  0.258   -2.318  1.00 10.24 ? 64   ALA A C   1 
ATOM   358 O  O   . ALA A 1 64  ? -4.428  0.290   -3.121  1.00 11.92 ? 64   ALA A O   1 
ATOM   359 C  CB  . ALA A 1 64  ? -1.139  -0.344  -2.976  1.00 9.15  ? 64   ALA A CB  1 
ATOM   360 N  N   . ALA A 1 65  ? -3.606  -0.236  -1.092  1.00 10.65 ? 65   ALA A N   1 
ATOM   361 C  CA  . ALA A 1 65  ? -4.880  -0.784  -0.627  1.00 12.14 ? 65   ALA A CA  1 
ATOM   362 C  C   . ALA A 1 65  ? -5.970  0.296   -0.553  1.00 10.78 ? 65   ALA A C   1 
ATOM   363 O  O   . ALA A 1 65  ? -7.112  0.075   -0.952  1.00 6.51  ? 65   ALA A O   1 
ATOM   364 C  CB  . ALA A 1 65  ? -4.687  -1.435  0.740   1.00 11.84 ? 65   ALA A CB  1 
ATOM   365 N  N   . ARG A 1 66  ? -5.617  1.464   -0.028  1.00 12.20 ? 66   ARG A N   1 
ATOM   366 C  CA  . ARG A 1 66  ? -6.583  2.539   0.079   1.00 13.09 ? 66   ARG A CA  1 
ATOM   367 C  C   . ARG A 1 66  ? -7.197  2.904   -1.273  1.00 12.38 ? 66   ARG A C   1 
ATOM   368 O  O   . ARG A 1 66  ? -8.370  3.274   -1.347  1.00 13.62 ? 66   ARG A O   1 
ATOM   369 C  CB  . ARG A 1 66  ? -5.929  3.756   0.752   1.00 13.28 ? 66   ARG A CB  1 
ATOM   370 C  CG  . ARG A 1 66  ? -5.569  3.474   2.216   1.00 17.64 ? 66   ARG A CG  1 
ATOM   371 C  CD  . ARG A 1 66  ? -4.789  4.606   2.905   1.00 20.07 ? 66   ARG A CD  1 
ATOM   372 N  NE  . ARG A 1 66  ? -5.578  5.825   2.996   1.00 21.14 ? 66   ARG A NE  1 
ATOM   373 C  CZ  . ARG A 1 66  ? -6.226  6.242   4.084   1.00 25.31 ? 66   ARG A CZ  1 
ATOM   374 N  NH1 . ARG A 1 66  ? -6.185  5.547   5.222   1.00 23.90 ? 66   ARG A NH1 1 
ATOM   375 N  NH2 . ARG A 1 66  ? -6.950  7.354   4.020   1.00 22.78 ? 66   ARG A NH2 1 
ATOM   376 N  N   . ASN A 1 67  ? -6.423  2.766   -2.340  1.00 8.52  ? 67   ASN A N   1 
ATOM   377 C  CA  . ASN A 1 67  ? -6.913  3.101   -3.670  1.00 10.91 ? 67   ASN A CA  1 
ATOM   378 C  C   . ASN A 1 67  ? -7.233  1.876   -4.552  1.00 9.93  ? 67   ASN A C   1 
ATOM   379 O  O   . ASN A 1 67  ? -7.371  1.978   -5.778  1.00 11.02 ? 67   ASN A O   1 
ATOM   380 C  CB  . ASN A 1 67  ? -5.909  4.024   -4.357  1.00 9.70  ? 67   ASN A CB  1 
ATOM   381 C  CG  . ASN A 1 67  ? -5.909  5.433   -3.770  1.00 12.99 ? 67   ASN A CG  1 
ATOM   382 O  OD1 . ASN A 1 67  ? -6.919  5.904   -3.247  1.00 16.03 ? 67   ASN A OD1 1 
ATOM   383 N  ND2 . ASN A 1 67  ? -4.776  6.114   -3.882  1.00 12.31 ? 67   ASN A ND2 1 
ATOM   384 N  N   . GLY A 1 68  ? -7.329  0.719   -3.922  1.00 5.92  ? 68   GLY A N   1 
ATOM   385 C  CA  . GLY A 1 68  ? -7.701  -0.491  -4.631  1.00 7.24  ? 68   GLY A CA  1 
ATOM   386 C  C   . GLY A 1 68  ? -6.810  -0.996  -5.735  1.00 9.92  ? 68   GLY A C   1 
ATOM   387 O  O   . GLY A 1 68  ? -7.304  -1.629  -6.651  1.00 12.44 ? 68   GLY A O   1 
ATOM   388 N  N   . HIS A 1 69  ? -5.507  -0.742  -5.642  1.00 9.99  ? 69   HIS A N   1 
ATOM   389 C  CA  . HIS A 1 69  ? -4.546  -1.174  -6.672  1.00 8.93  ? 69   HIS A CA  1 
ATOM   390 C  C   . HIS A 1 69  ? -4.030  -2.593  -6.414  1.00 11.07 ? 69   HIS A C   1 
ATOM   391 O  O   . HIS A 1 69  ? -2.978  -2.795  -5.798  1.00 9.29  ? 69   HIS A O   1 
ATOM   392 C  CB  . HIS A 1 69  ? -3.379  -0.176  -6.732  1.00 7.08  ? 69   HIS A CB  1 
ATOM   393 C  CG  . HIS A 1 69  ? -3.812  1.223   -7.047  1.00 6.47  ? 69   HIS A CG  1 
ATOM   394 N  ND1 . HIS A 1 69  ? -4.636  1.521   -8.112  1.00 6.28  ? 69   HIS A ND1 1 
ATOM   395 C  CD2 . HIS A 1 69  ? -3.500  2.405   -6.469  1.00 6.62  ? 69   HIS A CD2 1 
ATOM   396 C  CE1 . HIS A 1 69  ? -4.804  2.831   -8.185  1.00 6.75  ? 69   HIS A CE1 1 
ATOM   397 N  NE2 . HIS A 1 69  ? -4.123  3.390   -7.200  1.00 4.66  ? 69   HIS A NE2 1 
ATOM   398 N  N   . LEU A 1 70  ? -4.770  -3.566  -6.943  1.00 10.68 ? 70   LEU A N   1 
ATOM   399 C  CA  . LEU A 1 70  ? -4.468  -4.972  -6.749  1.00 13.78 ? 70   LEU A CA  1 
ATOM   400 C  C   . LEU A 1 70  ? -3.083  -5.419  -7.184  1.00 12.08 ? 70   LEU A C   1 
ATOM   401 O  O   . LEU A 1 70  ? -2.413  -6.118  -6.435  1.00 9.08  ? 70   LEU A O   1 
ATOM   402 C  CB  . LEU A 1 70  ? -5.541  -5.828  -7.434  1.00 11.07 ? 70   LEU A CB  1 
ATOM   403 C  CG  . LEU A 1 70  ? -6.983  -5.341  -7.231  1.00 10.41 ? 70   LEU A CG  1 
ATOM   404 C  CD1 . LEU A 1 70  ? -7.916  -6.344  -7.886  1.00 9.30  ? 70   LEU A CD1 1 
ATOM   405 C  CD2 . LEU A 1 70  ? -7.329  -5.208  -5.747  1.00 11.97 ? 70   LEU A CD2 1 
ATOM   406 N  N   . GLU A 1 71  ? -2.658  -4.995  -8.371  1.00 12.57 ? 71   GLU A N   1 
ATOM   407 C  CA  . GLU A 1 71  ? -1.353  -5.362  -8.914  1.00 15.23 ? 71   GLU A CA  1 
ATOM   408 C  C   . GLU A 1 71  ? -0.210  -4.874  -8.023  1.00 12.38 ? 71   GLU A C   1 
ATOM   409 O  O   . GLU A 1 71  ? 0.740   -5.622  -7.721  1.00 10.33 ? 71   GLU A O   1 
ATOM   410 C  CB  . GLU A 1 71  ? -1.192  -4.786  -10.314 1.00 20.12 ? 71   GLU A CB  1 
ATOM   411 C  CG  . GLU A 1 71  ? -0.818  -5.828  -11.357 1.00 34.52 ? 71   GLU A CG  1 
ATOM   412 C  CD  . GLU A 1 71  ? -2.032  -6.535  -11.965 1.00 39.60 ? 71   GLU A CD  1 
ATOM   413 O  OE1 . GLU A 1 71  ? -2.880  -7.062  -11.202 1.00 43.23 ? 71   GLU A OE1 1 
ATOM   414 O  OE2 . GLU A 1 71  ? -2.126  -6.573  -13.217 1.00 41.57 ? 71   GLU A OE2 1 
ATOM   415 N  N   . VAL A 1 72  ? -0.287  -3.615  -7.604  1.00 11.31 ? 72   VAL A N   1 
ATOM   416 C  CA  . VAL A 1 72  ? 0.749   -3.073  -6.728  1.00 13.32 ? 72   VAL A CA  1 
ATOM   417 C  C   . VAL A 1 72  ? 0.771   -3.852  -5.395  1.00 11.35 ? 72   VAL A C   1 
ATOM   418 O  O   . VAL A 1 72  ? 1.844   -4.179  -4.852  1.00 10.25 ? 72   VAL A O   1 
ATOM   419 C  CB  . VAL A 1 72  ? 0.524   -1.560  -6.489  1.00 9.18  ? 72   VAL A CB  1 
ATOM   420 C  CG1 . VAL A 1 72  ? 1.388   -1.074  -5.331  1.00 9.83  ? 72   VAL A CG1 1 
ATOM   421 C  CG2 . VAL A 1 72  ? 0.889   -0.785  -7.763  1.00 9.00  ? 72   VAL A CG2 1 
ATOM   422 N  N   . VAL A 1 73  ? -0.413  -4.162  -4.866  1.00 12.55 ? 73   VAL A N   1 
ATOM   423 C  CA  . VAL A 1 73  ? -0.461  -4.921  -3.627  1.00 12.27 ? 73   VAL A CA  1 
ATOM   424 C  C   . VAL A 1 73  ? 0.263   -6.260  -3.802  1.00 12.33 ? 73   VAL A C   1 
ATOM   425 O  O   . VAL A 1 73  ? 1.062   -6.649  -2.943  1.00 10.88 ? 73   VAL A O   1 
ATOM   426 C  CB  . VAL A 1 73  ? -1.920  -5.168  -3.145  1.00 9.39  ? 73   VAL A CB  1 
ATOM   427 C  CG1 . VAL A 1 73  ? -1.935  -6.232  -2.047  1.00 10.62 ? 73   VAL A CG1 1 
ATOM   428 C  CG2 . VAL A 1 73  ? -2.488  -3.870  -2.563  1.00 11.47 ? 73   VAL A CG2 1 
ATOM   429 N  N   . LYS A 1 74  ? 0.013   -6.957  -4.909  1.00 11.96 ? 74   LYS A N   1 
ATOM   430 C  CA  . LYS A 1 74  ? 0.696   -8.239  -5.139  1.00 14.65 ? 74   LYS A CA  1 
ATOM   431 C  C   . LYS A 1 74  ? 2.217   -8.073  -5.249  1.00 15.67 ? 74   LYS A C   1 
ATOM   432 O  O   . LYS A 1 74  ? 2.983   -8.874  -4.698  1.00 12.90 ? 74   LYS A O   1 
ATOM   433 C  CB  . LYS A 1 74  ? 0.160   -8.913  -6.398  1.00 16.26 ? 74   LYS A CB  1 
ATOM   434 C  CG  . LYS A 1 74  ? -1.325  -9.242  -6.349  1.00 19.67 ? 74   LYS A CG  1 
ATOM   435 C  CD  . LYS A 1 74  ? -1.810  -9.731  -7.710  1.00 28.25 ? 74   LYS A CD  1 
ATOM   436 C  CE  . LYS A 1 74  ? -3.319  -9.599  -7.846  1.00 32.80 ? 74   LYS A CE  1 
ATOM   437 N  NZ  . LYS A 1 74  ? -3.787  -9.745  -9.260  1.00 34.55 ? 74   LYS A NZ  1 
ATOM   438 N  N   . LEU A 1 75  ? 2.669   -7.028  -5.940  1.00 13.97 ? 75   LEU A N   1 
ATOM   439 C  CA  . LEU A 1 75  ? 4.106   -6.806  -6.084  1.00 13.23 ? 75   LEU A CA  1 
ATOM   440 C  C   . LEU A 1 75  ? 4.783   -6.514  -4.745  1.00 12.48 ? 75   LEU A C   1 
ATOM   441 O  O   . LEU A 1 75  ? 5.874   -7.032  -4.461  1.00 11.50 ? 75   LEU A O   1 
ATOM   442 C  CB  . LEU A 1 75  ? 4.382   -5.648  -7.038  1.00 14.67 ? 75   LEU A CB  1 
ATOM   443 C  CG  . LEU A 1 75  ? 4.243   -5.910  -8.535  1.00 17.84 ? 75   LEU A CG  1 
ATOM   444 C  CD1 . LEU A 1 75  ? 4.403   -4.578  -9.310  1.00 16.57 ? 75   LEU A CD1 1 
ATOM   445 C  CD2 . LEU A 1 75  ? 5.321   -6.910  -8.986  1.00 18.15 ? 75   LEU A CD2 1 
ATOM   446 N  N   . LEU A 1 76  ? 4.140   -5.682  -3.924  1.00 9.95  ? 76   LEU A N   1 
ATOM   447 C  CA  . LEU A 1 76  ? 4.691   -5.341  -2.625  1.00 12.23 ? 76   LEU A CA  1 
ATOM   448 C  C   . LEU A 1 76  ? 4.788   -6.591  -1.753  1.00 11.34 ? 76   LEU A C   1 
ATOM   449 O  O   . LEU A 1 76  ? 5.807   -6.816  -1.116  1.00 14.99 ? 76   LEU A O   1 
ATOM   450 C  CB  . LEU A 1 76  ? 3.835   -4.250  -1.947  1.00 10.31 ? 76   LEU A CB  1 
ATOM   451 C  CG  . LEU A 1 76  ? 3.842   -2.912  -2.725  1.00 12.05 ? 76   LEU A CG  1 
ATOM   452 C  CD1 . LEU A 1 76  ? 2.666   -2.048  -2.309  1.00 13.03 ? 76   LEU A CD1 1 
ATOM   453 C  CD2 . LEU A 1 76  ? 5.160   -2.172  -2.476  1.00 16.02 ? 76   LEU A CD2 1 
ATOM   454 N  N   . LEU A 1 77  ? 3.733   -7.398  -1.732  1.00 12.70 ? 77   LEU A N   1 
ATOM   455 C  CA  . LEU A 1 77  ? 3.749   -8.603  -0.926  1.00 14.99 ? 77   LEU A CA  1 
ATOM   456 C  C   . LEU A 1 77  ? 4.859   -9.546  -1.392  1.00 16.66 ? 77   LEU A C   1 
ATOM   457 O  O   . LEU A 1 77  ? 5.572   -10.136 -0.575  1.00 17.02 ? 77   LEU A O   1 
ATOM   458 C  CB  . LEU A 1 77  ? 2.392   -9.325  -0.993  1.00 14.28 ? 77   LEU A CB  1 
ATOM   459 C  CG  . LEU A 1 77  ? 1.188   -8.639  -0.319  1.00 18.24 ? 77   LEU A CG  1 
ATOM   460 C  CD1 . LEU A 1 77  ? -0.062  -9.480  -0.498  1.00 17.11 ? 77   LEU A CD1 1 
ATOM   461 C  CD2 . LEU A 1 77  ? 1.470   -8.425  1.160   1.00 17.73 ? 77   LEU A CD2 1 
ATOM   462 N  N   . GLU A 1 78  ? 5.023   -9.677  -2.702  1.00 17.67 ? 78   GLU A N   1 
ATOM   463 C  CA  . GLU A 1 78  ? 6.047   -10.566 -3.219  1.00 21.48 ? 78   GLU A CA  1 
ATOM   464 C  C   . GLU A 1 78  ? 7.429   -10.043 -2.916  1.00 20.89 ? 78   GLU A C   1 
ATOM   465 O  O   . GLU A 1 78  ? 8.387   -10.817 -2.831  1.00 20.48 ? 78   GLU A O   1 
ATOM   466 C  CB  . GLU A 1 78  ? 5.845   -10.780 -4.713  1.00 22.21 ? 78   GLU A CB  1 
ATOM   467 C  CG  . GLU A 1 78  ? 4.486   -11.400 -4.973  1.00 30.16 ? 78   GLU A CG  1 
ATOM   468 C  CD  . GLU A 1 78  ? 4.373   -12.057 -6.322  1.00 32.65 ? 78   GLU A CD  1 
ATOM   469 O  OE2 . GLU A 1 78  ? 3.252   -12.060 -6.876  1.00 35.61 ? 78   GLU A OE2 1 
ATOM   470 N  N   . ALA A 1 79  ? 7.542   -8.735  -2.733  1.00 18.72 ? 79   ALA A N   1 
ATOM   471 C  CA  . ALA A 1 79  ? 8.834   -8.158  -2.422  1.00 19.62 ? 79   ALA A CA  1 
ATOM   472 C  C   . ALA A 1 79  ? 9.095   -8.243  -0.928  1.00 19.12 ? 79   ALA A C   1 
ATOM   473 O  O   . ALA A 1 79  ? 10.112  -7.768  -0.444  1.00 21.37 ? 79   ALA A O   1 
ATOM   474 C  CB  . ALA A 1 79  ? 8.910   -6.706  -2.908  1.00 17.78 ? 79   ALA A CB  1 
ATOM   475 N  N   . GLY A 1 80  ? 8.158   -8.826  -0.186  1.00 20.27 ? 80   GLY A N   1 
ATOM   476 C  CA  . GLY A 1 80  ? 8.364   -8.967  1.242   1.00 18.82 ? 80   GLY A CA  1 
ATOM   477 C  C   . GLY A 1 80  ? 7.779   -7.917  2.165   1.00 18.57 ? 80   GLY A C   1 
ATOM   478 O  O   . GLY A 1 80  ? 8.225   -7.767  3.311   1.00 19.19 ? 80   GLY A O   1 
ATOM   479 N  N   . ALA A 1 81  ? 6.783   -7.175  1.698   1.00 15.24 ? 81   ALA A N   1 
ATOM   480 C  CA  . ALA A 1 81  ? 6.179   -6.174  2.566   1.00 12.57 ? 81   ALA A CA  1 
ATOM   481 C  C   . ALA A 1 81  ? 5.389   -6.888  3.673   1.00 11.39 ? 81   ALA A C   1 
ATOM   482 O  O   . ALA A 1 81  ? 4.822   -7.957  3.442   1.00 10.51 ? 81   ALA A O   1 
ATOM   483 C  CB  . ALA A 1 81  ? 5.261   -5.265  1.756   1.00 10.94 ? 81   ALA A CB  1 
ATOM   484 N  N   . ASP A 1 82  ? 5.380   -6.311  4.872   1.00 12.73 ? 82   ASP A N   1 
ATOM   485 C  CA  . ASP A 1 82  ? 4.639   -6.878  6.008   1.00 13.49 ? 82   ASP A CA  1 
ATOM   486 C  C   . ASP A 1 82  ? 3.136   -6.714  5.762   1.00 11.99 ? 82   ASP A C   1 
ATOM   487 O  O   . ASP A 1 82  ? 2.586   -5.611  5.866   1.00 11.37 ? 82   ASP A O   1 
ATOM   488 C  CB  . ASP A 1 82  ? 5.027   -6.144  7.286   1.00 16.53 ? 82   ASP A CB  1 
ATOM   489 C  CG  . ASP A 1 82  ? 4.311   -6.674  8.506   1.00 17.88 ? 82   ASP A CG  1 
ATOM   490 O  OD1 . ASP A 1 82  ? 3.597   -7.682  8.395   1.00 17.19 ? 82   ASP A OD1 1 
ATOM   491 O  OD2 . ASP A 1 82  ? 4.453   -6.067  9.583   1.00 20.95 ? 82   ASP A OD2 1 
ATOM   492 N  N   . VAL A 1 83  ? 2.467   -7.809  5.443   1.00 11.85 ? 83   VAL A N   1 
ATOM   493 C  CA  . VAL A 1 83  ? 1.047   -7.742  5.161   1.00 10.59 ? 83   VAL A CA  1 
ATOM   494 C  C   . VAL A 1 83  ? 0.258   -7.292  6.383   1.00 12.24 ? 83   VAL A C   1 
ATOM   495 O  O   . VAL A 1 83  ? -0.828  -6.769  6.248   1.00 12.10 ? 83   VAL A O   1 
ATOM   496 C  CB  . VAL A 1 83  ? 0.529   -9.120  4.628   1.00 12.63 ? 83   VAL A CB  1 
ATOM   497 C  CG1 . VAL A 1 83  ? 0.448   -10.148 5.755   1.00 11.62 ? 83   VAL A CG1 1 
ATOM   498 C  CG2 . VAL A 1 83  ? -0.823  -8.943  3.960   1.00 10.66 ? 83   VAL A CG2 1 
HETATM 499 N  N   . AHB A 1 84  ? 0.819   -7.451  7.578   1.00 11.72 ? 84   AHB A N   1 
HETATM 500 C  CA  . AHB A 1 84  ? 0.096   -7.077  8.784   1.00 10.89 ? 84   AHB A CA  1 
HETATM 501 C  CB  . AHB A 1 84  ? 0.262   -8.154  9.899   1.00 9.61  ? 84   AHB A CB  1 
HETATM 502 O  OB  . AHB A 1 84  ? 1.612   -8.176  10.352  1.00 8.91  ? 84   AHB A OB  1 
HETATM 503 C  CG  . AHB A 1 84  ? -0.104  -9.519  9.336   1.00 10.95 ? 84   AHB A CG  1 
HETATM 504 O  OD1 . AHB A 1 84  ? -1.236  -9.794  8.959   1.00 6.63  ? 84   AHB A OD1 1 
HETATM 505 N  ND2 . AHB A 1 84  ? 0.900   -10.403 9.340   1.00 8.53  ? 84   AHB A ND2 1 
HETATM 506 C  C   . AHB A 1 84  ? 0.502   -5.712  9.364   1.00 12.59 ? 84   AHB A C   1 
HETATM 507 O  O   . AHB A 1 84  ? 0.075   -5.370  10.464  1.00 13.55 ? 84   AHB A O   1 
ATOM   508 N  N   . ALA A 1 85  ? 1.322   -4.943  8.648   1.00 9.00  ? 85   ALA A N   1 
ATOM   509 C  CA  . ALA A 1 85  ? 1.711   -3.627  9.162   1.00 11.29 ? 85   ALA A CA  1 
ATOM   510 C  C   . ALA A 1 85  ? 0.454   -2.797  9.467   1.00 11.40 ? 85   ALA A C   1 
ATOM   511 O  O   . ALA A 1 85  ? -0.545  -2.824  8.728   1.00 10.55 ? 85   ALA A O   1 
ATOM   512 C  CB  . ALA A 1 85  ? 2.591   -2.889  8.159   1.00 9.85  ? 85   ALA A CB  1 
ATOM   513 N  N   . GLN A 1 86  ? 0.509   -2.054  10.562  1.00 12.30 ? 86   GLN A N   1 
ATOM   514 C  CA  . GLN A 1 86  ? -0.617  -1.231  10.974  1.00 14.06 ? 86   GLN A CA  1 
ATOM   515 C  C   . GLN A 1 86  ? -0.323  0.248   10.827  1.00 14.06 ? 86   GLN A C   1 
ATOM   516 O  O   . GLN A 1 86  ? 0.775   0.677   11.126  1.00 14.51 ? 86   GLN A O   1 
ATOM   517 C  CB  . GLN A 1 86  ? -0.977  -1.528  12.428  1.00 14.23 ? 86   GLN A CB  1 
ATOM   518 C  CG  . GLN A 1 86  ? -1.632  -2.873  12.631  1.00 18.81 ? 86   GLN A CG  1 
ATOM   519 C  CD  . GLN A 1 86  ? -1.928  -3.139  14.095  1.00 22.26 ? 86   GLN A CD  1 
ATOM   520 O  OE1 . GLN A 1 86  ? -2.577  -2.331  14.758  1.00 23.22 ? 86   GLN A OE1 1 
ATOM   521 N  NE2 . GLN A 1 86  ? -1.455  -4.269  14.604  1.00 17.95 ? 86   GLN A NE2 1 
ATOM   522 N  N   . ASP A 1 87  ? -1.300  1.023   10.365  1.00 14.08 ? 87   ASP A N   1 
ATOM   523 C  CA  . ASP A 1 87  ? -1.081  2.463   10.251  1.00 16.54 ? 87   ASP A CA  1 
ATOM   524 C  C   . ASP A 1 87  ? -1.346  3.096   11.633  1.00 18.03 ? 87   ASP A C   1 
ATOM   525 O  O   . ASP A 1 87  ? -1.544  2.376   12.612  1.00 15.19 ? 87   ASP A O   1 
ATOM   526 C  CB  . ASP A 1 87  ? -1.970  3.083   9.143   1.00 16.35 ? 87   ASP A CB  1 
ATOM   527 C  CG  . ASP A 1 87  ? -3.464  2.981   9.428   1.00 17.39 ? 87   ASP A CG  1 
ATOM   528 O  OD1 . ASP A 1 87  ? -3.872  2.712   10.579  1.00 16.38 ? 87   ASP A OD1 1 
ATOM   529 O  OD2 . ASP A 1 87  ? -4.250  3.198   8.479   1.00 16.14 ? 87   ASP A OD2 1 
ATOM   530 N  N   . LYS A 1 88  ? -1.336  4.419   11.723  1.00 20.55 ? 88   LYS A N   1 
ATOM   531 C  CA  . LYS A 1 88  ? -1.565  5.086   13.003  1.00 22.77 ? 88   LYS A CA  1 
ATOM   532 C  C   . LYS A 1 88  ? -2.922  4.810   13.594  1.00 22.29 ? 88   LYS A C   1 
ATOM   533 O  O   . LYS A 1 88  ? -3.136  5.025   14.780  1.00 22.79 ? 88   LYS A O   1 
ATOM   534 C  CB  . LYS A 1 88  ? -1.390  6.602   12.867  1.00 25.73 ? 88   LYS A CB  1 
ATOM   535 C  CG  . LYS A 1 88  ? 0.058   7.052   12.758  1.00 29.47 ? 88   LYS A CG  1 
ATOM   536 N  N   . PHE A 1 89  ? -3.844  4.338   12.769  1.00 21.23 ? 89   PHE A N   1 
ATOM   537 C  CA  . PHE A 1 89  ? -5.193  4.048   13.236  1.00 24.61 ? 89   PHE A CA  1 
ATOM   538 C  C   . PHE A 1 89  ? -5.323  2.592   13.679  1.00 23.48 ? 89   PHE A C   1 
ATOM   539 O  O   . PHE A 1 89  ? -6.388  2.166   14.103  1.00 24.09 ? 89   PHE A O   1 
ATOM   540 C  CB  . PHE A 1 89  ? -6.201  4.338   12.119  1.00 26.00 ? 89   PHE A CB  1 
ATOM   541 C  CG  . PHE A 1 89  ? -6.064  5.722   11.520  1.00 30.70 ? 89   PHE A CG  1 
ATOM   542 N  N   . GLY A 1 90  ? -4.241  1.828   13.580  1.00 21.80 ? 90   GLY A N   1 
ATOM   543 C  CA  . GLY A 1 90  ? -4.291  0.423   13.970  1.00 19.95 ? 90   GLY A CA  1 
ATOM   544 C  C   . GLY A 1 90  ? -4.861  -0.443  12.860  1.00 20.53 ? 90   GLY A C   1 
ATOM   545 O  O   . GLY A 1 90  ? -5.250  -1.586  13.090  1.00 20.21 ? 90   GLY A O   1 
ATOM   546 N  N   . LYS A 1 91  ? -4.906  0.080   11.639  1.00 17.83 ? 91   LYS A N   1 
ATOM   547 C  CA  . LYS A 1 91  ? -5.469  -0.680  10.537  1.00 16.36 ? 91   LYS A CA  1 
ATOM   548 C  C   . LYS A 1 91  ? -4.420  -1.283  9.615   1.00 14.05 ? 91   LYS A C   1 
ATOM   549 O  O   . LYS A 1 91  ? -3.396  -0.664  9.347   1.00 12.38 ? 91   LYS A O   1 
ATOM   550 C  CB  . LYS A 1 91  ? -6.418  0.206   9.719   1.00 20.35 ? 91   LYS A CB  1 
ATOM   551 C  CG  . LYS A 1 91  ? -7.554  0.796   10.565  1.00 21.53 ? 91   LYS A CG  1 
ATOM   552 C  CD  . LYS A 1 91  ? -8.690  1.343   9.724   1.00 22.76 ? 91   LYS A CD  1 
ATOM   553 C  CE  . LYS A 1 91  ? -9.877  1.740   10.611  1.00 22.75 ? 91   LYS A CE  1 
ATOM   554 N  NZ  . LYS A 1 91  ? -10.369 0.549   11.387  1.00 24.23 ? 91   LYS A NZ  1 
ATOM   555 N  N   . THR A 1 92  ? -4.694  -2.504  9.161   1.00 10.27 ? 92   THR A N   1 
ATOM   556 C  CA  . THR A 1 92  ? -3.833  -3.226  8.219   1.00 9.72  ? 92   THR A CA  1 
ATOM   557 C  C   . THR A 1 92  ? -4.471  -2.955  6.852   1.00 11.78 ? 92   THR A C   1 
ATOM   558 O  O   . THR A 1 92  ? -5.569  -2.406  6.770   1.00 11.23 ? 92   THR A O   1 
ATOM   559 C  CB  . THR A 1 92  ? -3.907  -4.765  8.392   1.00 10.62 ? 92   THR A CB  1 
ATOM   560 O  OG1 . THR A 1 92  ? -5.275  -5.191  8.233   1.00 12.34 ? 92   THR A OG1 1 
ATOM   561 C  CG2 . THR A 1 92  ? -3.407  -5.211  9.776   1.00 7.82  ? 92   THR A CG2 1 
ATOM   562 N  N   . ALA A 1 93  ? -3.777  -3.351  5.791   1.00 10.51 ? 93   ALA A N   1 
ATOM   563 C  CA  . ALA A 1 93  ? -4.298  -3.200  4.442   1.00 9.26  ? 93   ALA A CA  1 
ATOM   564 C  C   . ALA A 1 93  ? -5.636  -3.938  4.324   1.00 9.65  ? 93   ALA A C   1 
ATOM   565 O  O   . ALA A 1 93  ? -6.567  -3.467  3.651   1.00 10.39 ? 93   ALA A O   1 
ATOM   566 C  CB  . ALA A 1 93  ? -3.292  -3.764  3.453   1.00 7.19  ? 93   ALA A CB  1 
ATOM   567 N  N   . PHE A 1 94  ? -5.743  -5.089  4.991   1.00 9.41  ? 94   PHE A N   1 
ATOM   568 C  CA  . PHE A 1 94  ? -6.962  -5.879  4.947   1.00 10.36 ? 94   PHE A CA  1 
ATOM   569 C  C   . PHE A 1 94  ? -8.095  -5.099  5.588   1.00 10.22 ? 94   PHE A C   1 
ATOM   570 O  O   . PHE A 1 94  ? -9.190  -5.026  5.041   1.00 10.53 ? 94   PHE A O   1 
ATOM   571 C  CB  . PHE A 1 94  ? -6.789  -7.203  5.683   1.00 9.57  ? 94   PHE A CB  1 
ATOM   572 C  CG  . PHE A 1 94  ? -8.063  -7.996  5.813   1.00 8.34  ? 94   PHE A CG  1 
ATOM   573 C  CD1 . PHE A 1 94  ? -8.466  -8.860  4.786   1.00 12.47 ? 94   PHE A CD1 1 
ATOM   574 C  CD2 . PHE A 1 94  ? -8.848  -7.898  6.966   1.00 10.75 ? 94   PHE A CD2 1 
ATOM   575 C  CE1 . PHE A 1 94  ? -9.642  -9.622  4.906   1.00 11.55 ? 94   PHE A CE1 1 
ATOM   576 C  CE2 . PHE A 1 94  ? -10.020 -8.643  7.097   1.00 12.28 ? 94   PHE A CE2 1 
ATOM   577 C  CZ  . PHE A 1 94  ? -10.419 -9.512  6.063   1.00 9.12  ? 94   PHE A CZ  1 
ATOM   578 N  N   . ASP A 1 95  ? -7.836  -4.522  6.750   1.00 10.58 ? 95   ASP A N   1 
ATOM   579 C  CA  . ASP A 1 95  ? -8.870  -3.738  7.419   1.00 10.12 ? 95   ASP A CA  1 
ATOM   580 C  C   . ASP A 1 95  ? -9.358  -2.636  6.483   1.00 10.93 ? 95   ASP A C   1 
ATOM   581 O  O   . ASP A 1 95  ? -10.567 -2.374  6.377   1.00 9.92  ? 95   ASP A O   1 
ATOM   582 C  CB  . ASP A 1 95  ? -8.317  -3.125  8.704   1.00 11.19 ? 95   ASP A CB  1 
ATOM   583 C  CG  . ASP A 1 95  ? -7.876  -4.184  9.699   1.00 11.54 ? 95   ASP A CG  1 
ATOM   584 O  OD1 . ASP A 1 95  ? -8.465  -5.289  9.671   1.00 11.05 ? 95   ASP A OD1 1 
ATOM   585 O  OD2 . ASP A 1 95  ? -6.969  -3.908  10.507  1.00 11.09 ? 95   ASP A OD2 1 
ATOM   586 N  N   . ILE A 1 96  ? -8.417  -2.018  5.780   1.00 12.96 ? 96   ILE A N   1 
ATOM   587 C  CA  . ILE A 1 96  ? -8.771  -0.951  4.853   1.00 12.40 ? 96   ILE A CA  1 
ATOM   588 C  C   . ILE A 1 96  ? -9.708  -1.487  3.777   1.00 14.68 ? 96   ILE A C   1 
ATOM   589 O  O   . ILE A 1 96  ? -10.750 -0.861  3.490   1.00 13.21 ? 96   ILE A O   1 
ATOM   590 C  CB  . ILE A 1 96  ? -7.518  -0.335  4.229   1.00 13.29 ? 96   ILE A CB  1 
ATOM   591 C  CG1 . ILE A 1 96  ? -6.769  0.460   5.320   1.00 14.48 ? 96   ILE A CG1 1 
ATOM   592 C  CG2 . ILE A 1 96  ? -7.898  0.575   3.025   1.00 16.33 ? 96   ILE A CG2 1 
ATOM   593 C  CD1 . ILE A 1 96  ? -5.358  0.820   4.959   1.00 16.71 ? 96   ILE A CD1 1 
ATOM   594 N  N   . SER A 1 97  ? -9.351  -2.632  3.193   1.00 9.31  ? 97   SER A N   1 
ATOM   595 C  CA  . SER A 1 97  ? -10.159 -3.233  2.138   1.00 11.24 ? 97   SER A CA  1 
ATOM   596 C  C   . SER A 1 97  ? -11.548 -3.541  2.663   1.00 12.87 ? 97   SER A C   1 
ATOM   597 O  O   . SER A 1 97  ? -12.528 -3.460  1.913   1.00 13.55 ? 97   SER A O   1 
ATOM   598 C  CB  . SER A 1 97  ? -9.521  -4.526  1.622   1.00 11.85 ? 97   SER A CB  1 
ATOM   599 O  OG  . SER A 1 97  ? -9.794  -5.639  2.470   1.00 14.30 ? 97   SER A OG  1 
ATOM   600 N  N   . ILE A 1 98  ? -11.643 -3.925  3.936   1.00 10.10 ? 98   ILE A N   1 
ATOM   601 C  CA  . ILE A 1 98  ? -12.959 -4.189  4.506   1.00 12.56 ? 98   ILE A CA  1 
ATOM   602 C  C   . ILE A 1 98  ? -13.744 -2.870  4.662   1.00 11.91 ? 98   ILE A C   1 
ATOM   603 O  O   . ILE A 1 98  ? -14.904 -2.786  4.261   1.00 13.49 ? 98   ILE A O   1 
ATOM   604 C  CB  . ILE A 1 98  ? -12.844 -4.879  5.878   1.00 11.45 ? 98   ILE A CB  1 
ATOM   605 C  CG1 . ILE A 1 98  ? -12.264 -6.296  5.692   1.00 13.94 ? 98   ILE A CG1 1 
ATOM   606 C  CG2 . ILE A 1 98  ? -14.201 -4.875  6.571   1.00 13.27 ? 98   ILE A CG2 1 
ATOM   607 C  CD1 . ILE A 1 98  ? -13.034 -7.167  4.676   1.00 15.59 ? 98   ILE A CD1 1 
ATOM   608 N  N   . ASP A 1 99  ? -13.119 -1.844  5.243   1.00 11.32 ? 99   ASP A N   1 
ATOM   609 C  CA  . ASP A 1 99  ? -13.799 -0.564  5.404   1.00 14.03 ? 99   ASP A CA  1 
ATOM   610 C  C   . ASP A 1 99  ? -14.270 0.022   4.077   1.00 14.75 ? 99   ASP A C   1 
ATOM   611 O  O   . ASP A 1 99  ? -15.368 0.593   3.999   1.00 11.94 ? 99   ASP A O   1 
ATOM   612 C  CB  . ASP A 1 99  ? -12.881 0.447   6.081   1.00 14.06 ? 99   ASP A CB  1 
ATOM   613 C  CG  . ASP A 1 99  ? -12.585 0.086   7.521   1.00 18.79 ? 99   ASP A CG  1 
ATOM   614 O  OD1 . ASP A 1 99  ? -13.331 -0.734  8.107   1.00 20.94 ? 99   ASP A OD1 1 
ATOM   615 O  OD2 . ASP A 1 99  ? -11.612 0.634   8.067   1.00 21.40 ? 99   ASP A OD2 1 
ATOM   616 N  N   . ASN A 1 100 ? -13.444 -0.114  3.036   1.00 13.21 ? 100  ASN A N   1 
ATOM   617 C  CA  . ASN A 1 100 ? -13.781 0.436   1.715   1.00 13.81 ? 100  ASN A CA  1 
ATOM   618 C  C   . ASN A 1 100 ? -14.714 -0.435  0.912   1.00 13.39 ? 100  ASN A C   1 
ATOM   619 O  O   . ASN A 1 100 ? -15.247 -0.001  -0.111  1.00 12.87 ? 100  ASN A O   1 
ATOM   620 C  CB  . ASN A 1 100 ? -12.530 0.662   0.880   1.00 14.34 ? 100  ASN A CB  1 
ATOM   621 C  CG  . ASN A 1 100 ? -11.631 1.723   1.461   1.00 15.02 ? 100  ASN A CG  1 
ATOM   622 O  OD1 . ASN A 1 100 ? -11.979 2.405   2.435   1.00 14.23 ? 100  ASN A OD1 1 
ATOM   623 N  ND2 . ASN A 1 100 ? -10.470 1.878   0.865   1.00 13.79 ? 100  ASN A ND2 1 
ATOM   624 N  N   . GLY A 1 101 ? -14.917 -1.662  1.372   1.00 11.94 ? 101  GLY A N   1 
ATOM   625 C  CA  . GLY A 1 101 ? -15.810 -2.547  0.659   1.00 14.34 ? 101  GLY A CA  1 
ATOM   626 C  C   . GLY A 1 101 ? -15.220 -3.103  -0.619  1.00 14.22 ? 101  GLY A C   1 
ATOM   627 O  O   . GLY A 1 101 ? -15.948 -3.320  -1.593  1.00 15.97 ? 101  GLY A O   1 
ATOM   628 N  N   . ASN A 1 102 ? -13.911 -3.332  -0.643  1.00 10.28 ? 102  ASN A N   1 
ATOM   629 C  CA  . ASN A 1 102 ? -13.306 -3.902  -1.845  1.00 11.04 ? 102  ASN A CA  1 
ATOM   630 C  C   . ASN A 1 102 ? -12.956 -5.363  -1.583  1.00 12.43 ? 102  ASN A C   1 
ATOM   631 O  O   . ASN A 1 102 ? -11.868 -5.692  -1.097  1.00 11.90 ? 102  ASN A O   1 
ATOM   632 C  CB  . ASN A 1 102 ? -12.049 -3.136  -2.273  1.00 6.33  ? 102  ASN A CB  1 
ATOM   633 C  CG  . ASN A 1 102 ? -11.465 -3.685  -3.570  1.00 9.75  ? 102  ASN A CG  1 
ATOM   634 O  OD1 . ASN A 1 102 ? -11.770 -4.821  -3.953  1.00 8.38  ? 102  ASN A OD1 1 
ATOM   635 N  ND2 . ASN A 1 102 ? -10.635 -2.891  -4.251  1.00 8.73  ? 102  ASN A ND2 1 
ATOM   636 N  N   . GLU A 1 103 ? -13.900 -6.238  -1.903  1.00 12.29 ? 103  GLU A N   1 
ATOM   637 C  CA  . GLU A 1 103 ? -13.732 -7.655  -1.697  1.00 14.20 ? 103  GLU A CA  1 
ATOM   638 C  C   . GLU A 1 103 ? -12.651 -8.262  -2.585  1.00 14.55 ? 103  GLU A C   1 
ATOM   639 O  O   . GLU A 1 103 ? -12.022 -9.254  -2.199  1.00 14.13 ? 103  GLU A O   1 
ATOM   640 C  CB  . GLU A 1 103 ? -15.071 -8.362  -1.924  1.00 17.81 ? 103  GLU A CB  1 
ATOM   641 C  CG  . GLU A 1 103 ? -15.197 -9.686  -1.210  1.00 27.06 ? 103  GLU A CG  1 
ATOM   642 C  CD  . GLU A 1 103 ? -15.413 -9.533  0.296   1.00 32.37 ? 103  GLU A CD  1 
ATOM   643 O  OE1 . GLU A 1 103 ? -14.580 -8.899  0.983   1.00 33.58 ? 103  GLU A OE1 1 
ATOM   644 N  N   . ASP A 1 104 ? -12.421 -7.692  -3.770  1.00 13.28 ? 104  ASP A N   1 
ATOM   645 C  CA  . ASP A 1 104 ? -11.370 -8.217  -4.645  1.00 13.55 ? 104  ASP A CA  1 
ATOM   646 C  C   . ASP A 1 104 ? -10.025 -8.114  -3.902  1.00 14.50 ? 104  ASP A C   1 
ATOM   647 O  O   . ASP A 1 104 ? -9.200  -9.036  -3.920  1.00 14.10 ? 104  ASP A O   1 
ATOM   648 C  CB  . ASP A 1 104 ? -11.273 -7.405  -5.937  1.00 12.78 ? 104  ASP A CB  1 
ATOM   649 C  CG  . ASP A 1 104 ? -12.421 -7.685  -6.908  1.00 14.57 ? 104  ASP A CG  1 
ATOM   650 O  OD1 . ASP A 1 104 ? -13.065 -8.756  -6.831  1.00 17.35 ? 104  ASP A OD1 1 
ATOM   651 O  OD2 . ASP A 1 104 ? -12.655 -6.842  -7.785  1.00 11.08 ? 104  ASP A OD2 1 
ATOM   652 N  N   . LEU A 1 105 ? -9.830  -6.977  -3.243  1.00 11.02 ? 105  LEU A N   1 
ATOM   653 C  CA  . LEU A 1 105 ? -8.615  -6.703  -2.494  1.00 10.07 ? 105  LEU A CA  1 
ATOM   654 C  C   . LEU A 1 105 ? -8.508  -7.562  -1.235  1.00 10.40 ? 105  LEU A C   1 
ATOM   655 O  O   . LEU A 1 105 ? -7.437  -8.125  -0.950  1.00 10.33 ? 105  LEU A O   1 
ATOM   656 C  CB  . LEU A 1 105 ? -8.578  -5.218  -2.137  1.00 8.66  ? 105  LEU A CB  1 
ATOM   657 C  CG  . LEU A 1 105 ? -7.480  -4.709  -1.211  1.00 12.10 ? 105  LEU A CG  1 
ATOM   658 C  CD1 . LEU A 1 105 ? -6.108  -5.092  -1.757  1.00 13.53 ? 105  LEU A CD1 1 
ATOM   659 C  CD2 . LEU A 1 105 ? -7.607  -3.196  -1.066  1.00 9.88  ? 105  LEU A CD2 1 
ATOM   660 N  N   . ALA A 1 106 ? -9.605  -7.653  -0.480  1.00 13.24 ? 106  ALA A N   1 
ATOM   661 C  CA  . ALA A 1 106 ? -9.637  -8.443  0.750   1.00 13.96 ? 106  ALA A CA  1 
ATOM   662 C  C   . ALA A 1 106 ? -9.281  -9.902  0.458   1.00 14.81 ? 106  ALA A C   1 
ATOM   663 O  O   . ALA A 1 106 ? -8.548  -10.535 1.225   1.00 13.13 ? 106  ALA A O   1 
ATOM   664 C  CB  . ALA A 1 106 ? -11.017 -8.350  1.393   1.00 13.60 ? 106  ALA A CB  1 
ATOM   665 N  N   . GLU A 1 107 ? -9.798  -10.437 -0.644  1.00 13.03 ? 107  GLU A N   1 
ATOM   666 C  CA  . GLU A 1 107 ? -9.488  -11.820 -1.009  1.00 13.94 ? 107  GLU A CA  1 
ATOM   667 C  C   . GLU A 1 107 ? -7.981  -11.995 -1.248  1.00 15.68 ? 107  GLU A C   1 
ATOM   668 O  O   . GLU A 1 107 ? -7.408  -13.022 -0.931  1.00 15.22 ? 107  GLU A O   1 
ATOM   669 C  CB  . GLU A 1 107 ? -10.295 -12.224 -2.243  1.00 17.01 ? 107  GLU A CB  1 
ATOM   670 C  CG  . GLU A 1 107 ? -11.766 -12.321 -1.928  1.00 15.96 ? 107  GLU A CG  1 
ATOM   671 C  CD  . GLU A 1 107 ? -12.634 -12.433 -3.174  1.00 17.24 ? 107  GLU A CD  1 
ATOM   672 O  OE1 . GLU A 1 107 ? -13.843 -12.614 -3.026  1.00 18.93 ? 107  GLU A OE1 1 
ATOM   673 O  OE2 . GLU A 1 107 ? -12.112 -12.335 -4.297  1.00 17.35 ? 107  GLU A OE2 1 
ATOM   674 N  N   . ILE A 1 108 ? -7.329  -10.976 -1.787  1.00 16.00 ? 108  ILE A N   1 
ATOM   675 C  CA  . ILE A 1 108 ? -5.901  -11.051 -2.011  1.00 15.81 ? 108  ILE A CA  1 
ATOM   676 C  C   . ILE A 1 108 ? -5.127  -10.982 -0.678  1.00 17.34 ? 108  ILE A C   1 
ATOM   677 O  O   . ILE A 1 108 ? -4.075  -11.607 -0.524  1.00 15.85 ? 108  ILE A O   1 
ATOM   678 C  CB  . ILE A 1 108 ? -5.431  -9.900  -2.930  1.00 20.12 ? 108  ILE A CB  1 
ATOM   679 C  CG1 . ILE A 1 108 ? -5.979  -10.126 -4.345  1.00 19.18 ? 108  ILE A CG1 1 
ATOM   680 C  CG2 . ILE A 1 108 ? -3.912  -9.810  -2.911  1.00 19.64 ? 108  ILE A CG2 1 
ATOM   681 C  CD1 . ILE A 1 108 ? -5.770  -8.938  -5.266  1.00 21.62 ? 108  ILE A CD1 1 
ATOM   682 N  N   . LEU A 1 109 ? -5.634  -10.225 0.289   1.00 15.18 ? 109  LEU A N   1 
ATOM   683 C  CA  . LEU A 1 109 ? -4.913  -10.086 1.557   1.00 17.90 ? 109  LEU A CA  1 
ATOM   684 C  C   . LEU A 1 109 ? -5.305  -11.125 2.599   1.00 20.86 ? 109  LEU A C   1 
ATOM   685 O  O   . LEU A 1 109 ? -4.694  -11.185 3.673   1.00 24.26 ? 109  LEU A O   1 
ATOM   686 C  CB  . LEU A 1 109 ? -5.126  -8.682  2.114   1.00 13.47 ? 109  LEU A CB  1 
ATOM   687 C  CG  . LEU A 1 109 ? -4.632  -7.540  1.218   1.00 10.31 ? 109  LEU A CG  1 
ATOM   688 C  CD1 . LEU A 1 109 ? -5.406  -6.278  1.551   1.00 9.93  ? 109  LEU A CD1 1 
ATOM   689 C  CD2 . LEU A 1 109 ? -3.133  -7.319  1.368   1.00 10.75 ? 109  LEU A CD2 1 
ATOM   690 N  N   . GLN A 1 110 ? -6.309  -11.937 2.262   1.00 23.33 ? 110  GLN A N   1 
ATOM   691 C  CA  . GLN A 1 110 ? -6.845  -12.994 3.130   1.00 30.26 ? 110  GLN A CA  1 
ATOM   692 C  C   . GLN A 1 110 ? -5.725  -13.861 3.663   1.00 32.87 ? 110  GLN A C   1 
ATOM   693 O  O   . GLN A 1 110 ? -5.016  -14.500 2.884   1.00 36.83 ? 110  GLN A O   1 
ATOM   694 C  CB  . GLN A 1 110 ? -7.836  -13.883 2.352   1.00 31.65 ? 110  GLN A CB  1 
ATOM   695 C  CG  . GLN A 1 110 ? -7.185  -14.723 1.224   1.00 37.71 ? 110  GLN A CG  1 
ATOM   696 C  CD  . GLN A 1 110 ? -8.159  -15.696 0.540   1.00 38.62 ? 110  GLN A CD  1 
ATOM   697 O  OE1 . GLN A 1 110 ? -8.719  -16.584 1.186   1.00 37.79 ? 110  GLN A OE1 1 
ATOM   698 N  NE2 . GLN A 1 110 ? -8.352  -15.530 -0.767  1.00 36.83 ? 110  GLN A NE2 1 
HETATM 699 CD CD  . CD  B 2 .   ? 4.369   8.040   -10.002 1.00 12.86 ? 410  CD  A CD  1 
HETATM 700 CD CD  . CD  C 2 .   ? -14.365 -12.591 -5.327  1.00 19.57 ? 411  CD  A CD  1 
HETATM 701 CD CD  . CD  D 2 .   ? -3.982  -1.775  -11.481 0.50 36.38 ? 412  CD  A CD  1 
HETATM 702 CD CD  . CD  E 2 .   ? 3.218   -2.270  -16.958 1.00 63.18 ? 413  CD  A CD  1 
HETATM 703 CD CD  . CD  F 2 .   ? 12.101  8.656   3.348   1.00 65.76 ? 414  CD  A CD  1 
HETATM 704 CL CL  . CL  G 3 .   ? -2.380  -1.659  -9.422  1.00 8.05  ? 415  CL  A CL  1 
HETATM 705 CL CL  . CL  H 3 .   ? 1.420   -3.259  -19.036 1.00 28.71 ? 416  CL  A CL  1 
HETATM 706 O  O   . HOH I 4 .   ? -2.849  -2.029  17.097  1.00 15.38 ? 1001 HOH A O   1 
HETATM 707 O  O   . HOH I 4 .   ? 5.253   6.423   -14.643 1.00 35.87 ? 1002 HOH A O   1 
HETATM 708 O  O   . HOH I 4 .   ? -9.584  -3.040  -7.232  0.50 27.63 ? 1003 HOH A O   1 
HETATM 709 O  O   . HOH I 4 .   ? -1.024  -3.925  6.230   1.00 13.25 ? 1004 HOH A O   1 
HETATM 710 O  O   . HOH I 4 .   ? 0.394   10.582  -7.459  1.00 9.06  ? 1005 HOH A O   1 
HETATM 711 O  O   . HOH I 4 .   ? 7.315   7.695   -7.831  1.00 16.12 ? 1006 HOH A O   1 
HETATM 712 O  O   . HOH I 4 .   ? 4.415   -1.758  2.128   1.00 13.49 ? 1007 HOH A O   1 
HETATM 713 O  O   . HOH I 4 .   ? -1.964  8.038   4.756   1.00 17.63 ? 1008 HOH A O   1 
HETATM 714 O  O   . HOH I 4 .   ? -3.566  3.873   5.873   1.00 20.51 ? 1009 HOH A O   1 
HETATM 715 O  O   . HOH I 4 .   ? 5.206   -10.224 2.101   1.00 22.58 ? 1010 HOH A O   1 
HETATM 716 O  O   . HOH I 4 .   ? -0.143  -6.277  12.997  1.00 19.53 ? 1011 HOH A O   1 
HETATM 717 O  O   . HOH I 4 .   ? 7.847   -7.771  -6.174  1.00 24.57 ? 1012 HOH A O   1 
HETATM 718 O  O   . HOH I 4 .   ? 3.533   -3.009  4.764   1.00 11.15 ? 1013 HOH A O   1 
HETATM 719 O  O   . HOH I 4 .   ? 6.321   -2.579  7.655   1.00 24.98 ? 1014 HOH A O   1 
HETATM 720 O  O   . HOH I 4 .   ? 6.239   -4.060  9.772   1.00 34.89 ? 1015 HOH A O   1 
HETATM 721 O  O   . HOH I 4 .   ? -3.522  -6.918  5.515   1.00 11.29 ? 1016 HOH A O   1 
HETATM 722 O  O   . HOH I 4 .   ? -14.761 -6.925  -9.393  1.00 15.46 ? 1017 HOH A O   1 
HETATM 723 O  O   . HOH I 4 .   ? -14.089 -15.063 -5.475  1.00 20.87 ? 1018 HOH A O   1 
HETATM 724 O  O   . HOH I 4 .   ? -14.359 -10.309 -5.190  1.00 16.08 ? 1019 HOH A O   1 
HETATM 725 O  O   . HOH I 4 .   ? -2.727  0.254   -12.242 1.00 5.77  ? 1020 HOH A O   1 
HETATM 726 O  O   . HOH I 4 .   ? -3.640  8.972   2.133   1.00 31.10 ? 1021 HOH A O   1 
HETATM 727 O  O   . HOH I 4 .   ? -1.645  10.405  0.261   1.00 23.23 ? 1022 HOH A O   1 
HETATM 728 O  O   . HOH I 4 .   ? -4.722  11.349  -0.261  1.00 50.20 ? 1023 HOH A O   1 
HETATM 729 O  O   . HOH I 4 .   ? 11.675  -5.051  -8.024  1.00 24.88 ? 1024 HOH A O   1 
HETATM 730 O  O   . HOH I 4 .   ? 13.727  4.052   1.045   1.00 26.86 ? 1025 HOH A O   1 
HETATM 731 O  O   . HOH I 4 .   ? 1.190   9.523   1.565   1.00 35.95 ? 1026 HOH A O   1 
HETATM 732 O  O   . HOH I 4 .   ? -9.666  6.998   7.551   1.00 27.09 ? 1027 HOH A O   1 
HETATM 733 O  O   . HOH I 4 .   ? -9.234  -10.847 -6.039  1.00 35.03 ? 1028 HOH A O   1 
HETATM 734 O  O   . HOH I 4 .   ? 4.902   10.337  -1.105  1.00 29.39 ? 1029 HOH A O   1 
HETATM 735 O  O   . HOH I 4 .   ? 14.020  -2.190  -1.901  1.00 39.52 ? 1030 HOH A O   1 
HETATM 736 O  O   . HOH I 4 .   ? 8.064   -9.007  6.646   1.00 59.40 ? 1031 HOH A O   1 
HETATM 737 O  O   . HOH I 4 .   ? 6.698   -4.057  5.172   1.00 41.22 ? 1032 HOH A O   1 
HETATM 738 O  O   . HOH I 4 .   ? -12.423 0.369   10.324  1.00 29.29 ? 1033 HOH A O   1 
HETATM 739 O  O   . HOH I 4 .   ? -16.654 -4.996  3.581   1.00 27.54 ? 1034 HOH A O   1 
HETATM 740 O  O   . HOH I 4 .   ? 12.802  9.112   -9.801  1.00 42.32 ? 1035 HOH A O   1 
HETATM 741 O  O   . HOH I 4 .   ? 8.734   -7.683  -10.584 1.00 34.46 ? 1036 HOH A O   1 
HETATM 742 O  O   . HOH I 4 .   ? 4.984   -10.562 -8.274  1.00 49.99 ? 1037 HOH A O   1 
HETATM 743 O  O   . HOH I 4 .   ? 0.420   1.347   14.326  1.00 33.51 ? 1038 HOH A O   1 
HETATM 744 O  O   . HOH I 4 .   ? 9.565   8.002   3.373   1.00 25.09 ? 1039 HOH A O   1 
HETATM 745 O  O   . HOH I 4 .   ? 10.638  -8.575  -5.509  1.00 26.80 ? 1040 HOH A O   1 
HETATM 746 O  O   . HOH I 4 .   ? 2.956   -2.427  12.472  1.00 35.41 ? 1041 HOH A O   1 
HETATM 747 O  O   . HOH I 4 .   ? 11.379  -11.704 -4.321  1.00 43.97 ? 1042 HOH A O   1 
HETATM 748 O  O   . HOH I 4 .   ? 7.280   -9.824  -7.770  1.00 48.22 ? 1043 HOH A O   1 
HETATM 749 O  O   . HOH I 4 .   ? 2.054   -9.573  12.673  1.00 15.06 ? 1044 HOH A O   1 
HETATM 750 O  O   . HOH I 4 .   ? 12.416  5.591   3.146   1.00 41.59 ? 1045 HOH A O   1 
HETATM 751 O  O   . HOH I 4 .   ? 3.827   -4.206  -17.588 1.00 26.73 ? 1046 HOH A O   1 
HETATM 752 O  O   . HOH I 4 .   ? -18.549 -4.108  -1.246  1.00 38.43 ? 1047 HOH A O   1 
HETATM 753 O  O   . HOH I 4 .   ? 0.359   -4.692  -14.583 1.00 33.37 ? 1048 HOH A O   1 
HETATM 754 O  O   . HOH I 4 .   ? 9.486   6.488   6.600   1.00 41.29 ? 1049 HOH A O   1 
HETATM 755 O  O   . HOH I 4 .   ? -5.848  -0.195  -10.259 1.00 2.97  ? 1050 HOH A O   1 
HETATM 756 O  O   . HOH I 4 .   ? 1.060   -13.059 -8.731  1.00 43.84 ? 1051 HOH A O   1 
HETATM 757 O  O   . HOH I 4 .   ? 3.193   -5.871  11.767  1.00 38.29 ? 1052 HOH A O   1 
HETATM 758 O  O   . HOH I 4 .   ? -10.174 -10.682 -8.310  1.00 45.62 ? 1053 HOH A O   1 
HETATM 759 O  O   . HOH I 4 .   ? -9.410  6.559   -4.339  1.00 38.40 ? 1054 HOH A O   1 
HETATM 760 O  O   . HOH I 4 .   ? -10.651 8.896   2.908   1.00 37.73 ? 1055 HOH A O   1 
HETATM 761 O  O   . HOH I 4 .   ? -18.692 -0.652  2.571   1.00 47.12 ? 1056 HOH A O   1 
HETATM 762 O  O   . HOH I 4 .   ? 14.234  13.397  -7.514  1.00 38.84 ? 1057 HOH A O   1 
HETATM 763 O  O   . HOH I 4 .   ? -15.202 -13.842 -0.560  1.00 41.54 ? 1058 HOH A O   1 
HETATM 764 O  O   . HOH I 4 .   ? 9.092   7.677   -9.584  1.00 45.35 ? 1059 HOH A O   1 
HETATM 765 O  O   . HOH I 4 .   ? 7.224   8.669   -14.010 1.00 45.62 ? 1060 HOH A O   1 
HETATM 766 O  O   . HOH I 4 .   ? -11.962 -2.072  9.878   1.00 41.05 ? 1061 HOH A O   1 
HETATM 767 O  O   . HOH I 4 .   ? -1.435  -13.089 1.815   1.00 44.14 ? 1062 HOH A O   1 
HETATM 768 O  O   . HOH I 4 .   ? 11.963  14.584  -3.394  1.00 14.72 ? 1063 HOH A O   1 
HETATM 769 O  O   . HOH I 4 .   ? -18.421 -4.983  1.847   1.00 40.09 ? 1064 HOH A O   1 
HETATM 770 O  O   . HOH I 4 .   ? -2.592  -1.319  -13.795 1.00 24.97 ? 1065 HOH A O   1 
HETATM 771 O  O   . HOH I 4 .   ? -4.274  -0.003  -9.536  1.00 14.94 ? 1066 HOH A O   1 
HETATM 772 O  O   . HOH I 4 .   ? 12.658  -7.513  -1.143  1.00 45.27 ? 1067 HOH A O   1 
HETATM 773 O  O   . HOH I 4 .   ? -8.065  4.052   -7.351  1.00 30.99 ? 1068 HOH A O   1 
HETATM 774 O  O   . HOH I 4 .   ? -8.381  -17.382 4.179   1.00 30.10 ? 1069 HOH A O   1 
HETATM 775 O  O   . HOH I 4 .   ? -4.334  -16.414 3.948   1.00 37.06 ? 1070 HOH A O   1 
HETATM 776 O  O   . HOH I 4 .   ? -10.579 -15.094 1.732   1.00 39.28 ? 1071 HOH A O   1 
HETATM 777 O  O   . HOH I 4 .   ? -6.859  -17.323 2.435   1.00 38.19 ? 1072 HOH A O   1 
HETATM 778 O  O   . HOH I 4 .   ? 9.909   13.672  -3.097  1.00 29.24 ? 1073 HOH A O   1 
HETATM 779 O  O   . HOH I 4 .   ? 7.885   14.111  -1.257  1.00 31.45 ? 1074 HOH A O   1 
HETATM 780 O  O   . HOH I 4 .   ? -4.427  -17.985 2.164   1.00 37.06 ? 1075 HOH A O   1 
HETATM 781 O  O   . HOH I 4 .   ? 6.222   4.244   -15.586 1.00 31.98 ? 1076 HOH A O   1 
HETATM 782 O  O   . HOH I 4 .   ? 12.310  -6.074  -5.395  1.00 33.74 ? 1077 HOH A O   1 
# 
loop_
_pdbx_poly_seq_scheme.asym_id 
_pdbx_poly_seq_scheme.entity_id 
_pdbx_poly_seq_scheme.seq_id 
_pdbx_poly_seq_scheme.mon_id 
_pdbx_poly_seq_scheme.ndb_seq_num 
_pdbx_poly_seq_scheme.pdb_seq_num 
_pdbx_poly_seq_scheme.auth_seq_num 
_pdbx_poly_seq_scheme.pdb_mon_id 
_pdbx_poly_seq_scheme.auth_mon_id 
_pdbx_poly_seq_scheme.pdb_strand_id 
_pdbx_poly_seq_scheme.pdb_ins_code 
_pdbx_poly_seq_scheme.hetero 
A 1 1   GLY 1   1   ?   ?   ?   A . n 
A 1 2   SER 2   2   ?   ?   ?   A . n 
A 1 3   SER 3   3   ?   ?   ?   A . n 
A 1 4   HIS 4   4   ?   ?   ?   A . n 
A 1 5   HIS 5   5   5   HIS HIS A . n 
A 1 6   HIS 6   6   6   HIS HIS A . n 
A 1 7   HIS 7   7   7   HIS HIS A . n 
A 1 8   HIS 8   8   8   HIS HIS A . n 
A 1 9   HIS 9   9   9   HIS HIS A . n 
A 1 10  SER 10  10  10  SER SER A . n 
A 1 11  SER 11  11  11  SER SER A . n 
A 1 12  GLY 12  12  12  GLY GLY A . n 
A 1 13  LEU 13  13  ?   ?   ?   A . n 
A 1 14  VAL 14  14  ?   ?   ?   A . n 
A 1 15  PRO 15  15  ?   ?   ?   A . n 
A 1 16  ARG 16  16  ?   ?   ?   A . n 
A 1 17  GLY 17  17  ?   ?   ?   A . n 
A 1 18  SER 18  18  ?   ?   ?   A . n 
A 1 19  HIS 19  19  ?   ?   ?   A . n 
A 1 20  MET 20  20  ?   ?   ?   A . n 
A 1 21  GLY 21  21  ?   ?   ?   A . n 
A 1 22  SER 22  22  22  SER SER A . n 
A 1 23  ASP 23  23  23  ASP ASP A . n 
A 1 24  LEU 24  24  24  LEU LEU A . n 
A 1 25  GLY 25  25  25  GLY GLY A . n 
A 1 26  LYS 26  26  26  LYS LYS A . n 
A 1 27  LYS 27  27  27  LYS LYS A . n 
A 1 28  LEU 28  28  28  LEU LEU A . n 
A 1 29  LEU 29  29  29  LEU LEU A . n 
A 1 30  GLU 30  30  30  GLU GLU A . n 
A 1 31  ALA 31  31  31  ALA ALA A . n 
A 1 32  ALA 32  32  32  ALA ALA A . n 
A 1 33  ARG 33  33  33  ARG ARG A . n 
A 1 34  ALA 34  34  34  ALA ALA A . n 
A 1 35  GLY 35  35  35  GLY GLY A . n 
A 1 36  GLN 36  36  36  GLN GLN A . n 
A 1 37  ASP 37  37  37  ASP ASP A . n 
A 1 38  ASP 38  38  38  ASP ASP A . n 
A 1 39  GLU 39  39  39  GLU GLU A . n 
A 1 40  VAL 40  40  40  VAL VAL A . n 
A 1 41  ARG 41  41  41  ARG ARG A . n 
A 1 42  ILE 42  42  42  ILE ILE A . n 
A 1 43  LEU 43  43  43  LEU LEU A . n 
A 1 44  MET 44  44  44  MET MET A . n 
A 1 45  ALA 45  45  45  ALA ALA A . n 
A 1 46  ASN 46  46  46  ASN ASN A . n 
A 1 47  GLY 47  47  47  GLY GLY A . n 
A 1 48  ALA 48  48  48  ALA ALA A . n 
A 1 49  ASP 49  49  49  ASP ASP A . n 
A 1 50  VAL 50  50  50  VAL VAL A . n 
A 1 51  ALA 51  51  51  ALA ALA A . n 
A 1 52  ALA 52  52  52  ALA ALA A . n 
A 1 53  LYS 53  53  53  LYS LYS A . n 
A 1 54  ASP 54  54  54  ASP ASP A . n 
A 1 55  LYS 55  55  55  LYS LYS A . n 
A 1 56  ASN 56  56  56  ASN ASN A . n 
A 1 57  GLY 57  57  57  GLY GLY A . n 
A 1 58  SER 58  58  58  SER SER A . n 
A 1 59  THR 59  59  59  THR THR A . n 
A 1 60  PRO 60  60  60  PRO PRO A . n 
A 1 61  LEU 61  61  61  LEU LEU A . n 
A 1 62  HIS 62  62  62  HIS HIS A . n 
A 1 63  LEU 63  63  63  LEU LEU A . n 
A 1 64  ALA 64  64  64  ALA ALA A . n 
A 1 65  ALA 65  65  65  ALA ALA A . n 
A 1 66  ARG 66  66  66  ARG ARG A . n 
A 1 67  ASN 67  67  67  ASN ASN A . n 
A 1 68  GLY 68  68  68  GLY GLY A . n 
A 1 69  HIS 69  69  69  HIS HIS A . n 
A 1 70  LEU 70  70  70  LEU LEU A . n 
A 1 71  GLU 71  71  71  GLU GLU A . n 
A 1 72  VAL 72  72  72  VAL VAL A . n 
A 1 73  VAL 73  73  73  VAL VAL A . n 
A 1 74  LYS 74  74  74  LYS LYS A . n 
A 1 75  LEU 75  75  75  LEU LEU A . n 
A 1 76  LEU 76  76  76  LEU LEU A . n 
A 1 77  LEU 77  77  77  LEU LEU A . n 
A 1 78  GLU 78  78  78  GLU GLU A . n 
A 1 79  ALA 79  79  79  ALA ALA A . n 
A 1 80  GLY 80  80  80  GLY GLY A . n 
A 1 81  ALA 81  81  81  ALA ALA A . n 
A 1 82  ASP 82  82  82  ASP ASP A . n 
A 1 83  VAL 83  83  83  VAL VAL A . n 
A 1 84  AHB 84  84  84  AHB AHB A . n 
A 1 85  ALA 85  85  85  ALA ALA A . n 
A 1 86  GLN 86  86  86  GLN GLN A . n 
A 1 87  ASP 87  87  87  ASP ASP A . n 
A 1 88  LYS 88  88  88  LYS LYS A . n 
A 1 89  PHE 89  89  89  PHE PHE A . n 
A 1 90  GLY 90  90  90  GLY GLY A . n 
A 1 91  LYS 91  91  91  LYS LYS A . n 
A 1 92  THR 92  92  92  THR THR A . n 
A 1 93  ALA 93  93  93  ALA ALA A . n 
A 1 94  PHE 94  94  94  PHE PHE A . n 
A 1 95  ASP 95  95  95  ASP ASP A . n 
A 1 96  ILE 96  96  96  ILE ILE A . n 
A 1 97  SER 97  97  97  SER SER A . n 
A 1 98  ILE 98  98  98  ILE ILE A . n 
A 1 99  ASP 99  99  99  ASP ASP A . n 
A 1 100 ASN 100 100 100 ASN ASN A . n 
A 1 101 GLY 101 101 101 GLY GLY A . n 
A 1 102 ASN 102 102 102 ASN ASN A . n 
A 1 103 GLU 103 103 103 GLU GLU A . n 
A 1 104 ASP 104 104 104 ASP ASP A . n 
A 1 105 LEU 105 105 105 LEU LEU A . n 
A 1 106 ALA 106 106 106 ALA ALA A . n 
A 1 107 GLU 107 107 107 GLU GLU A . n 
A 1 108 ILE 108 108 108 ILE ILE A . n 
A 1 109 LEU 109 109 109 LEU LEU A . n 
A 1 110 GLN 110 110 110 GLN GLN A . n 
# 
loop_
_pdbx_nonpoly_scheme.asym_id 
_pdbx_nonpoly_scheme.entity_id 
_pdbx_nonpoly_scheme.mon_id 
_pdbx_nonpoly_scheme.ndb_seq_num 
_pdbx_nonpoly_scheme.pdb_seq_num 
_pdbx_nonpoly_scheme.auth_seq_num 
_pdbx_nonpoly_scheme.pdb_mon_id 
_pdbx_nonpoly_scheme.auth_mon_id 
_pdbx_nonpoly_scheme.pdb_strand_id 
_pdbx_nonpoly_scheme.pdb_ins_code 
B 2 CD  1  410  410  CD  CD  A . 
C 2 CD  1  411  411  CD  CD  A . 
D 2 CD  1  412  412  CD  CD  A . 
E 2 CD  1  413  413  CD  CD  A . 
F 2 CD  1  414  414  CD  CD  A . 
G 3 CL  1  415  415  CL  CL  A . 
H 3 CL  1  416  416  CL  CL  A . 
I 4 HOH 1  1001 1001 HOH HOH A . 
I 4 HOH 2  1002 1002 HOH HOH A . 
I 4 HOH 3  1003 1003 HOH HOH A . 
I 4 HOH 4  1004 1004 HOH HOH A . 
I 4 HOH 5  1005 1005 HOH HOH A . 
I 4 HOH 6  1006 1006 HOH HOH A . 
I 4 HOH 7  1007 1007 HOH HOH A . 
I 4 HOH 8  1008 1008 HOH HOH A . 
I 4 HOH 9  1009 1009 HOH HOH A . 
I 4 HOH 10 1010 1010 HOH HOH A . 
I 4 HOH 11 1011 1011 HOH HOH A . 
I 4 HOH 12 1012 1012 HOH HOH A . 
I 4 HOH 13 1013 1013 HOH HOH A . 
I 4 HOH 14 1014 1014 HOH HOH A . 
I 4 HOH 15 1015 1015 HOH HOH A . 
I 4 HOH 16 1016 1016 HOH HOH A . 
I 4 HOH 17 1017 1017 HOH HOH A . 
I 4 HOH 18 1018 1018 HOH HOH A . 
I 4 HOH 19 1019 1019 HOH HOH A . 
I 4 HOH 20 1020 1020 HOH HOH A . 
I 4 HOH 21 1021 1021 HOH HOH A . 
I 4 HOH 22 1022 1022 HOH HOH A . 
I 4 HOH 23 1023 1023 HOH HOH A . 
I 4 HOH 24 1024 1024 HOH HOH A . 
I 4 HOH 25 1025 1025 HOH HOH A . 
I 4 HOH 26 1026 1026 HOH HOH A . 
I 4 HOH 27 1027 1027 HOH HOH A . 
I 4 HOH 28 1028 1028 HOH HOH A . 
I 4 HOH 29 1029 1029 HOH HOH A . 
I 4 HOH 30 1030 1030 HOH HOH A . 
I 4 HOH 31 1031 1031 HOH HOH A . 
I 4 HOH 32 1032 1032 HOH HOH A . 
I 4 HOH 33 1033 1033 HOH HOH A . 
I 4 HOH 34 1034 1034 HOH HOH A . 
I 4 HOH 35 1035 1035 HOH HOH A . 
I 4 HOH 36 1036 1036 HOH HOH A . 
I 4 HOH 37 1037 1037 HOH HOH A . 
I 4 HOH 38 1038 1038 HOH HOH A . 
I 4 HOH 39 1039 1039 HOH HOH A . 
I 4 HOH 40 1040 1040 HOH HOH A . 
I 4 HOH 41 1041 1041 HOH HOH A . 
I 4 HOH 42 1042 1042 HOH HOH A . 
I 4 HOH 43 1043 1043 HOH HOH A . 
I 4 HOH 44 1044 1044 HOH HOH A . 
I 4 HOH 45 1045 1045 HOH HOH A . 
I 4 HOH 46 1046 1046 HOH HOH A . 
I 4 HOH 47 1047 1047 HOH HOH A . 
I 4 HOH 48 1048 1048 HOH HOH A . 
I 4 HOH 49 1049 1049 HOH HOH A . 
I 4 HOH 50 1050 1050 HOH HOH A . 
I 4 HOH 51 1051 1051 HOH HOH A . 
I 4 HOH 52 1052 1052 HOH HOH A . 
I 4 HOH 53 1053 1053 HOH HOH A . 
I 4 HOH 54 1054 1054 HOH HOH A . 
I 4 HOH 55 1055 1055 HOH HOH A . 
I 4 HOH 56 1056 1056 HOH HOH A . 
I 4 HOH 57 1057 1057 HOH HOH A . 
I 4 HOH 58 1058 1058 HOH HOH A . 
I 4 HOH 59 1059 1059 HOH HOH A . 
I 4 HOH 60 1060 1060 HOH HOH A . 
I 4 HOH 61 1061 1061 HOH HOH A . 
I 4 HOH 62 1062 1062 HOH HOH A . 
I 4 HOH 63 1063 1063 HOH HOH A . 
I 4 HOH 64 1064 1064 HOH HOH A . 
I 4 HOH 65 1065 1065 HOH HOH A . 
I 4 HOH 66 1066 1066 HOH HOH A . 
I 4 HOH 67 1067 1067 HOH HOH A . 
I 4 HOH 68 1068 1068 HOH HOH A . 
I 4 HOH 69 1069 1069 HOH HOH A . 
I 4 HOH 70 1070 1070 HOH HOH A . 
I 4 HOH 71 1071 1071 HOH HOH A . 
I 4 HOH 72 1072 1072 HOH HOH A . 
I 4 HOH 73 1073 1073 HOH HOH A . 
I 4 HOH 74 1074 1074 HOH HOH A . 
I 4 HOH 75 1075 1075 HOH HOH A . 
I 4 HOH 76 1076 1076 HOH HOH A . 
I 4 HOH 77 1077 1077 HOH HOH A . 
# 
_pdbx_struct_mod_residue.id               1 
_pdbx_struct_mod_residue.label_asym_id    A 
_pdbx_struct_mod_residue.label_comp_id    AHB 
_pdbx_struct_mod_residue.label_seq_id     84 
_pdbx_struct_mod_residue.auth_asym_id     A 
_pdbx_struct_mod_residue.auth_comp_id     AHB 
_pdbx_struct_mod_residue.auth_seq_id      84 
_pdbx_struct_mod_residue.PDB_ins_code     ? 
_pdbx_struct_mod_residue.parent_comp_id   ASN 
_pdbx_struct_mod_residue.details          BETA-HYDROXYASPARAGINE 
# 
loop_
_pdbx_struct_assembly.id 
_pdbx_struct_assembly.details 
_pdbx_struct_assembly.method_details 
_pdbx_struct_assembly.oligomeric_details 
_pdbx_struct_assembly.oligomeric_count 
1 author_defined_assembly   ?    monomeric 1 
2 software_defined_assembly PISA dimeric   2 
# 
loop_
_pdbx_struct_assembly_gen.assembly_id 
_pdbx_struct_assembly_gen.oper_expression 
_pdbx_struct_assembly_gen.asym_id_list 
1 1   A,B,C,D,E,F,G,H,I 
2 1,2 A,B,C,D,E,F,G,H,I 
# 
loop_
_pdbx_struct_assembly_prop.biol_id 
_pdbx_struct_assembly_prop.type 
_pdbx_struct_assembly_prop.value 
_pdbx_struct_assembly_prop.details 
2 'ABSA (A^2)' 3050 ? 
2 MORE         -119 ? 
2 'SSA (A^2)'  8750 ? 
# 
loop_
_pdbx_struct_oper_list.id 
_pdbx_struct_oper_list.type 
_pdbx_struct_oper_list.name 
_pdbx_struct_oper_list.symmetry_operation 
_pdbx_struct_oper_list.matrix[1][1] 
_pdbx_struct_oper_list.matrix[1][2] 
_pdbx_struct_oper_list.matrix[1][3] 
_pdbx_struct_oper_list.vector[1] 
_pdbx_struct_oper_list.matrix[2][1] 
_pdbx_struct_oper_list.matrix[2][2] 
_pdbx_struct_oper_list.matrix[2][3] 
_pdbx_struct_oper_list.vector[2] 
_pdbx_struct_oper_list.matrix[3][1] 
_pdbx_struct_oper_list.matrix[3][2] 
_pdbx_struct_oper_list.matrix[3][3] 
_pdbx_struct_oper_list.vector[3] 
1 'identity operation'         1_555 x,y,z          1.0000000000 0.0000000000 0.0000000000  0.0000000000   0.0000000000 1.0000000000  0.0000000000  0.0000000000  0.0000000000  0.0000000000  1.0000000000  0.0000000000   
2 'crystal symmetry operation' 6_555 -x,-x+y,-z+1/3 0.2431713774 0.2742388302 -0.9304089129 -13.1865931786 0.2742388302 -0.9395039676 -0.2052446320 -4.6956082295 -0.9304089129 -0.2052446320 -0.3036674099 -19.0033791253 
# 
loop_
_pdbx_struct_special_symmetry.id 
_pdbx_struct_special_symmetry.PDB_model_num 
_pdbx_struct_special_symmetry.auth_asym_id 
_pdbx_struct_special_symmetry.auth_comp_id 
_pdbx_struct_special_symmetry.auth_seq_id 
_pdbx_struct_special_symmetry.PDB_ins_code 
_pdbx_struct_special_symmetry.label_asym_id 
_pdbx_struct_special_symmetry.label_comp_id 
_pdbx_struct_special_symmetry.label_seq_id 
1 1 A CD  412  ? D CD  . 
2 1 A HOH 1003 ? I HOH . 
# 
loop_
_pdbx_struct_conn_angle.id 
_pdbx_struct_conn_angle.ptnr1_label_atom_id 
_pdbx_struct_conn_angle.ptnr1_label_alt_id 
_pdbx_struct_conn_angle.ptnr1_label_asym_id 
_pdbx_struct_conn_angle.ptnr1_label_comp_id 
_pdbx_struct_conn_angle.ptnr1_label_seq_id 
_pdbx_struct_conn_angle.ptnr1_auth_atom_id 
_pdbx_struct_conn_angle.ptnr1_auth_asym_id 
_pdbx_struct_conn_angle.ptnr1_auth_comp_id 
_pdbx_struct_conn_angle.ptnr1_auth_seq_id 
_pdbx_struct_conn_angle.ptnr1_PDB_ins_code 
_pdbx_struct_conn_angle.ptnr1_symmetry 
_pdbx_struct_conn_angle.ptnr2_label_atom_id 
_pdbx_struct_conn_angle.ptnr2_label_alt_id 
_pdbx_struct_conn_angle.ptnr2_label_asym_id 
_pdbx_struct_conn_angle.ptnr2_label_comp_id 
_pdbx_struct_conn_angle.ptnr2_label_seq_id 
_pdbx_struct_conn_angle.ptnr2_auth_atom_id 
_pdbx_struct_conn_angle.ptnr2_auth_asym_id 
_pdbx_struct_conn_angle.ptnr2_auth_comp_id 
_pdbx_struct_conn_angle.ptnr2_auth_seq_id 
_pdbx_struct_conn_angle.ptnr2_PDB_ins_code 
_pdbx_struct_conn_angle.ptnr2_symmetry 
_pdbx_struct_conn_angle.ptnr3_label_atom_id 
_pdbx_struct_conn_angle.ptnr3_label_alt_id 
_pdbx_struct_conn_angle.ptnr3_label_asym_id 
_pdbx_struct_conn_angle.ptnr3_label_comp_id 
_pdbx_struct_conn_angle.ptnr3_label_seq_id 
_pdbx_struct_conn_angle.ptnr3_auth_atom_id 
_pdbx_struct_conn_angle.ptnr3_auth_asym_id 
_pdbx_struct_conn_angle.ptnr3_auth_comp_id 
_pdbx_struct_conn_angle.ptnr3_auth_seq_id 
_pdbx_struct_conn_angle.ptnr3_PDB_ins_code 
_pdbx_struct_conn_angle.ptnr3_symmetry 
_pdbx_struct_conn_angle.value 
_pdbx_struct_conn_angle.value_esd 
1  OD1 ? A ASP 23  ? A ASP 23   ? 1_555 CD ? F CD . ? A CD 414 ? 1_555 OD2 ? A ASP 23  ? A ASP 23   ? 1_555 53.8  ? 
2  OE2 ? A GLU 30  ? A GLU 30   ? 1_555 CD ? B CD . ? A CD 410 ? 1_555 OE1 ? A GLN 36  ? A GLN 36   ? 1_555 109.3 ? 
3  OE2 ? A GLU 30  ? A GLU 30   ? 1_555 CD ? B CD . ? A CD 410 ? 1_555 OE1 ? A GLU 39  ? A GLU 39   ? 1_555 92.5  ? 
4  OE1 ? A GLN 36  ? A GLN 36   ? 1_555 CD ? B CD . ? A CD 410 ? 1_555 OE1 ? A GLU 39  ? A GLU 39   ? 1_555 95.9  ? 
5  OE2 ? A GLU 30  ? A GLU 30   ? 1_555 CD ? B CD . ? A CD 410 ? 1_555 OE2 ? A GLU 39  ? A GLU 39   ? 1_555 146.9 ? 
6  OE1 ? A GLN 36  ? A GLN 36   ? 1_555 CD ? B CD . ? A CD 410 ? 1_555 OE2 ? A GLU 39  ? A GLU 39   ? 1_555 79.5  ? 
7  OE1 ? A GLU 39  ? A GLU 39   ? 1_555 CD ? B CD . ? A CD 410 ? 1_555 OE2 ? A GLU 39  ? A GLU 39   ? 1_555 54.5  ? 
8  OD2 ? A ASP 38  ? A ASP 38   ? 1_555 CD ? E CD . ? A CD 413 ? 1_555 O   ? I HOH .   ? A HOH 1046 ? 1_555 125.4 ? 
9  OE1 ? A GLU 107 ? A GLU 107  ? 1_555 CD ? C CD . ? A CD 411 ? 1_555 OE2 ? A GLU 107 ? A GLU 107  ? 1_555 53.0  ? 
10 OE1 ? A GLU 107 ? A GLU 107  ? 1_555 CD ? C CD . ? A CD 411 ? 1_555 O   ? I HOH .   ? A HOH 1018 ? 1_555 91.4  ? 
11 OE2 ? A GLU 107 ? A GLU 107  ? 1_555 CD ? C CD . ? A CD 411 ? 1_555 O   ? I HOH .   ? A HOH 1018 ? 1_555 91.5  ? 
12 OE1 ? A GLU 107 ? A GLU 107  ? 1_555 CD ? C CD . ? A CD 411 ? 1_555 O   ? I HOH .   ? A HOH 1019 ? 1_555 87.2  ? 
13 OE2 ? A GLU 107 ? A GLU 107  ? 1_555 CD ? C CD . ? A CD 411 ? 1_555 O   ? I HOH .   ? A HOH 1019 ? 1_555 82.6  ? 
14 O   ? I HOH .   ? A HOH 1018 ? 1_555 CD ? C CD . ? A CD 411 ? 1_555 O   ? I HOH .   ? A HOH 1019 ? 1_555 173.5 ? 
# 
loop_
_pdbx_audit_revision_history.ordinal 
_pdbx_audit_revision_history.data_content_type 
_pdbx_audit_revision_history.major_revision 
_pdbx_audit_revision_history.minor_revision 
_pdbx_audit_revision_history.revision_date 
1 'Structure model' 1 0 2008-02-05 
2 'Structure model' 1 1 2011-07-13 
3 'Structure model' 1 2 2017-10-11 
4 'Structure model' 1 3 2023-11-01 
# 
_pdbx_audit_revision_details.ordinal             1 
_pdbx_audit_revision_details.revision_ordinal    1 
_pdbx_audit_revision_details.data_content_type   'Structure model' 
_pdbx_audit_revision_details.provider            repository 
_pdbx_audit_revision_details.type                'Initial release' 
_pdbx_audit_revision_details.description         ? 
_pdbx_audit_revision_details.details             ? 
# 
loop_
_pdbx_audit_revision_group.ordinal 
_pdbx_audit_revision_group.revision_ordinal 
_pdbx_audit_revision_group.data_content_type 
_pdbx_audit_revision_group.group 
1 2 'Structure model' 'Version format compliance' 
2 3 'Structure model' 'Refinement description'    
3 4 'Structure model' 'Data collection'           
4 4 'Structure model' 'Database references'       
5 4 'Structure model' 'Derived calculations'      
6 4 'Structure model' 'Refinement description'    
# 
loop_
_pdbx_audit_revision_category.ordinal 
_pdbx_audit_revision_category.revision_ordinal 
_pdbx_audit_revision_category.data_content_type 
_pdbx_audit_revision_category.category 
1 3 'Structure model' software                      
2 4 'Structure model' chem_comp_atom                
3 4 'Structure model' chem_comp_bond                
4 4 'Structure model' database_2                    
5 4 'Structure model' pdbx_initial_refinement_model 
6 4 'Structure model' pdbx_struct_conn_angle        
7 4 'Structure model' struct_conn                   
8 4 'Structure model' struct_conn_type              
9 4 'Structure model' struct_site                   
# 
loop_
_pdbx_audit_revision_item.ordinal 
_pdbx_audit_revision_item.revision_ordinal 
_pdbx_audit_revision_item.data_content_type 
_pdbx_audit_revision_item.item 
1  4 'Structure model' '_database_2.pdbx_DOI'                      
2  4 'Structure model' '_database_2.pdbx_database_accession'       
3  4 'Structure model' '_pdbx_struct_conn_angle.ptnr1_auth_seq_id' 
4  4 'Structure model' '_pdbx_struct_conn_angle.ptnr3_auth_seq_id' 
5  4 'Structure model' '_pdbx_struct_conn_angle.value'             
6  4 'Structure model' '_struct_conn.conn_type_id'                 
7  4 'Structure model' '_struct_conn.id'                           
8  4 'Structure model' '_struct_conn.pdbx_dist_value'              
9  4 'Structure model' '_struct_conn.pdbx_leaving_atom_flag'       
10 4 'Structure model' '_struct_conn.ptnr1_auth_comp_id'           
11 4 'Structure model' '_struct_conn.ptnr1_auth_seq_id'            
12 4 'Structure model' '_struct_conn.ptnr1_label_asym_id'          
13 4 'Structure model' '_struct_conn.ptnr1_label_atom_id'          
14 4 'Structure model' '_struct_conn.ptnr1_label_comp_id'          
15 4 'Structure model' '_struct_conn.ptnr1_label_seq_id'           
16 4 'Structure model' '_struct_conn.ptnr2_auth_comp_id'           
17 4 'Structure model' '_struct_conn.ptnr2_auth_seq_id'            
18 4 'Structure model' '_struct_conn.ptnr2_label_asym_id'          
19 4 'Structure model' '_struct_conn.ptnr2_label_atom_id'          
20 4 'Structure model' '_struct_conn.ptnr2_label_comp_id'          
21 4 'Structure model' '_struct_conn.ptnr2_label_seq_id'           
22 4 'Structure model' '_struct_conn_type.id'                      
23 4 'Structure model' '_struct_site.pdbx_auth_asym_id'            
24 4 'Structure model' '_struct_site.pdbx_auth_comp_id'            
25 4 'Structure model' '_struct_site.pdbx_auth_seq_id'             
# 
_pdbx_phasing_MR.entry_id                     2ZGD 
_pdbx_phasing_MR.method_rotation              ? 
_pdbx_phasing_MR.method_translation           ? 
_pdbx_phasing_MR.model_details                ? 
_pdbx_phasing_MR.R_factor                     ? 
_pdbx_phasing_MR.R_rigid_body                 ? 
_pdbx_phasing_MR.correlation_coeff_Fo_to_Fc   ? 
_pdbx_phasing_MR.correlation_coeff_Io_to_Ic   ? 
_pdbx_phasing_MR.d_res_high_rotation          2.500 
_pdbx_phasing_MR.d_res_low_rotation           26.290 
_pdbx_phasing_MR.d_res_high_translation       2.500 
_pdbx_phasing_MR.d_res_low_translation        26.290 
_pdbx_phasing_MR.packing                      ? 
_pdbx_phasing_MR.reflns_percent_rotation      ? 
_pdbx_phasing_MR.reflns_percent_translation   ? 
_pdbx_phasing_MR.sigma_F_rotation             ? 
_pdbx_phasing_MR.sigma_F_translation          ? 
_pdbx_phasing_MR.sigma_I_rotation             ? 
_pdbx_phasing_MR.sigma_I_translation          ? 
# 
_phasing.method   MR 
# 
loop_
_software.name 
_software.version 
_software.date 
_software.type 
_software.contact_author 
_software.contact_author_email 
_software.classification 
_software.location 
_software.language 
_software.citation_id 
_software.pdbx_ordinal 
DENZO       .     ?                    package 'Zbyszek Otwinowski' zbyszek@mix.swmed.edu       'data reduction'  
http://www.lnls.br/infra/linhasluz/denzo-hkl.htm ?          ? 1 
SCALEPACK   .     ?                    package 'Zbyszek Otwinowski' zbyszek@mix.swmed.edu       'data scaling'    
http://www.lnls.br/infra/linhasluz/denzo-hkl.htm ?          ? 2 
PHASER      .     ?                    other   'R. J. Read'         cimr-phaser@lists.cam.ac.uk phasing           
http://www-structmed.cimr.cam.ac.uk/phaser/      ?          ? 3 
CNS         1.1   ?                    package 'Axel T. Brunger'    axel.brunger@yale.edu       refinement        
http://cns.csb.yale.edu/v1.1/                    Fortran_77 ? 4 
PDB_EXTRACT 3.004 'September 10, 2007' package PDB                  sw-help@rcsb.rutgers.edu    'data extraction' 
http://pdb.rutgers.edu/software/                 C++        ? 5 
HKL-2000    .     ?                    ?       ?                    ?                           'data collection' ? ?          ? 6 
HKL-2000    .     ?                    ?       ?                    ?                           'data reduction'  ? ?          ? 7 
HKL-2000    .     ?                    ?       ?                    ?                           'data scaling'    ? ?          ? 8 
# 
loop_
_pdbx_validate_close_contact.id 
_pdbx_validate_close_contact.PDB_model_num 
_pdbx_validate_close_contact.auth_atom_id_1 
_pdbx_validate_close_contact.auth_asym_id_1 
_pdbx_validate_close_contact.auth_comp_id_1 
_pdbx_validate_close_contact.auth_seq_id_1 
_pdbx_validate_close_contact.PDB_ins_code_1 
_pdbx_validate_close_contact.label_alt_id_1 
_pdbx_validate_close_contact.auth_atom_id_2 
_pdbx_validate_close_contact.auth_asym_id_2 
_pdbx_validate_close_contact.auth_comp_id_2 
_pdbx_validate_close_contact.auth_seq_id_2 
_pdbx_validate_close_contact.PDB_ins_code_2 
_pdbx_validate_close_contact.label_alt_id_2 
_pdbx_validate_close_contact.dist 
1 1 O   A HOH 1050 ? ? O A HOH 1066 ? ? 1.74 
2 1 ND1 A HIS 69   ? ? O A HOH 1066 ? ? 2.12 
# 
loop_
_pdbx_validate_symm_contact.id 
_pdbx_validate_symm_contact.PDB_model_num 
_pdbx_validate_symm_contact.auth_atom_id_1 
_pdbx_validate_symm_contact.auth_asym_id_1 
_pdbx_validate_symm_contact.auth_comp_id_1 
_pdbx_validate_symm_contact.auth_seq_id_1 
_pdbx_validate_symm_contact.PDB_ins_code_1 
_pdbx_validate_symm_contact.label_alt_id_1 
_pdbx_validate_symm_contact.site_symmetry_1 
_pdbx_validate_symm_contact.auth_atom_id_2 
_pdbx_validate_symm_contact.auth_asym_id_2 
_pdbx_validate_symm_contact.auth_comp_id_2 
_pdbx_validate_symm_contact.auth_seq_id_2 
_pdbx_validate_symm_contact.PDB_ins_code_2 
_pdbx_validate_symm_contact.label_alt_id_2 
_pdbx_validate_symm_contact.site_symmetry_2 
_pdbx_validate_symm_contact.dist 
1 1 O   A HOH 1047 ? ? 1_555 O  A HOH 1047 ? ? 6_555 1.93 
2 1 O   A HOH 1065 ? ? 1_555 O  A HOH 1065 ? ? 6_555 2.08 
3 1 O   A HOH 1020 ? ? 1_555 O  A HOH 1065 ? ? 6_555 2.11 
4 1 OD1 A ASP 95   ? ? 1_555 CD A CD  410  ? ? 4_455 2.18 
# 
_pdbx_validate_torsion.id              1 
_pdbx_validate_torsion.PDB_model_num   1 
_pdbx_validate_torsion.auth_comp_id    ASP 
_pdbx_validate_torsion.auth_asym_id    A 
_pdbx_validate_torsion.auth_seq_id     23 
_pdbx_validate_torsion.PDB_ins_code    ? 
_pdbx_validate_torsion.label_alt_id    ? 
_pdbx_validate_torsion.phi             -67.27 
_pdbx_validate_torsion.psi             -169.63 
# 
loop_
_pdbx_unobs_or_zero_occ_atoms.id 
_pdbx_unobs_or_zero_occ_atoms.PDB_model_num 
_pdbx_unobs_or_zero_occ_atoms.polymer_flag 
_pdbx_unobs_or_zero_occ_atoms.occupancy_flag 
_pdbx_unobs_or_zero_occ_atoms.auth_asym_id 
_pdbx_unobs_or_zero_occ_atoms.auth_comp_id 
_pdbx_unobs_or_zero_occ_atoms.auth_seq_id 
_pdbx_unobs_or_zero_occ_atoms.PDB_ins_code 
_pdbx_unobs_or_zero_occ_atoms.auth_atom_id 
_pdbx_unobs_or_zero_occ_atoms.label_alt_id 
_pdbx_unobs_or_zero_occ_atoms.label_asym_id 
_pdbx_unobs_or_zero_occ_atoms.label_comp_id 
_pdbx_unobs_or_zero_occ_atoms.label_seq_id 
_pdbx_unobs_or_zero_occ_atoms.label_atom_id 
1  1 Y 1 A HIS 5   ? CB  ? A HIS 5   CB  
2  1 Y 1 A HIS 5   ? CG  ? A HIS 5   CG  
3  1 Y 1 A HIS 5   ? ND1 ? A HIS 5   ND1 
4  1 Y 1 A HIS 5   ? CD2 ? A HIS 5   CD2 
5  1 Y 1 A HIS 5   ? CE1 ? A HIS 5   CE1 
6  1 Y 1 A HIS 5   ? NE2 ? A HIS 5   NE2 
7  1 Y 1 A HIS 6   ? CG  ? A HIS 6   CG  
8  1 Y 1 A HIS 6   ? ND1 ? A HIS 6   ND1 
9  1 Y 1 A HIS 6   ? CD2 ? A HIS 6   CD2 
10 1 Y 1 A HIS 6   ? CE1 ? A HIS 6   CE1 
11 1 Y 1 A HIS 6   ? NE2 ? A HIS 6   NE2 
12 1 Y 1 A SER 22  ? OG  ? A SER 22  OG  
13 1 Y 1 A LYS 53  ? CE  ? A LYS 53  CE  
14 1 Y 1 A LYS 53  ? NZ  ? A LYS 53  NZ  
15 1 Y 1 A LYS 55  ? CD  ? A LYS 55  CD  
16 1 Y 1 A LYS 55  ? CE  ? A LYS 55  CE  
17 1 Y 1 A LYS 55  ? NZ  ? A LYS 55  NZ  
18 1 Y 1 A ASN 56  ? ND2 ? A ASN 56  ND2 
19 1 Y 1 A GLU 78  ? OE1 ? A GLU 78  OE1 
20 1 Y 1 A LYS 88  ? CD  ? A LYS 88  CD  
21 1 Y 1 A LYS 88  ? CE  ? A LYS 88  CE  
22 1 Y 1 A LYS 88  ? NZ  ? A LYS 88  NZ  
23 1 Y 1 A PHE 89  ? CD1 ? A PHE 89  CD1 
24 1 Y 1 A PHE 89  ? CD2 ? A PHE 89  CD2 
25 1 Y 1 A PHE 89  ? CE1 ? A PHE 89  CE1 
26 1 Y 1 A PHE 89  ? CE2 ? A PHE 89  CE2 
27 1 Y 1 A PHE 89  ? CZ  ? A PHE 89  CZ  
28 1 Y 1 A GLU 103 ? OE2 ? A GLU 103 OE2 
# 
loop_
_pdbx_unobs_or_zero_occ_residues.id 
_pdbx_unobs_or_zero_occ_residues.PDB_model_num 
_pdbx_unobs_or_zero_occ_residues.polymer_flag 
_pdbx_unobs_or_zero_occ_residues.occupancy_flag 
_pdbx_unobs_or_zero_occ_residues.auth_asym_id 
_pdbx_unobs_or_zero_occ_residues.auth_comp_id 
_pdbx_unobs_or_zero_occ_residues.auth_seq_id 
_pdbx_unobs_or_zero_occ_residues.PDB_ins_code 
_pdbx_unobs_or_zero_occ_residues.label_asym_id 
_pdbx_unobs_or_zero_occ_residues.label_comp_id 
_pdbx_unobs_or_zero_occ_residues.label_seq_id 
1  1 Y 1 A GLY 1  ? A GLY 1  
2  1 Y 1 A SER 2  ? A SER 2  
3  1 Y 1 A SER 3  ? A SER 3  
4  1 Y 1 A HIS 4  ? A HIS 4  
5  1 Y 1 A LEU 13 ? A LEU 13 
6  1 Y 1 A VAL 14 ? A VAL 14 
7  1 Y 1 A PRO 15 ? A PRO 15 
8  1 Y 1 A ARG 16 ? A ARG 16 
9  1 Y 1 A GLY 17 ? A GLY 17 
10 1 Y 1 A SER 18 ? A SER 18 
11 1 Y 1 A HIS 19 ? A HIS 19 
12 1 Y 1 A MET 20 ? A MET 20 
13 1 Y 1 A GLY 21 ? A GLY 21 
# 
loop_
_chem_comp_atom.comp_id 
_chem_comp_atom.atom_id 
_chem_comp_atom.type_symbol 
_chem_comp_atom.pdbx_aromatic_flag 
_chem_comp_atom.pdbx_stereo_config 
_chem_comp_atom.pdbx_ordinal 
AHB N    N  N N 1   
AHB CA   C  N S 2   
AHB CB   C  N S 3   
AHB OB   O  N N 4   
AHB CG   C  N N 5   
AHB OD1  O  N N 6   
AHB ND2  N  N N 7   
AHB C    C  N N 8   
AHB O    O  N N 9   
AHB OXT  O  N N 10  
AHB H    H  N N 11  
AHB H2   H  N N 12  
AHB HA   H  N N 13  
AHB HB   H  N N 14  
AHB HOB  H  N N 15  
AHB HD21 H  N N 16  
AHB HD22 H  N N 17  
AHB HXT  H  N N 18  
ALA N    N  N N 19  
ALA CA   C  N S 20  
ALA C    C  N N 21  
ALA O    O  N N 22  
ALA CB   C  N N 23  
ALA OXT  O  N N 24  
ALA H    H  N N 25  
ALA H2   H  N N 26  
ALA HA   H  N N 27  
ALA HB1  H  N N 28  
ALA HB2  H  N N 29  
ALA HB3  H  N N 30  
ALA HXT  H  N N 31  
ARG N    N  N N 32  
ARG CA   C  N S 33  
ARG C    C  N N 34  
ARG O    O  N N 35  
ARG CB   C  N N 36  
ARG CG   C  N N 37  
ARG CD   C  N N 38  
ARG NE   N  N N 39  
ARG CZ   C  N N 40  
ARG NH1  N  N N 41  
ARG NH2  N  N N 42  
ARG OXT  O  N N 43  
ARG H    H  N N 44  
ARG H2   H  N N 45  
ARG HA   H  N N 46  
ARG HB2  H  N N 47  
ARG HB3  H  N N 48  
ARG HG2  H  N N 49  
ARG HG3  H  N N 50  
ARG HD2  H  N N 51  
ARG HD3  H  N N 52  
ARG HE   H  N N 53  
ARG HH11 H  N N 54  
ARG HH12 H  N N 55  
ARG HH21 H  N N 56  
ARG HH22 H  N N 57  
ARG HXT  H  N N 58  
ASN N    N  N N 59  
ASN CA   C  N S 60  
ASN C    C  N N 61  
ASN O    O  N N 62  
ASN CB   C  N N 63  
ASN CG   C  N N 64  
ASN OD1  O  N N 65  
ASN ND2  N  N N 66  
ASN OXT  O  N N 67  
ASN H    H  N N 68  
ASN H2   H  N N 69  
ASN HA   H  N N 70  
ASN HB2  H  N N 71  
ASN HB3  H  N N 72  
ASN HD21 H  N N 73  
ASN HD22 H  N N 74  
ASN HXT  H  N N 75  
ASP N    N  N N 76  
ASP CA   C  N S 77  
ASP C    C  N N 78  
ASP O    O  N N 79  
ASP CB   C  N N 80  
ASP CG   C  N N 81  
ASP OD1  O  N N 82  
ASP OD2  O  N N 83  
ASP OXT  O  N N 84  
ASP H    H  N N 85  
ASP H2   H  N N 86  
ASP HA   H  N N 87  
ASP HB2  H  N N 88  
ASP HB3  H  N N 89  
ASP HD2  H  N N 90  
ASP HXT  H  N N 91  
CD  CD   CD N N 92  
CL  CL   CL N N 93  
GLN N    N  N N 94  
GLN CA   C  N S 95  
GLN C    C  N N 96  
GLN O    O  N N 97  
GLN CB   C  N N 98  
GLN CG   C  N N 99  
GLN CD   C  N N 100 
GLN OE1  O  N N 101 
GLN NE2  N  N N 102 
GLN OXT  O  N N 103 
GLN H    H  N N 104 
GLN H2   H  N N 105 
GLN HA   H  N N 106 
GLN HB2  H  N N 107 
GLN HB3  H  N N 108 
GLN HG2  H  N N 109 
GLN HG3  H  N N 110 
GLN HE21 H  N N 111 
GLN HE22 H  N N 112 
GLN HXT  H  N N 113 
GLU N    N  N N 114 
GLU CA   C  N S 115 
GLU C    C  N N 116 
GLU O    O  N N 117 
GLU CB   C  N N 118 
GLU CG   C  N N 119 
GLU CD   C  N N 120 
GLU OE1  O  N N 121 
GLU OE2  O  N N 122 
GLU OXT  O  N N 123 
GLU H    H  N N 124 
GLU H2   H  N N 125 
GLU HA   H  N N 126 
GLU HB2  H  N N 127 
GLU HB3  H  N N 128 
GLU HG2  H  N N 129 
GLU HG3  H  N N 130 
GLU HE2  H  N N 131 
GLU HXT  H  N N 132 
GLY N    N  N N 133 
GLY CA   C  N N 134 
GLY C    C  N N 135 
GLY O    O  N N 136 
GLY OXT  O  N N 137 
GLY H    H  N N 138 
GLY H2   H  N N 139 
GLY HA2  H  N N 140 
GLY HA3  H  N N 141 
GLY HXT  H  N N 142 
HIS N    N  N N 143 
HIS CA   C  N S 144 
HIS C    C  N N 145 
HIS O    O  N N 146 
HIS CB   C  N N 147 
HIS CG   C  Y N 148 
HIS ND1  N  Y N 149 
HIS CD2  C  Y N 150 
HIS CE1  C  Y N 151 
HIS NE2  N  Y N 152 
HIS OXT  O  N N 153 
HIS H    H  N N 154 
HIS H2   H  N N 155 
HIS HA   H  N N 156 
HIS HB2  H  N N 157 
HIS HB3  H  N N 158 
HIS HD1  H  N N 159 
HIS HD2  H  N N 160 
HIS HE1  H  N N 161 
HIS HE2  H  N N 162 
HIS HXT  H  N N 163 
HOH O    O  N N 164 
HOH H1   H  N N 165 
HOH H2   H  N N 166 
ILE N    N  N N 167 
ILE CA   C  N S 168 
ILE C    C  N N 169 
ILE O    O  N N 170 
ILE CB   C  N S 171 
ILE CG1  C  N N 172 
ILE CG2  C  N N 173 
ILE CD1  C  N N 174 
ILE OXT  O  N N 175 
ILE H    H  N N 176 
ILE H2   H  N N 177 
ILE HA   H  N N 178 
ILE HB   H  N N 179 
ILE HG12 H  N N 180 
ILE HG13 H  N N 181 
ILE HG21 H  N N 182 
ILE HG22 H  N N 183 
ILE HG23 H  N N 184 
ILE HD11 H  N N 185 
ILE HD12 H  N N 186 
ILE HD13 H  N N 187 
ILE HXT  H  N N 188 
LEU N    N  N N 189 
LEU CA   C  N S 190 
LEU C    C  N N 191 
LEU O    O  N N 192 
LEU CB   C  N N 193 
LEU CG   C  N N 194 
LEU CD1  C  N N 195 
LEU CD2  C  N N 196 
LEU OXT  O  N N 197 
LEU H    H  N N 198 
LEU H2   H  N N 199 
LEU HA   H  N N 200 
LEU HB2  H  N N 201 
LEU HB3  H  N N 202 
LEU HG   H  N N 203 
LEU HD11 H  N N 204 
LEU HD12 H  N N 205 
LEU HD13 H  N N 206 
LEU HD21 H  N N 207 
LEU HD22 H  N N 208 
LEU HD23 H  N N 209 
LEU HXT  H  N N 210 
LYS N    N  N N 211 
LYS CA   C  N S 212 
LYS C    C  N N 213 
LYS O    O  N N 214 
LYS CB   C  N N 215 
LYS CG   C  N N 216 
LYS CD   C  N N 217 
LYS CE   C  N N 218 
LYS NZ   N  N N 219 
LYS OXT  O  N N 220 
LYS H    H  N N 221 
LYS H2   H  N N 222 
LYS HA   H  N N 223 
LYS HB2  H  N N 224 
LYS HB3  H  N N 225 
LYS HG2  H  N N 226 
LYS HG3  H  N N 227 
LYS HD2  H  N N 228 
LYS HD3  H  N N 229 
LYS HE2  H  N N 230 
LYS HE3  H  N N 231 
LYS HZ1  H  N N 232 
LYS HZ2  H  N N 233 
LYS HZ3  H  N N 234 
LYS HXT  H  N N 235 
MET N    N  N N 236 
MET CA   C  N S 237 
MET C    C  N N 238 
MET O    O  N N 239 
MET CB   C  N N 240 
MET CG   C  N N 241 
MET SD   S  N N 242 
MET CE   C  N N 243 
MET OXT  O  N N 244 
MET H    H  N N 245 
MET H2   H  N N 246 
MET HA   H  N N 247 
MET HB2  H  N N 248 
MET HB3  H  N N 249 
MET HG2  H  N N 250 
MET HG3  H  N N 251 
MET HE1  H  N N 252 
MET HE2  H  N N 253 
MET HE3  H  N N 254 
MET HXT  H  N N 255 
PHE N    N  N N 256 
PHE CA   C  N S 257 
PHE C    C  N N 258 
PHE O    O  N N 259 
PHE CB   C  N N 260 
PHE CG   C  Y N 261 
PHE CD1  C  Y N 262 
PHE CD2  C  Y N 263 
PHE CE1  C  Y N 264 
PHE CE2  C  Y N 265 
PHE CZ   C  Y N 266 
PHE OXT  O  N N 267 
PHE H    H  N N 268 
PHE H2   H  N N 269 
PHE HA   H  N N 270 
PHE HB2  H  N N 271 
PHE HB3  H  N N 272 
PHE HD1  H  N N 273 
PHE HD2  H  N N 274 
PHE HE1  H  N N 275 
PHE HE2  H  N N 276 
PHE HZ   H  N N 277 
PHE HXT  H  N N 278 
PRO N    N  N N 279 
PRO CA   C  N S 280 
PRO C    C  N N 281 
PRO O    O  N N 282 
PRO CB   C  N N 283 
PRO CG   C  N N 284 
PRO CD   C  N N 285 
PRO OXT  O  N N 286 
PRO H    H  N N 287 
PRO HA   H  N N 288 
PRO HB2  H  N N 289 
PRO HB3  H  N N 290 
PRO HG2  H  N N 291 
PRO HG3  H  N N 292 
PRO HD2  H  N N 293 
PRO HD3  H  N N 294 
PRO HXT  H  N N 295 
SER N    N  N N 296 
SER CA   C  N S 297 
SER C    C  N N 298 
SER O    O  N N 299 
SER CB   C  N N 300 
SER OG   O  N N 301 
SER OXT  O  N N 302 
SER H    H  N N 303 
SER H2   H  N N 304 
SER HA   H  N N 305 
SER HB2  H  N N 306 
SER HB3  H  N N 307 
SER HG   H  N N 308 
SER HXT  H  N N 309 
THR N    N  N N 310 
THR CA   C  N S 311 
THR C    C  N N 312 
THR O    O  N N 313 
THR CB   C  N R 314 
THR OG1  O  N N 315 
THR CG2  C  N N 316 
THR OXT  O  N N 317 
THR H    H  N N 318 
THR H2   H  N N 319 
THR HA   H  N N 320 
THR HB   H  N N 321 
THR HG1  H  N N 322 
THR HG21 H  N N 323 
THR HG22 H  N N 324 
THR HG23 H  N N 325 
THR HXT  H  N N 326 
VAL N    N  N N 327 
VAL CA   C  N S 328 
VAL C    C  N N 329 
VAL O    O  N N 330 
VAL CB   C  N N 331 
VAL CG1  C  N N 332 
VAL CG2  C  N N 333 
VAL OXT  O  N N 334 
VAL H    H  N N 335 
VAL H2   H  N N 336 
VAL HA   H  N N 337 
VAL HB   H  N N 338 
VAL HG11 H  N N 339 
VAL HG12 H  N N 340 
VAL HG13 H  N N 341 
VAL HG21 H  N N 342 
VAL HG22 H  N N 343 
VAL HG23 H  N N 344 
VAL HXT  H  N N 345 
# 
loop_
_chem_comp_bond.comp_id 
_chem_comp_bond.atom_id_1 
_chem_comp_bond.atom_id_2 
_chem_comp_bond.value_order 
_chem_comp_bond.pdbx_aromatic_flag 
_chem_comp_bond.pdbx_stereo_config 
_chem_comp_bond.pdbx_ordinal 
AHB N   CA   sing N N 1   
AHB N   H    sing N N 2   
AHB N   H2   sing N N 3   
AHB CA  CB   sing N N 4   
AHB CA  C    sing N N 5   
AHB CA  HA   sing N N 6   
AHB CB  OB   sing N N 7   
AHB CB  CG   sing N N 8   
AHB CB  HB   sing N N 9   
AHB OB  HOB  sing N N 10  
AHB CG  OD1  doub N N 11  
AHB CG  ND2  sing N N 12  
AHB ND2 HD21 sing N N 13  
AHB ND2 HD22 sing N N 14  
AHB C   O    doub N N 15  
AHB C   OXT  sing N N 16  
AHB OXT HXT  sing N N 17  
ALA N   CA   sing N N 18  
ALA N   H    sing N N 19  
ALA N   H2   sing N N 20  
ALA CA  C    sing N N 21  
ALA CA  CB   sing N N 22  
ALA CA  HA   sing N N 23  
ALA C   O    doub N N 24  
ALA C   OXT  sing N N 25  
ALA CB  HB1  sing N N 26  
ALA CB  HB2  sing N N 27  
ALA CB  HB3  sing N N 28  
ALA OXT HXT  sing N N 29  
ARG N   CA   sing N N 30  
ARG N   H    sing N N 31  
ARG N   H2   sing N N 32  
ARG CA  C    sing N N 33  
ARG CA  CB   sing N N 34  
ARG CA  HA   sing N N 35  
ARG C   O    doub N N 36  
ARG C   OXT  sing N N 37  
ARG CB  CG   sing N N 38  
ARG CB  HB2  sing N N 39  
ARG CB  HB3  sing N N 40  
ARG CG  CD   sing N N 41  
ARG CG  HG2  sing N N 42  
ARG CG  HG3  sing N N 43  
ARG CD  NE   sing N N 44  
ARG CD  HD2  sing N N 45  
ARG CD  HD3  sing N N 46  
ARG NE  CZ   sing N N 47  
ARG NE  HE   sing N N 48  
ARG CZ  NH1  sing N N 49  
ARG CZ  NH2  doub N N 50  
ARG NH1 HH11 sing N N 51  
ARG NH1 HH12 sing N N 52  
ARG NH2 HH21 sing N N 53  
ARG NH2 HH22 sing N N 54  
ARG OXT HXT  sing N N 55  
ASN N   CA   sing N N 56  
ASN N   H    sing N N 57  
ASN N   H2   sing N N 58  
ASN CA  C    sing N N 59  
ASN CA  CB   sing N N 60  
ASN CA  HA   sing N N 61  
ASN C   O    doub N N 62  
ASN C   OXT  sing N N 63  
ASN CB  CG   sing N N 64  
ASN CB  HB2  sing N N 65  
ASN CB  HB3  sing N N 66  
ASN CG  OD1  doub N N 67  
ASN CG  ND2  sing N N 68  
ASN ND2 HD21 sing N N 69  
ASN ND2 HD22 sing N N 70  
ASN OXT HXT  sing N N 71  
ASP N   CA   sing N N 72  
ASP N   H    sing N N 73  
ASP N   H2   sing N N 74  
ASP CA  C    sing N N 75  
ASP CA  CB   sing N N 76  
ASP CA  HA   sing N N 77  
ASP C   O    doub N N 78  
ASP C   OXT  sing N N 79  
ASP CB  CG   sing N N 80  
ASP CB  HB2  sing N N 81  
ASP CB  HB3  sing N N 82  
ASP CG  OD1  doub N N 83  
ASP CG  OD2  sing N N 84  
ASP OD2 HD2  sing N N 85  
ASP OXT HXT  sing N N 86  
GLN N   CA   sing N N 87  
GLN N   H    sing N N 88  
GLN N   H2   sing N N 89  
GLN CA  C    sing N N 90  
GLN CA  CB   sing N N 91  
GLN CA  HA   sing N N 92  
GLN C   O    doub N N 93  
GLN C   OXT  sing N N 94  
GLN CB  CG   sing N N 95  
GLN CB  HB2  sing N N 96  
GLN CB  HB3  sing N N 97  
GLN CG  CD   sing N N 98  
GLN CG  HG2  sing N N 99  
GLN CG  HG3  sing N N 100 
GLN CD  OE1  doub N N 101 
GLN CD  NE2  sing N N 102 
GLN NE2 HE21 sing N N 103 
GLN NE2 HE22 sing N N 104 
GLN OXT HXT  sing N N 105 
GLU N   CA   sing N N 106 
GLU N   H    sing N N 107 
GLU N   H2   sing N N 108 
GLU CA  C    sing N N 109 
GLU CA  CB   sing N N 110 
GLU CA  HA   sing N N 111 
GLU C   O    doub N N 112 
GLU C   OXT  sing N N 113 
GLU CB  CG   sing N N 114 
GLU CB  HB2  sing N N 115 
GLU CB  HB3  sing N N 116 
GLU CG  CD   sing N N 117 
GLU CG  HG2  sing N N 118 
GLU CG  HG3  sing N N 119 
GLU CD  OE1  doub N N 120 
GLU CD  OE2  sing N N 121 
GLU OE2 HE2  sing N N 122 
GLU OXT HXT  sing N N 123 
GLY N   CA   sing N N 124 
GLY N   H    sing N N 125 
GLY N   H2   sing N N 126 
GLY CA  C    sing N N 127 
GLY CA  HA2  sing N N 128 
GLY CA  HA3  sing N N 129 
GLY C   O    doub N N 130 
GLY C   OXT  sing N N 131 
GLY OXT HXT  sing N N 132 
HIS N   CA   sing N N 133 
HIS N   H    sing N N 134 
HIS N   H2   sing N N 135 
HIS CA  C    sing N N 136 
HIS CA  CB   sing N N 137 
HIS CA  HA   sing N N 138 
HIS C   O    doub N N 139 
HIS C   OXT  sing N N 140 
HIS CB  CG   sing N N 141 
HIS CB  HB2  sing N N 142 
HIS CB  HB3  sing N N 143 
HIS CG  ND1  sing Y N 144 
HIS CG  CD2  doub Y N 145 
HIS ND1 CE1  doub Y N 146 
HIS ND1 HD1  sing N N 147 
HIS CD2 NE2  sing Y N 148 
HIS CD2 HD2  sing N N 149 
HIS CE1 NE2  sing Y N 150 
HIS CE1 HE1  sing N N 151 
HIS NE2 HE2  sing N N 152 
HIS OXT HXT  sing N N 153 
HOH O   H1   sing N N 154 
HOH O   H2   sing N N 155 
ILE N   CA   sing N N 156 
ILE N   H    sing N N 157 
ILE N   H2   sing N N 158 
ILE CA  C    sing N N 159 
ILE CA  CB   sing N N 160 
ILE CA  HA   sing N N 161 
ILE C   O    doub N N 162 
ILE C   OXT  sing N N 163 
ILE CB  CG1  sing N N 164 
ILE CB  CG2  sing N N 165 
ILE CB  HB   sing N N 166 
ILE CG1 CD1  sing N N 167 
ILE CG1 HG12 sing N N 168 
ILE CG1 HG13 sing N N 169 
ILE CG2 HG21 sing N N 170 
ILE CG2 HG22 sing N N 171 
ILE CG2 HG23 sing N N 172 
ILE CD1 HD11 sing N N 173 
ILE CD1 HD12 sing N N 174 
ILE CD1 HD13 sing N N 175 
ILE OXT HXT  sing N N 176 
LEU N   CA   sing N N 177 
LEU N   H    sing N N 178 
LEU N   H2   sing N N 179 
LEU CA  C    sing N N 180 
LEU CA  CB   sing N N 181 
LEU CA  HA   sing N N 182 
LEU C   O    doub N N 183 
LEU C   OXT  sing N N 184 
LEU CB  CG   sing N N 185 
LEU CB  HB2  sing N N 186 
LEU CB  HB3  sing N N 187 
LEU CG  CD1  sing N N 188 
LEU CG  CD2  sing N N 189 
LEU CG  HG   sing N N 190 
LEU CD1 HD11 sing N N 191 
LEU CD1 HD12 sing N N 192 
LEU CD1 HD13 sing N N 193 
LEU CD2 HD21 sing N N 194 
LEU CD2 HD22 sing N N 195 
LEU CD2 HD23 sing N N 196 
LEU OXT HXT  sing N N 197 
LYS N   CA   sing N N 198 
LYS N   H    sing N N 199 
LYS N   H2   sing N N 200 
LYS CA  C    sing N N 201 
LYS CA  CB   sing N N 202 
LYS CA  HA   sing N N 203 
LYS C   O    doub N N 204 
LYS C   OXT  sing N N 205 
LYS CB  CG   sing N N 206 
LYS CB  HB2  sing N N 207 
LYS CB  HB3  sing N N 208 
LYS CG  CD   sing N N 209 
LYS CG  HG2  sing N N 210 
LYS CG  HG3  sing N N 211 
LYS CD  CE   sing N N 212 
LYS CD  HD2  sing N N 213 
LYS CD  HD3  sing N N 214 
LYS CE  NZ   sing N N 215 
LYS CE  HE2  sing N N 216 
LYS CE  HE3  sing N N 217 
LYS NZ  HZ1  sing N N 218 
LYS NZ  HZ2  sing N N 219 
LYS NZ  HZ3  sing N N 220 
LYS OXT HXT  sing N N 221 
MET N   CA   sing N N 222 
MET N   H    sing N N 223 
MET N   H2   sing N N 224 
MET CA  C    sing N N 225 
MET CA  CB   sing N N 226 
MET CA  HA   sing N N 227 
MET C   O    doub N N 228 
MET C   OXT  sing N N 229 
MET CB  CG   sing N N 230 
MET CB  HB2  sing N N 231 
MET CB  HB3  sing N N 232 
MET CG  SD   sing N N 233 
MET CG  HG2  sing N N 234 
MET CG  HG3  sing N N 235 
MET SD  CE   sing N N 236 
MET CE  HE1  sing N N 237 
MET CE  HE2  sing N N 238 
MET CE  HE3  sing N N 239 
MET OXT HXT  sing N N 240 
PHE N   CA   sing N N 241 
PHE N   H    sing N N 242 
PHE N   H2   sing N N 243 
PHE CA  C    sing N N 244 
PHE CA  CB   sing N N 245 
PHE CA  HA   sing N N 246 
PHE C   O    doub N N 247 
PHE C   OXT  sing N N 248 
PHE CB  CG   sing N N 249 
PHE CB  HB2  sing N N 250 
PHE CB  HB3  sing N N 251 
PHE CG  CD1  doub Y N 252 
PHE CG  CD2  sing Y N 253 
PHE CD1 CE1  sing Y N 254 
PHE CD1 HD1  sing N N 255 
PHE CD2 CE2  doub Y N 256 
PHE CD2 HD2  sing N N 257 
PHE CE1 CZ   doub Y N 258 
PHE CE1 HE1  sing N N 259 
PHE CE2 CZ   sing Y N 260 
PHE CE2 HE2  sing N N 261 
PHE CZ  HZ   sing N N 262 
PHE OXT HXT  sing N N 263 
PRO N   CA   sing N N 264 
PRO N   CD   sing N N 265 
PRO N   H    sing N N 266 
PRO CA  C    sing N N 267 
PRO CA  CB   sing N N 268 
PRO CA  HA   sing N N 269 
PRO C   O    doub N N 270 
PRO C   OXT  sing N N 271 
PRO CB  CG   sing N N 272 
PRO CB  HB2  sing N N 273 
PRO CB  HB3  sing N N 274 
PRO CG  CD   sing N N 275 
PRO CG  HG2  sing N N 276 
PRO CG  HG3  sing N N 277 
PRO CD  HD2  sing N N 278 
PRO CD  HD3  sing N N 279 
PRO OXT HXT  sing N N 280 
SER N   CA   sing N N 281 
SER N   H    sing N N 282 
SER N   H2   sing N N 283 
SER CA  C    sing N N 284 
SER CA  CB   sing N N 285 
SER CA  HA   sing N N 286 
SER C   O    doub N N 287 
SER C   OXT  sing N N 288 
SER CB  OG   sing N N 289 
SER CB  HB2  sing N N 290 
SER CB  HB3  sing N N 291 
SER OG  HG   sing N N 292 
SER OXT HXT  sing N N 293 
THR N   CA   sing N N 294 
THR N   H    sing N N 295 
THR N   H2   sing N N 296 
THR CA  C    sing N N 297 
THR CA  CB   sing N N 298 
THR CA  HA   sing N N 299 
THR C   O    doub N N 300 
THR C   OXT  sing N N 301 
THR CB  OG1  sing N N 302 
THR CB  CG2  sing N N 303 
THR CB  HB   sing N N 304 
THR OG1 HG1  sing N N 305 
THR CG2 HG21 sing N N 306 
THR CG2 HG22 sing N N 307 
THR CG2 HG23 sing N N 308 
THR OXT HXT  sing N N 309 
VAL N   CA   sing N N 310 
VAL N   H    sing N N 311 
VAL N   H2   sing N N 312 
VAL CA  C    sing N N 313 
VAL CA  CB   sing N N 314 
VAL CA  HA   sing N N 315 
VAL C   O    doub N N 316 
VAL C   OXT  sing N N 317 
VAL CB  CG1  sing N N 318 
VAL CB  CG2  sing N N 319 
VAL CB  HB   sing N N 320 
VAL CG1 HG11 sing N N 321 
VAL CG1 HG12 sing N N 322 
VAL CG1 HG13 sing N N 323 
VAL CG2 HG21 sing N N 324 
VAL CG2 HG22 sing N N 325 
VAL CG2 HG23 sing N N 326 
VAL OXT HXT  sing N N 327 
# 
loop_
_pdbx_entity_nonpoly.entity_id 
_pdbx_entity_nonpoly.name 
_pdbx_entity_nonpoly.comp_id 
2 'CADMIUM ION'  CD  
3 'CHLORIDE ION' CL  
4 water          HOH 
# 
_pdbx_initial_refinement_model.id               1 
_pdbx_initial_refinement_model.entity_id_list   ? 
_pdbx_initial_refinement_model.type             'experimental model' 
_pdbx_initial_refinement_model.source_name      PDB 
_pdbx_initial_refinement_model.accession_code   1N0Q 
_pdbx_initial_refinement_model.details          'PDB ENTRY 1N0Q' 
# 
